data_2OU0
# 
_entry.id   2OU0 
# 
_audit_conform.dict_name       mmcif_pdbx.dic 
_audit_conform.dict_version    5.377 
_audit_conform.dict_location   http://mmcif.pdb.org/dictionaries/ascii/mmcif_pdbx.dic 
# 
loop_
_database_2.database_id 
_database_2.database_code 
_database_2.pdbx_database_accession 
_database_2.pdbx_DOI 
PDB   2OU0         pdb_00002ou0 10.2210/pdb2ou0/pdb 
RCSB  RCSB041583   ?            ?                   
WWPDB D_1000041583 ?            ?                   
# 
_pdbx_database_related.db_name        PDB 
_pdbx_database_related.db_id          181L 
_pdbx_database_related.details        'The same protein complexed with benzene.' 
_pdbx_database_related.content_type   unspecified 
# 
_pdbx_database_status.entry_id                        2OU0 
_pdbx_database_status.deposit_site                    RCSB 
_pdbx_database_status.process_site                    RCSB 
_pdbx_database_status.recvd_initial_deposition_date   2007-02-09 
_pdbx_database_status.status_code                     REL 
_pdbx_database_status.status_code_sf                  REL 
_pdbx_database_status.status_code_mr                  ? 
_pdbx_database_status.SG_entry                        ? 
_pdbx_database_status.pdb_format_compatible           Y 
_pdbx_database_status.status_code_cs                  ? 
_pdbx_database_status.methods_development_category    ? 
_pdbx_database_status.status_code_nmr_data            ? 
# 
loop_
_audit_author.name 
_audit_author.pdbx_ordinal 
'Graves, A.P.'   1 
'Shoichet, B.K.' 2 
# 
_citation.id                        primary 
_citation.title                     'Predicting absolute ligand binding free energies to a simple model site.' 
_citation.journal_abbrev            J.Mol.Biol. 
_citation.journal_volume            371 
_citation.page_first                1118 
_citation.page_last                 1134 
_citation.year                      2007 
_citation.journal_id_ASTM           JMOBAK 
_citation.country                   UK 
_citation.journal_id_ISSN           0022-2836 
_citation.journal_id_CSD            0070 
_citation.book_publisher            ? 
_citation.pdbx_database_id_PubMed   17599350 
_citation.pdbx_database_id_DOI      10.1016/j.jmb.2007.06.002 
# 
loop_
_citation_author.citation_id 
_citation_author.name 
_citation_author.ordinal 
_citation_author.identifier_ORCID 
primary 'Mobley, D.L.'     1 ? 
primary 'Graves, A.P.'     2 ? 
primary 'Chodera, J.D.'    3 ? 
primary 'McReynolds, A.C.' 4 ? 
primary 'Shoichet, B.K.'   5 ? 
primary 'Dill, K.A.'       6 ? 
# 
_cell.entry_id           2OU0 
_cell.length_a           60.205 
_cell.length_b           60.205 
_cell.length_c           96.372 
_cell.angle_alpha        90.00 
_cell.angle_beta         90.00 
_cell.angle_gamma        120.00 
_cell.Z_PDB              6 
_cell.pdbx_unique_axis   ? 
_cell.length_a_esd       ? 
_cell.length_b_esd       ? 
_cell.length_c_esd       ? 
_cell.angle_alpha_esd    ? 
_cell.angle_beta_esd     ? 
_cell.angle_gamma_esd    ? 
# 
_symmetry.entry_id                         2OU0 
_symmetry.space_group_name_H-M             'P 32 2 1' 
_symmetry.pdbx_full_space_group_name_H-M   ? 
_symmetry.cell_setting                     ? 
_symmetry.Int_Tables_number                154 
_symmetry.space_group_name_Hall            ? 
# 
loop_
_entity.id 
_entity.type 
_entity.src_method 
_entity.pdbx_description 
_entity.formula_weight 
_entity.pdbx_number_of_molecules 
_entity.pdbx_ec 
_entity.pdbx_mutation 
_entity.pdbx_fragment 
_entity.details 
1 polymer     man Lysozyme            18359.023 1   3.2.1.17 ? ? ? 
2 non-polymer syn 'PHOSPHATE ION'     94.971    2   ?        ? ? ? 
3 non-polymer syn 1-METHYL-1H-PYRROLE 81.116    2   ?        ? ? ? 
4 water       nat water               18.015    196 ?        ? ? ? 
# 
_entity_name_com.entity_id   1 
_entity_name_com.name        'Lysis protein, Muramidase, Endolysin' 
# 
_entity_poly.entity_id                      1 
_entity_poly.type                           'polypeptide(L)' 
_entity_poly.nstd_linkage                   no 
_entity_poly.nstd_monomer                   no 
_entity_poly.pdbx_seq_one_letter_code       
;MNIFEMLRIDEGLRLKIYKDTEGYYTIGIGHLLTKSPSLNAAKSELDKAIGRNTNGVITKDEAEKLFNQDVDAAVRGILR
NAKLKPVYDSLDAVRRAAAINMVFQMGETGVAGFTNSLRMLQQKRWDEAAVNLAKSRWYNQTPNRAKRVITTFRTGTWDA
YK
;
_entity_poly.pdbx_seq_one_letter_code_can   
;MNIFEMLRIDEGLRLKIYKDTEGYYTIGIGHLLTKSPSLNAAKSELDKAIGRNTNGVITKDEAEKLFNQDVDAAVRGILR
NAKLKPVYDSLDAVRRAAAINMVFQMGETGVAGFTNSLRMLQQKRWDEAAVNLAKSRWYNQTPNRAKRVITTFRTGTWDA
YK
;
_entity_poly.pdbx_strand_id                 X 
_entity_poly.pdbx_target_identifier         ? 
# 
loop_
_entity_poly_seq.entity_id 
_entity_poly_seq.num 
_entity_poly_seq.mon_id 
_entity_poly_seq.hetero 
1 1   MET n 
1 2   ASN n 
1 3   ILE n 
1 4   PHE n 
1 5   GLU n 
1 6   MET n 
1 7   LEU n 
1 8   ARG n 
1 9   ILE n 
1 10  ASP n 
1 11  GLU n 
1 12  GLY n 
1 13  LEU n 
1 14  ARG n 
1 15  LEU n 
1 16  LYS n 
1 17  ILE n 
1 18  TYR n 
1 19  LYS n 
1 20  ASP n 
1 21  THR n 
1 22  GLU n 
1 23  GLY n 
1 24  TYR n 
1 25  TYR n 
1 26  THR n 
1 27  ILE n 
1 28  GLY n 
1 29  ILE n 
1 30  GLY n 
1 31  HIS n 
1 32  LEU n 
1 33  LEU n 
1 34  THR n 
1 35  LYS n 
1 36  SER n 
1 37  PRO n 
1 38  SER n 
1 39  LEU n 
1 40  ASN n 
1 41  ALA n 
1 42  ALA n 
1 43  LYS n 
1 44  SER n 
1 45  GLU n 
1 46  LEU n 
1 47  ASP n 
1 48  LYS n 
1 49  ALA n 
1 50  ILE n 
1 51  GLY n 
1 52  ARG n 
1 53  ASN n 
1 54  THR n 
1 55  ASN n 
1 56  GLY n 
1 57  VAL n 
1 58  ILE n 
1 59  THR n 
1 60  LYS n 
1 61  ASP n 
1 62  GLU n 
1 63  ALA n 
1 64  GLU n 
1 65  LYS n 
1 66  LEU n 
1 67  PHE n 
1 68  ASN n 
1 69  GLN n 
1 70  ASP n 
1 71  VAL n 
1 72  ASP n 
1 73  ALA n 
1 74  ALA n 
1 75  VAL n 
1 76  ARG n 
1 77  GLY n 
1 78  ILE n 
1 79  LEU n 
1 80  ARG n 
1 81  ASN n 
1 82  ALA n 
1 83  LYS n 
1 84  LEU n 
1 85  LYS n 
1 86  PRO n 
1 87  VAL n 
1 88  TYR n 
1 89  ASP n 
1 90  SER n 
1 91  LEU n 
1 92  ASP n 
1 93  ALA n 
1 94  VAL n 
1 95  ARG n 
1 96  ARG n 
1 97  ALA n 
1 98  ALA n 
1 99  ALA n 
1 100 ILE n 
1 101 ASN n 
1 102 MET n 
1 103 VAL n 
1 104 PHE n 
1 105 GLN n 
1 106 MET n 
1 107 GLY n 
1 108 GLU n 
1 109 THR n 
1 110 GLY n 
1 111 VAL n 
1 112 ALA n 
1 113 GLY n 
1 114 PHE n 
1 115 THR n 
1 116 ASN n 
1 117 SER n 
1 118 LEU n 
1 119 ARG n 
1 120 MET n 
1 121 LEU n 
1 122 GLN n 
1 123 GLN n 
1 124 LYS n 
1 125 ARG n 
1 126 TRP n 
1 127 ASP n 
1 128 GLU n 
1 129 ALA n 
1 130 ALA n 
1 131 VAL n 
1 132 ASN n 
1 133 LEU n 
1 134 ALA n 
1 135 LYS n 
1 136 SER n 
1 137 ARG n 
1 138 TRP n 
1 139 TYR n 
1 140 ASN n 
1 141 GLN n 
1 142 THR n 
1 143 PRO n 
1 144 ASN n 
1 145 ARG n 
1 146 ALA n 
1 147 LYS n 
1 148 ARG n 
1 149 VAL n 
1 150 ILE n 
1 151 THR n 
1 152 THR n 
1 153 PHE n 
1 154 ARG n 
1 155 THR n 
1 156 GLY n 
1 157 THR n 
1 158 TRP n 
1 159 ASP n 
1 160 ALA n 
1 161 TYR n 
1 162 LYS n 
# 
_entity_src_gen.entity_id                          1 
_entity_src_gen.pdbx_src_id                        1 
_entity_src_gen.pdbx_alt_source_flag               sample 
_entity_src_gen.pdbx_seq_type                      ? 
_entity_src_gen.pdbx_beg_seq_num                   ? 
_entity_src_gen.pdbx_end_seq_num                   ? 
_entity_src_gen.gene_src_common_name               ? 
_entity_src_gen.gene_src_genus                     'T4-like viruses' 
_entity_src_gen.pdbx_gene_src_gene                 E 
_entity_src_gen.gene_src_species                   'Enterobacteria phage T4 sensu lato' 
_entity_src_gen.gene_src_strain                    ? 
_entity_src_gen.gene_src_tissue                    ? 
_entity_src_gen.gene_src_tissue_fraction           ? 
_entity_src_gen.gene_src_details                   ? 
_entity_src_gen.pdbx_gene_src_fragment             ? 
_entity_src_gen.pdbx_gene_src_scientific_name      'Enterobacteria phage T4' 
_entity_src_gen.pdbx_gene_src_ncbi_taxonomy_id     10665 
_entity_src_gen.pdbx_gene_src_variant              ? 
_entity_src_gen.pdbx_gene_src_cell_line            ? 
_entity_src_gen.pdbx_gene_src_atcc                 ? 
_entity_src_gen.pdbx_gene_src_organ                ? 
_entity_src_gen.pdbx_gene_src_organelle            ? 
_entity_src_gen.pdbx_gene_src_cell                 ? 
_entity_src_gen.pdbx_gene_src_cellular_location    ? 
_entity_src_gen.host_org_common_name               ? 
_entity_src_gen.pdbx_host_org_scientific_name      'Escherichia coli' 
_entity_src_gen.pdbx_host_org_ncbi_taxonomy_id     562 
_entity_src_gen.host_org_genus                     Escherichia 
_entity_src_gen.pdbx_host_org_gene                 ? 
_entity_src_gen.pdbx_host_org_organ                ? 
_entity_src_gen.host_org_species                   ? 
_entity_src_gen.pdbx_host_org_tissue               ? 
_entity_src_gen.pdbx_host_org_tissue_fraction      ? 
_entity_src_gen.pdbx_host_org_strain               ? 
_entity_src_gen.pdbx_host_org_variant              ? 
_entity_src_gen.pdbx_host_org_cell_line            ? 
_entity_src_gen.pdbx_host_org_atcc                 ? 
_entity_src_gen.pdbx_host_org_culture_collection   ? 
_entity_src_gen.pdbx_host_org_cell                 ? 
_entity_src_gen.pdbx_host_org_organelle            ? 
_entity_src_gen.pdbx_host_org_cellular_location    ? 
_entity_src_gen.pdbx_host_org_vector_type          Plasmid 
_entity_src_gen.pdbx_host_org_vector               ? 
_entity_src_gen.host_org_details                   ? 
_entity_src_gen.expression_system_id               ? 
_entity_src_gen.plasmid_name                       M13 
_entity_src_gen.plasmid_details                    ? 
_entity_src_gen.pdbx_description                   ? 
# 
_struct_ref.id                         1 
_struct_ref.db_name                    UNP 
_struct_ref.db_code                    LYS_BPT4 
_struct_ref.pdbx_db_accession          P00720 
_struct_ref.entity_id                  1 
_struct_ref.pdbx_seq_one_letter_code   
;MNIFEMLRIDEGLRLKIYKDTEGYYTIGIGHLLTKSPSLNAAKSELDKAIGRNCNGVITKDEAEKLFNQDVDAAVRGILR
NAKLKPVYDSLDAVRRCALINMVFQMGETGVAGFTNSLRMLQQKRWDEAAVNLAKSRWYNQTPNRAKRVITTFRTGTWDA
YK
;
_struct_ref.pdbx_align_begin           1 
_struct_ref.pdbx_db_isoform            ? 
# 
_struct_ref_seq.align_id                      1 
_struct_ref_seq.ref_id                        1 
_struct_ref_seq.pdbx_PDB_id_code              2OU0 
_struct_ref_seq.pdbx_strand_id                X 
_struct_ref_seq.seq_align_beg                 1 
_struct_ref_seq.pdbx_seq_align_beg_ins_code   ? 
_struct_ref_seq.seq_align_end                 162 
_struct_ref_seq.pdbx_seq_align_end_ins_code   ? 
_struct_ref_seq.pdbx_db_accession             P00720 
_struct_ref_seq.db_align_beg                  1 
_struct_ref_seq.pdbx_db_align_beg_ins_code    ? 
_struct_ref_seq.db_align_end                  162 
_struct_ref_seq.pdbx_db_align_end_ins_code    ? 
_struct_ref_seq.pdbx_auth_seq_align_beg       1 
_struct_ref_seq.pdbx_auth_seq_align_end       162 
# 
loop_
_struct_ref_seq_dif.align_id 
_struct_ref_seq_dif.pdbx_pdb_id_code 
_struct_ref_seq_dif.mon_id 
_struct_ref_seq_dif.pdbx_pdb_strand_id 
_struct_ref_seq_dif.seq_num 
_struct_ref_seq_dif.pdbx_pdb_ins_code 
_struct_ref_seq_dif.pdbx_seq_db_name 
_struct_ref_seq_dif.pdbx_seq_db_accession_code 
_struct_ref_seq_dif.db_mon_id 
_struct_ref_seq_dif.pdbx_seq_db_seq_num 
_struct_ref_seq_dif.details 
_struct_ref_seq_dif.pdbx_auth_seq_num 
_struct_ref_seq_dif.pdbx_ordinal 
1 2OU0 THR X 54 ? UNP P00720 CYS 54 'engineered mutation' 54 1 
1 2OU0 ALA X 97 ? UNP P00720 CYS 97 'engineered mutation' 97 2 
1 2OU0 ALA X 99 ? UNP P00720 LEU 99 'engineered mutation' 99 3 
# 
loop_
_chem_comp.id 
_chem_comp.type 
_chem_comp.mon_nstd_flag 
_chem_comp.name 
_chem_comp.pdbx_synonyms 
_chem_comp.formula 
_chem_comp.formula_weight 
ALA 'L-peptide linking' y ALANINE             ? 'C3 H7 N O2'     89.093  
ARG 'L-peptide linking' y ARGININE            ? 'C6 H15 N4 O2 1' 175.209 
ASN 'L-peptide linking' y ASPARAGINE          ? 'C4 H8 N2 O3'    132.118 
ASP 'L-peptide linking' y 'ASPARTIC ACID'     ? 'C4 H7 N O4'     133.103 
CYS 'L-peptide linking' y CYSTEINE            ? 'C3 H7 N O2 S'   121.158 
GLN 'L-peptide linking' y GLUTAMINE           ? 'C5 H10 N2 O3'   146.144 
GLU 'L-peptide linking' y 'GLUTAMIC ACID'     ? 'C5 H9 N O4'     147.129 
GLY 'peptide linking'   y GLYCINE             ? 'C2 H5 N O2'     75.067  
HIS 'L-peptide linking' y HISTIDINE           ? 'C6 H10 N3 O2 1' 156.162 
HOH non-polymer         . WATER               ? 'H2 O'           18.015  
ILE 'L-peptide linking' y ISOLEUCINE          ? 'C6 H13 N O2'    131.173 
LEU 'L-peptide linking' y LEUCINE             ? 'C6 H13 N O2'    131.173 
LYS 'L-peptide linking' y LYSINE              ? 'C6 H15 N2 O2 1' 147.195 
MET 'L-peptide linking' y METHIONINE          ? 'C5 H11 N O2 S'  149.211 
MR3 non-polymer         . 1-METHYL-1H-PYRROLE ? 'C5 H7 N'        81.116  
PHE 'L-peptide linking' y PHENYLALANINE       ? 'C9 H11 N O2'    165.189 
PO4 non-polymer         . 'PHOSPHATE ION'     ? 'O4 P -3'        94.971  
PRO 'L-peptide linking' y PROLINE             ? 'C5 H9 N O2'     115.130 
SER 'L-peptide linking' y SERINE              ? 'C3 H7 N O3'     105.093 
THR 'L-peptide linking' y THREONINE           ? 'C4 H9 N O3'     119.119 
TRP 'L-peptide linking' y TRYPTOPHAN          ? 'C11 H12 N2 O2'  204.225 
TYR 'L-peptide linking' y TYROSINE            ? 'C9 H11 N O3'    181.189 
VAL 'L-peptide linking' y VALINE              ? 'C5 H11 N O2'    117.146 
# 
_exptl.crystals_number   1 
_exptl.entry_id          2OU0 
_exptl.method            'X-RAY DIFFRACTION' 
# 
_exptl_crystal.id                    1 
_exptl_crystal.density_Matthews      2.75 
_exptl_crystal.density_meas          ? 
_exptl_crystal.density_percent_sol   55.20 
_exptl_crystal.description           ? 
_exptl_crystal.F_000                 ? 
_exptl_crystal.preparation           ? 
# 
_exptl_crystal_grow.crystal_id      1 
_exptl_crystal_grow.method          'VAPOR DIFFUSION, HANGING DROP' 
_exptl_crystal_grow.pH              7.1 
_exptl_crystal_grow.temp            277 
_exptl_crystal_grow.temp_details    ? 
_exptl_crystal_grow.pdbx_details    
;2.2M sodium-potassium phosphate, 0.05M beta-mercaptoethanol, 0.05M 2-hydroxyethyldisulfide, pH 7.1, VAPOR DIFFUSION, HANGING DROP, temperature 277K
;
_exptl_crystal_grow.pdbx_pH_range   . 
# 
_diffrn.id                     1 
_diffrn.ambient_temp           110 
_diffrn.ambient_temp_details   ? 
_diffrn.crystal_id             1 
# 
_diffrn_detector.diffrn_id              1 
_diffrn_detector.detector               'IMAGE PLATE' 
_diffrn_detector.type                   'RIGAKU RAXIS IV' 
_diffrn_detector.pdbx_collection_date   2006-06-30 
_diffrn_detector.details                ? 
# 
_diffrn_radiation.diffrn_id                        1 
_diffrn_radiation.wavelength_id                    1 
_diffrn_radiation.pdbx_diffrn_protocol             'SINGLE WAVELENGTH' 
_diffrn_radiation.monochromator                    ? 
_diffrn_radiation.pdbx_monochromatic_or_laue_m_l   M 
_diffrn_radiation.pdbx_scattering_type             x-ray 
# 
_diffrn_radiation_wavelength.id           1 
_diffrn_radiation_wavelength.wavelength   1.5418 
_diffrn_radiation_wavelength.wt           1.0 
# 
_diffrn_source.diffrn_id                   1 
_diffrn_source.source                      'ROTATING ANODE' 
_diffrn_source.type                        'RIGAKU RU200' 
_diffrn_source.pdbx_wavelength             ? 
_diffrn_source.pdbx_wavelength_list        1.5418 
_diffrn_source.pdbx_synchrotron_site       ? 
_diffrn_source.pdbx_synchrotron_beamline   ? 
# 
_reflns.entry_id                     2OU0 
_reflns.d_resolution_high            1.940 
_reflns.d_resolution_low             50.000 
_reflns.number_obs                   15355 
_reflns.pdbx_Rmerge_I_obs            0.112 
_reflns.pdbx_netI_over_sigmaI        8.700 
_reflns.pdbx_chi_squared             1.008 
_reflns.pdbx_redundancy              3.500 
_reflns.percent_possible_obs         99.400 
_reflns.observed_criterion_sigma_F   0 
_reflns.observed_criterion_sigma_I   0 
_reflns.number_all                   15355 
_reflns.pdbx_Rsym_value              ? 
_reflns.B_iso_Wilson_estimate        ? 
_reflns.R_free_details               ? 
_reflns.limit_h_max                  ? 
_reflns.limit_h_min                  ? 
_reflns.limit_k_max                  ? 
_reflns.limit_k_min                  ? 
_reflns.limit_l_max                  ? 
_reflns.limit_l_min                  ? 
_reflns.observed_criterion_F_max     ? 
_reflns.observed_criterion_F_min     ? 
_reflns.pdbx_scaling_rejects         ? 
_reflns.pdbx_diffrn_id               1 
_reflns.pdbx_ordinal                 1 
# 
_reflns_shell.d_res_high             1.94 
_reflns_shell.d_res_low              2.01 
_reflns_shell.number_measured_obs    ? 
_reflns_shell.number_measured_all    ? 
_reflns_shell.number_unique_obs      ? 
_reflns_shell.Rmerge_I_obs           0.569 
_reflns_shell.meanI_over_sigI_obs    ? 
_reflns_shell.pdbx_Rsym_value        ? 
_reflns_shell.pdbx_chi_squared       1.014 
_reflns_shell.pdbx_redundancy        3.40 
_reflns_shell.percent_possible_obs   ? 
_reflns_shell.number_unique_all      1484 
_reflns_shell.percent_possible_all   98.40 
_reflns_shell.pdbx_diffrn_id         ? 
_reflns_shell.pdbx_ordinal           1 
# 
_refine.entry_id                                 2OU0 
_refine.ls_d_res_high                            1.940 
_refine.ls_d_res_low                             52.130 
_refine.pdbx_ls_sigma_F                          0.00 
_refine.ls_percent_reflns_obs                    97.160 
_refine.ls_number_reflns_obs                     14992 
_refine.pdbx_ls_cross_valid_method               THROUGHOUT 
_refine.pdbx_R_Free_selection_details            RANDOM 
_refine.details                                  'HYDROGENS HAVE BEEN ADDED IN THE RIDING POSITIONS' 
_refine.ls_R_factor_obs                          0.193 
_refine.ls_R_factor_R_work                       0.191 
_refine.ls_R_factor_R_free                       0.234 
_refine.ls_percent_reflns_R_free                 5.000 
_refine.ls_number_reflns_R_free                  749 
_refine.B_iso_mean                               15.959 
_refine.aniso_B[1][1]                            0.160 
_refine.aniso_B[2][2]                            0.160 
_refine.aniso_B[3][3]                            -0.240 
_refine.aniso_B[1][2]                            0.080 
_refine.aniso_B[1][3]                            0.000 
_refine.aniso_B[2][3]                            0.000 
_refine.correlation_coeff_Fo_to_Fc               0.941 
_refine.correlation_coeff_Fo_to_Fc_free          0.913 
_refine.pdbx_overall_ESU_R                       0.164 
_refine.pdbx_overall_ESU_R_Free                  0.152 
_refine.overall_SU_ML                            0.103 
_refine.overall_SU_B                             3.592 
_refine.solvent_model_details                    MASK 
_refine.pdbx_solvent_vdw_probe_radii             1.200 
_refine.pdbx_solvent_ion_probe_radii             0.800 
_refine.pdbx_solvent_shrinkage_radii             0.800 
_refine.pdbx_stereochemistry_target_values       'MAXIMUM LIKELIHOOD' 
_refine.pdbx_ls_sigma_I                          ? 
_refine.ls_number_reflns_all                     14992 
_refine.ls_R_factor_all                          0.193 
_refine.ls_redundancy_reflns_obs                 ? 
_refine.pdbx_data_cutoff_high_absF               ? 
_refine.pdbx_data_cutoff_low_absF                ? 
_refine.ls_number_parameters                     ? 
_refine.ls_number_restraints                     ? 
_refine.ls_R_factor_R_free_error                 ? 
_refine.ls_R_factor_R_free_error_details         ? 
_refine.pdbx_method_to_determine_struct          'MOLECULAR REPLACEMENT' 
_refine.pdbx_starting_model                      181L 
_refine.pdbx_stereochem_target_val_spec_case     ? 
_refine.solvent_model_param_bsol                 ? 
_refine.solvent_model_param_ksol                 ? 
_refine.occupancy_max                            ? 
_refine.occupancy_min                            ? 
_refine.pdbx_isotropic_thermal_model             ? 
_refine.B_iso_min                                ? 
_refine.B_iso_max                                ? 
_refine.overall_SU_R_Cruickshank_DPI             ? 
_refine.overall_SU_R_free                        ? 
_refine.pdbx_data_cutoff_high_rms_absF           ? 
_refine.ls_wR_factor_R_free                      ? 
_refine.ls_wR_factor_R_work                      ? 
_refine.overall_FOM_free_R_set                   ? 
_refine.overall_FOM_work_R_set                   ? 
_refine.pdbx_refine_id                           'X-RAY DIFFRACTION' 
_refine.pdbx_diffrn_id                           1 
_refine.pdbx_TLS_residual_ADP_flag               ? 
_refine.pdbx_overall_phase_error                 ? 
_refine.pdbx_overall_SU_R_free_Cruickshank_DPI   ? 
_refine.pdbx_overall_SU_R_Blow_DPI               ? 
_refine.pdbx_overall_SU_R_free_Blow_DPI          ? 
# 
_refine_hist.pdbx_refine_id                   'X-RAY DIFFRACTION' 
_refine_hist.cycle_id                         LAST 
_refine_hist.pdbx_number_atoms_protein        1293 
_refine_hist.pdbx_number_atoms_nucleic_acid   0 
_refine_hist.pdbx_number_atoms_ligand         22 
_refine_hist.number_atoms_solvent             200 
_refine_hist.number_atoms_total               1515 
_refine_hist.d_res_high                       1.940 
_refine_hist.d_res_low                        52.130 
# 
loop_
_refine_ls_restr.type 
_refine_ls_restr.number 
_refine_ls_restr.dev_ideal 
_refine_ls_restr.dev_ideal_target 
_refine_ls_restr.weight 
_refine_ls_restr.pdbx_refine_id 
_refine_ls_restr.pdbx_restraint_function 
r_bond_refined_d         1330 0.009  0.022  ? 'X-RAY DIFFRACTION' ? 
r_angle_refined_deg      1794 1.074  1.964  ? 'X-RAY DIFFRACTION' ? 
r_dihedral_angle_1_deg   164  4.902  5.000  ? 'X-RAY DIFFRACTION' ? 
r_dihedral_angle_2_deg   62   33.928 23.387 ? 'X-RAY DIFFRACTION' ? 
r_dihedral_angle_3_deg   239  12.899 15.000 ? 'X-RAY DIFFRACTION' ? 
r_dihedral_angle_4_deg   13   15.046 15.000 ? 'X-RAY DIFFRACTION' ? 
r_chiral_restr           197  0.070  0.200  ? 'X-RAY DIFFRACTION' ? 
r_gen_planes_refined     996  0.003  0.020  ? 'X-RAY DIFFRACTION' ? 
r_nbd_refined            677  0.185  0.200  ? 'X-RAY DIFFRACTION' ? 
r_nbtor_refined          913  0.296  0.200  ? 'X-RAY DIFFRACTION' ? 
r_xyhbond_nbd_refined    178  0.118  0.200  ? 'X-RAY DIFFRACTION' ? 
r_symmetry_vdw_refined   37   0.145  0.200  ? 'X-RAY DIFFRACTION' ? 
r_symmetry_hbond_refined 25   0.104  0.200  ? 'X-RAY DIFFRACTION' ? 
r_mcbond_it              840  0.635  1.500  ? 'X-RAY DIFFRACTION' ? 
r_mcangle_it             1291 0.730  2.000  ? 'X-RAY DIFFRACTION' ? 
r_scbond_it              559  1.667  3.000  ? 'X-RAY DIFFRACTION' ? 
r_scangle_it             501  2.164  4.500  ? 'X-RAY DIFFRACTION' ? 
# 
_refine_ls_shell.d_res_high                       1.942 
_refine_ls_shell.d_res_low                        1.993 
_refine_ls_shell.pdbx_total_number_of_bins_used   20 
_refine_ls_shell.percent_reflns_obs               94.520 
_refine_ls_shell.number_reflns_R_work             984 
_refine_ls_shell.R_factor_all                     ? 
_refine_ls_shell.R_factor_R_work                  0.289 
_refine_ls_shell.R_factor_R_free                  0.345 
_refine_ls_shell.percent_reflns_R_free            ? 
_refine_ls_shell.number_reflns_R_free             51 
_refine_ls_shell.R_factor_R_free_error            ? 
_refine_ls_shell.number_reflns_all                ? 
_refine_ls_shell.number_reflns_obs                1035 
_refine_ls_shell.redundancy_reflns_obs            ? 
_refine_ls_shell.pdbx_refine_id                   'X-RAY DIFFRACTION' 
# 
_struct.entry_id                  2OU0 
_struct.title                     '1-methylpyrrole in complex with T4 Lysozyme L99A' 
_struct.pdbx_model_details        ? 
_struct.pdbx_CASP_flag            ? 
_struct.pdbx_model_type_details   ? 
# 
_struct_keywords.entry_id        2OU0 
_struct_keywords.pdbx_keywords   HYDROLASE 
_struct_keywords.text            'HYDROLASE, PROTEIN-LIGAND COMPLEX, MODEL SYSTEM' 
# 
loop_
_struct_asym.id 
_struct_asym.pdbx_blank_PDB_chainid_flag 
_struct_asym.pdbx_modified 
_struct_asym.entity_id 
_struct_asym.details 
A N N 1 ? 
B N N 2 ? 
C N N 2 ? 
D N N 3 ? 
E N N 3 ? 
F N N 4 ? 
# 
_struct_biol.id        1 
_struct_biol.details   ? 
# 
loop_
_struct_conf.conf_type_id 
_struct_conf.id 
_struct_conf.pdbx_PDB_helix_id 
_struct_conf.beg_label_comp_id 
_struct_conf.beg_label_asym_id 
_struct_conf.beg_label_seq_id 
_struct_conf.pdbx_beg_PDB_ins_code 
_struct_conf.end_label_comp_id 
_struct_conf.end_label_asym_id 
_struct_conf.end_label_seq_id 
_struct_conf.pdbx_end_PDB_ins_code 
_struct_conf.beg_auth_comp_id 
_struct_conf.beg_auth_asym_id 
_struct_conf.beg_auth_seq_id 
_struct_conf.end_auth_comp_id 
_struct_conf.end_auth_asym_id 
_struct_conf.end_auth_seq_id 
_struct_conf.pdbx_PDB_helix_class 
_struct_conf.details 
_struct_conf.pdbx_PDB_helix_length 
HELX_P HELX_P1  1  ASN A 2   ? GLY A 12  ? ASN X 2   GLY X 12  1 ? 11 
HELX_P HELX_P2  2  SER A 38  ? GLY A 51  ? SER X 38  GLY X 51  1 ? 14 
HELX_P HELX_P3  3  THR A 59  ? ASN A 81  ? THR X 59  ASN X 81  1 ? 23 
HELX_P HELX_P4  4  LYS A 83  ? LEU A 91  ? LYS X 83  LEU X 91  1 ? 9  
HELX_P HELX_P5  5  ASP A 92  ? GLY A 113 ? ASP X 92  GLY X 113 1 ? 22 
HELX_P HELX_P6  6  PHE A 114 ? GLN A 123 ? PHE X 114 GLN X 123 1 ? 10 
HELX_P HELX_P7  7  ARG A 125 ? ALA A 134 ? ARG X 125 ALA X 134 1 ? 10 
HELX_P HELX_P8  8  SER A 136 ? THR A 142 ? SER X 136 THR X 142 1 ? 7  
HELX_P HELX_P9  9  THR A 142 ? GLY A 156 ? THR X 142 GLY X 156 1 ? 15 
HELX_P HELX_P10 10 TRP A 158 ? LYS A 162 ? TRP X 158 LYS X 162 5 ? 5  
# 
_struct_conf_type.id          HELX_P 
_struct_conf_type.criteria    ? 
_struct_conf_type.reference   ? 
# 
_struct_sheet.id               A 
_struct_sheet.type             ? 
_struct_sheet.number_strands   3 
_struct_sheet.details          ? 
# 
loop_
_struct_sheet_order.sheet_id 
_struct_sheet_order.range_id_1 
_struct_sheet_order.range_id_2 
_struct_sheet_order.offset 
_struct_sheet_order.sense 
A 1 2 ? anti-parallel 
A 2 3 ? anti-parallel 
# 
loop_
_struct_sheet_range.sheet_id 
_struct_sheet_range.id 
_struct_sheet_range.beg_label_comp_id 
_struct_sheet_range.beg_label_asym_id 
_struct_sheet_range.beg_label_seq_id 
_struct_sheet_range.pdbx_beg_PDB_ins_code 
_struct_sheet_range.end_label_comp_id 
_struct_sheet_range.end_label_asym_id 
_struct_sheet_range.end_label_seq_id 
_struct_sheet_range.pdbx_end_PDB_ins_code 
_struct_sheet_range.beg_auth_comp_id 
_struct_sheet_range.beg_auth_asym_id 
_struct_sheet_range.beg_auth_seq_id 
_struct_sheet_range.end_auth_comp_id 
_struct_sheet_range.end_auth_asym_id 
_struct_sheet_range.end_auth_seq_id 
A 1 ARG A 14 ? LYS A 19 ? ARG X 14 LYS X 19 
A 2 TYR A 25 ? GLY A 28 ? TYR X 25 GLY X 28 
A 3 HIS A 31 ? LEU A 32 ? HIS X 31 LEU X 32 
# 
loop_
_pdbx_struct_sheet_hbond.sheet_id 
_pdbx_struct_sheet_hbond.range_id_1 
_pdbx_struct_sheet_hbond.range_id_2 
_pdbx_struct_sheet_hbond.range_1_label_atom_id 
_pdbx_struct_sheet_hbond.range_1_label_comp_id 
_pdbx_struct_sheet_hbond.range_1_label_asym_id 
_pdbx_struct_sheet_hbond.range_1_label_seq_id 
_pdbx_struct_sheet_hbond.range_1_PDB_ins_code 
_pdbx_struct_sheet_hbond.range_1_auth_atom_id 
_pdbx_struct_sheet_hbond.range_1_auth_comp_id 
_pdbx_struct_sheet_hbond.range_1_auth_asym_id 
_pdbx_struct_sheet_hbond.range_1_auth_seq_id 
_pdbx_struct_sheet_hbond.range_2_label_atom_id 
_pdbx_struct_sheet_hbond.range_2_label_comp_id 
_pdbx_struct_sheet_hbond.range_2_label_asym_id 
_pdbx_struct_sheet_hbond.range_2_label_seq_id 
_pdbx_struct_sheet_hbond.range_2_PDB_ins_code 
_pdbx_struct_sheet_hbond.range_2_auth_atom_id 
_pdbx_struct_sheet_hbond.range_2_auth_comp_id 
_pdbx_struct_sheet_hbond.range_2_auth_asym_id 
_pdbx_struct_sheet_hbond.range_2_auth_seq_id 
A 1 2 N TYR A 18 ? N TYR X 18 O THR A 26 ? O THR X 26 
A 2 3 N ILE A 27 ? N ILE X 27 O HIS A 31 ? O HIS X 31 
# 
loop_
_struct_site.id 
_struct_site.pdbx_evidence_code 
_struct_site.pdbx_auth_asym_id 
_struct_site.pdbx_auth_comp_id 
_struct_site.pdbx_auth_seq_id 
_struct_site.pdbx_auth_ins_code 
_struct_site.pdbx_num_residues 
_struct_site.details 
AC1 Software X PO4 301 ? 9 'BINDING SITE FOR RESIDUE PO4 X 301' 
AC2 Software X PO4 302 ? 4 'BINDING SITE FOR RESIDUE PO4 X 302' 
AC3 Software X MR3 303 ? 4 'BINDING SITE FOR RESIDUE MR3 X 303' 
AC4 Software X MR3 304 ? 5 'BINDING SITE FOR RESIDUE MR3 X 304' 
# 
loop_
_struct_site_gen.id 
_struct_site_gen.site_id 
_struct_site_gen.pdbx_num_res 
_struct_site_gen.label_comp_id 
_struct_site_gen.label_asym_id 
_struct_site_gen.label_seq_id 
_struct_site_gen.pdbx_auth_ins_code 
_struct_site_gen.auth_comp_id 
_struct_site_gen.auth_asym_id 
_struct_site_gen.auth_seq_id 
_struct_site_gen.label_atom_id 
_struct_site_gen.label_alt_id 
_struct_site_gen.symmetry 
_struct_site_gen.details 
1  AC1 9 ARG A 14  ? ARG X 14  . ? 4_565 ? 
2  AC1 9 LYS A 19  ? LYS X 19  . ? 4_565 ? 
3  AC1 9 ARG A 125 ? ARG X 125 . ? 1_555 ? 
4  AC1 9 TRP A 126 ? TRP X 126 . ? 1_555 ? 
5  AC1 9 ASP A 127 ? ASP X 127 . ? 1_555 ? 
6  AC1 9 GLU A 128 ? GLU X 128 . ? 1_555 ? 
7  AC1 9 HOH F .   ? HOH X 324 . ? 1_555 ? 
8  AC1 9 HOH F .   ? HOH X 412 . ? 1_555 ? 
9  AC1 9 HOH F .   ? HOH X 481 . ? 1_555 ? 
10 AC2 4 GLN A 122 ? GLN X 122 . ? 4_455 ? 
11 AC2 4 ASN A 144 ? ASN X 144 . ? 1_555 ? 
12 AC2 4 ARG A 148 ? ARG X 148 . ? 1_555 ? 
13 AC2 4 HOH F .   ? HOH X 334 . ? 4_455 ? 
14 AC3 4 ALA A 99  ? ALA X 99  . ? 1_555 ? 
15 AC3 4 VAL A 111 ? VAL X 111 . ? 1_555 ? 
16 AC3 4 LEU A 118 ? LEU X 118 . ? 1_555 ? 
17 AC3 4 PHE A 153 ? PHE X 153 . ? 1_555 ? 
18 AC4 5 ILE A 3   ? ILE X 3   . ? 6_554 ? 
19 AC4 5 PHE A 4   ? PHE X 4   . ? 1_555 ? 
20 AC4 5 ASN A 68  ? ASN X 68  . ? 1_555 ? 
21 AC4 5 ASP A 72  ? ASP X 72  . ? 1_555 ? 
22 AC4 5 HOH F .   ? HOH X 484 . ? 6_554 ? 
# 
_atom_sites.entry_id                    2OU0 
_atom_sites.fract_transf_matrix[1][1]   0.01411316 
_atom_sites.fract_transf_matrix[1][2]   -0.01296662 
_atom_sites.fract_transf_matrix[1][3]   -0.00073881 
_atom_sites.fract_transf_matrix[2][1]   0.01654484 
_atom_sites.fract_transf_matrix[2][2]   0.00330347 
_atom_sites.fract_transf_matrix[2][3]   0.00912082 
_atom_sites.fract_transf_matrix[3][1]   -0.00377258 
_atom_sites.fract_transf_matrix[3][2]   -0.00459082 
_atom_sites.fract_transf_matrix[3][3]   0.00850608 
_atom_sites.fract_transf_vector[1]      -0.220230 
_atom_sites.fract_transf_vector[2]      0.317807 
_atom_sites.fract_transf_vector[3]      -0.100683 
# 
loop_
_atom_type.symbol 
C 
N 
O 
P 
S 
# 
loop_
_atom_site.group_PDB 
_atom_site.id 
_atom_site.type_symbol 
_atom_site.label_atom_id 
_atom_site.label_alt_id 
_atom_site.label_comp_id 
_atom_site.label_asym_id 
_atom_site.label_entity_id 
_atom_site.label_seq_id 
_atom_site.pdbx_PDB_ins_code 
_atom_site.Cartn_x 
_atom_site.Cartn_y 
_atom_site.Cartn_z 
_atom_site.occupancy 
_atom_site.B_iso_or_equiv 
_atom_site.pdbx_formal_charge 
_atom_site.auth_seq_id 
_atom_site.auth_comp_id 
_atom_site.auth_asym_id 
_atom_site.auth_atom_id 
_atom_site.pdbx_PDB_model_num 
ATOM   1    N N   . MET A 1 1   ? 5.004   -15.561 -5.271  1.00 13.73 ? 1   MET X N   1 
ATOM   2    C CA  A MET A 1 1   ? 4.520   -14.313 -4.770  0.50 13.48 ? 1   MET X CA  1 
ATOM   3    C CA  B MET A 1 1   ? 4.560   -14.289 -4.755  0.50 13.48 ? 1   MET X CA  1 
ATOM   4    C C   . MET A 1 1   ? 5.669   -13.300 -4.467  1.00 13.63 ? 1   MET X C   1 
ATOM   5    O O   . MET A 1 1   ? 6.712   -13.665 -4.134  1.00 13.34 ? 1   MET X O   1 
ATOM   6    C CB  A MET A 1 1   ? 3.555   -14.601 -3.602  0.50 13.61 ? 1   MET X CB  1 
ATOM   7    C CB  B MET A 1 1   ? 3.731   -14.454 -3.486  0.50 13.61 ? 1   MET X CB  1 
ATOM   8    C CG  A MET A 1 1   ? 2.642   -13.518 -3.121  0.50 13.06 ? 1   MET X CG  1 
ATOM   9    C CG  B MET A 1 1   ? 2.307   -14.598 -3.668  0.50 13.06 ? 1   MET X CG  1 
ATOM   10   S SD  A MET A 1 1   ? 1.578   -12.674 -4.247  0.50 11.18 ? 1   MET X SD  1 
ATOM   11   S SD  B MET A 1 1   ? 1.455   -13.236 -4.530  0.50 11.18 ? 1   MET X SD  1 
ATOM   12   C CE  A MET A 1 1   ? 0.983   -14.014 -5.090  0.50 13.09 ? 1   MET X CE  1 
ATOM   13   C CE  B MET A 1 1   ? 1.813   -11.946 -3.736  0.50 13.09 ? 1   MET X CE  1 
ATOM   14   N N   . ASN A 1 2   ? 5.355   -12.038 -4.580  1.00 13.10 ? 2   ASN X N   1 
ATOM   15   C CA  . ASN A 1 2   ? 6.263   -10.962 -4.184  1.00 12.68 ? 2   ASN X CA  1 
ATOM   16   C C   . ASN A 1 2   ? 5.431   -9.687  -3.972  1.00 12.33 ? 2   ASN X C   1 
ATOM   17   O O   . ASN A 1 2   ? 4.216   -9.705  -4.203  1.00 11.45 ? 2   ASN X O   1 
ATOM   18   C CB  . ASN A 1 2   ? 7.364   -10.763 -5.244  1.00 12.77 ? 2   ASN X CB  1 
ATOM   19   C CG  . ASN A 1 2   ? 6.801   -10.431 -6.611  1.00 13.41 ? 2   ASN X CG  1 
ATOM   20   O OD1 . ASN A 1 2   ? 6.032   -9.487  -6.758  1.00 13.12 ? 2   ASN X OD1 1 
ATOM   21   N ND2 . ASN A 1 2   ? 7.179   -11.213 -7.620  1.00 12.37 ? 2   ASN X ND2 1 
ATOM   22   N N   . ILE A 1 3   ? 6.069   -8.595  -3.546  1.00 11.74 ? 3   ILE X N   1 
ATOM   23   C CA  . ILE A 1 3   ? 5.359   -7.326  -3.292  1.00 11.83 ? 3   ILE X CA  1 
ATOM   24   C C   . ILE A 1 3   ? 4.575   -6.776  -4.505  1.00 11.81 ? 3   ILE X C   1 
ATOM   25   O O   . ILE A 1 3   ? 3.491   -6.188  -4.344  1.00 11.56 ? 3   ILE X O   1 
ATOM   26   C CB  . ILE A 1 3   ? 6.292   -6.224  -2.691  1.00 11.82 ? 3   ILE X CB  1 
ATOM   27   C CG1 . ILE A 1 3   ? 5.495   -4.981  -2.269  1.00 11.98 ? 3   ILE X CG1 1 
ATOM   28   C CG2 . ILE A 1 3   ? 7.438   -5.865  -3.654  1.00 12.58 ? 3   ILE X CG2 1 
ATOM   29   C CD1 . ILE A 1 3   ? 4.436   -5.244  -1.183  1.00 11.52 ? 3   ILE X CD1 1 
ATOM   30   N N   . PHE A 1 4   ? 5.118   -6.963  -5.708  1.00 11.58 ? 4   PHE X N   1 
ATOM   31   C CA  . PHE A 1 4   ? 4.413   -6.508  -6.905  1.00 11.67 ? 4   PHE X CA  1 
ATOM   32   C C   . PHE A 1 4   ? 3.132   -7.306  -7.091  1.00 11.45 ? 4   PHE X C   1 
ATOM   33   O O   . PHE A 1 4   ? 2.072   -6.726  -7.321  1.00 10.88 ? 4   PHE X O   1 
ATOM   34   C CB  . PHE A 1 4   ? 5.311   -6.534  -8.152  1.00 11.81 ? 4   PHE X CB  1 
ATOM   35   C CG  . PHE A 1 4   ? 6.355   -5.449  -8.158  1.00 12.48 ? 4   PHE X CG  1 
ATOM   36   C CD1 . PHE A 1 4   ? 6.096   -4.216  -8.771  1.00 13.65 ? 4   PHE X CD1 1 
ATOM   37   C CD2 . PHE A 1 4   ? 7.580   -5.638  -7.524  1.00 12.70 ? 4   PHE X CD2 1 
ATOM   38   C CE1 . PHE A 1 4   ? 7.066   -3.202  -8.763  1.00 14.47 ? 4   PHE X CE1 1 
ATOM   39   C CE2 . PHE A 1 4   ? 8.555   -4.633  -7.508  1.00 13.54 ? 4   PHE X CE2 1 
ATOM   40   C CZ  . PHE A 1 4   ? 8.298   -3.415  -8.129  1.00 14.47 ? 4   PHE X CZ  1 
ATOM   41   N N   . GLU A 1 5   ? 3.230   -8.631  -6.961  1.00 11.65 ? 5   GLU X N   1 
ATOM   42   C CA  . GLU A 1 5   ? 2.077   -9.518  -7.181  1.00 11.79 ? 5   GLU X CA  1 
ATOM   43   C C   . GLU A 1 5   ? 1.026   -9.339  -6.088  1.00 11.57 ? 5   GLU X C   1 
ATOM   44   O O   . GLU A 1 5   ? -0.185  -9.417  -6.340  1.00 11.22 ? 5   GLU X O   1 
ATOM   45   C CB  . GLU A 1 5   ? 2.526   -10.980 -7.238  1.00 11.91 ? 5   GLU X CB  1 
ATOM   46   C CG  . GLU A 1 5   ? 3.449   -11.315 -8.406  1.00 13.11 ? 5   GLU X CG  1 
ATOM   47   C CD  . GLU A 1 5   ? 3.656   -12.813 -8.576  1.00 16.35 ? 5   GLU X CD  1 
ATOM   48   O OE1 . GLU A 1 5   ? 2.950   -13.594 -7.903  1.00 17.59 ? 5   GLU X OE1 1 
ATOM   49   O OE2 . GLU A 1 5   ? 4.499   -13.206 -9.404  1.00 16.63 ? 5   GLU X OE2 1 
ATOM   50   N N   . MET A 1 6   ? 1.517   -9.088  -4.879  1.00 11.52 ? 6   MET X N   1 
ATOM   51   C CA  . MET A 1 6   ? 0.694   -8.909  -3.694  1.00 11.09 ? 6   MET X CA  1 
ATOM   52   C C   . MET A 1 6   ? -0.152  -7.648  -3.830  1.00 10.91 ? 6   MET X C   1 
ATOM   53   O O   . MET A 1 6   ? -1.375  -7.683  -3.644  1.00 10.77 ? 6   MET X O   1 
ATOM   54   C CB  . MET A 1 6   ? 1.608   -8.837  -2.471  1.00 11.23 ? 6   MET X CB  1 
ATOM   55   C CG  . MET A 1 6   ? 0.911   -8.826  -1.128  1.00 11.26 ? 6   MET X CG  1 
ATOM   56   S SD  . MET A 1 6   ? 2.003   -8.080  0.083   1.00 11.04 ? 6   MET X SD  1 
ATOM   57   C CE  . MET A 1 6   ? 1.361   -8.740  1.621   1.00 10.29 ? 6   MET X CE  1 
ATOM   58   N N   . LEU A 1 7   ? 0.496   -6.537  -4.164  1.00 10.52 ? 7   LEU X N   1 
ATOM   59   C CA  . LEU A 1 7   ? -0.222  -5.282  -4.349  1.00 10.33 ? 7   LEU X CA  1 
ATOM   60   C C   . LEU A 1 7   ? -1.138  -5.287  -5.580  1.00 10.60 ? 7   LEU X C   1 
ATOM   61   O O   . LEU A 1 7   ? -2.178  -4.626  -5.580  1.00 10.58 ? 7   LEU X O   1 
ATOM   62   C CB  . LEU A 1 7   ? 0.737   -4.089  -4.355  1.00 10.11 ? 7   LEU X CB  1 
ATOM   63   C CG  . LEU A 1 7   ? 1.111   -3.578  -2.956  1.00 10.04 ? 7   LEU X CG  1 
ATOM   64   C CD1 . LEU A 1 7   ? 2.357   -2.693  -2.993  1.00 9.35  ? 7   LEU X CD1 1 
ATOM   65   C CD2 . LEU A 1 7   ? -0.072  -2.846  -2.298  1.00 8.77  ? 7   LEU X CD2 1 
ATOM   66   N N   . ARG A 1 8   ? -0.756  -6.032  -6.616  1.00 10.52 ? 8   ARG X N   1 
ATOM   67   C CA  . ARG A 1 8   ? -1.606  -6.182  -7.798  1.00 10.82 ? 8   ARG X CA  1 
ATOM   68   C C   . ARG A 1 8   ? -2.924  -6.885  -7.435  1.00 11.08 ? 8   ARG X C   1 
ATOM   69   O O   . ARG A 1 8   ? -4.000  -6.495  -7.904  1.00 11.19 ? 8   ARG X O   1 
ATOM   70   C CB  . ARG A 1 8   ? -0.846  -6.919  -8.901  1.00 10.98 ? 8   ARG X CB  1 
ATOM   71   C CG  . ARG A 1 8   ? -1.650  -7.266  -10.134 1.00 11.66 ? 8   ARG X CG  1 
ATOM   72   C CD  . ARG A 1 8   ? -2.290  -6.036  -10.804 1.00 13.16 ? 8   ARG X CD  1 
ATOM   73   N NE  . ARG A 1 8   ? -3.109  -6.474  -11.933 1.00 15.18 ? 8   ARG X NE  1 
ATOM   74   C CZ  . ARG A 1 8   ? -4.353  -6.932  -11.824 1.00 16.23 ? 8   ARG X CZ  1 
ATOM   75   N NH1 . ARG A 1 8   ? -4.944  -7.005  -10.634 1.00 17.42 ? 8   ARG X NH1 1 
ATOM   76   N NH2 . ARG A 1 8   ? -5.012  -7.324  -12.908 1.00 18.12 ? 8   ARG X NH2 1 
ATOM   77   N N   . ILE A 1 9   ? -2.844  -7.900  -6.577  1.00 11.10 ? 9   ILE X N   1 
ATOM   78   C CA  . ILE A 1 9   ? -4.052  -8.539  -6.046  1.00 10.98 ? 9   ILE X CA  1 
ATOM   79   C C   . ILE A 1 9   ? -4.873  -7.553  -5.191  1.00 11.09 ? 9   ILE X C   1 
ATOM   80   O O   . ILE A 1 9   ? -6.081  -7.395  -5.402  1.00 10.58 ? 9   ILE X O   1 
ATOM   81   C CB  . ILE A 1 9   ? -3.704  -9.853  -5.287  1.00 11.05 ? 9   ILE X CB  1 
ATOM   82   C CG1 . ILE A 1 9   ? -3.318  -10.943 -6.290  1.00 10.52 ? 9   ILE X CG1 1 
ATOM   83   C CG2 . ILE A 1 9   ? -4.869  -10.329 -4.411  1.00 11.08 ? 9   ILE X CG2 1 
ATOM   84   C CD1 . ILE A 1 9   ? -2.604  -12.156 -5.657  1.00 9.72  ? 9   ILE X CD1 1 
ATOM   85   N N   . ASP A 1 10  ? -4.223  -6.866  -4.254  1.00 10.79 ? 10  ASP X N   1 
ATOM   86   C CA  . ASP A 1 10  ? -4.950  -5.954  -3.349  1.00 11.55 ? 10  ASP X CA  1 
ATOM   87   C C   . ASP A 1 10  ? -5.523  -4.696  -3.999  1.00 11.88 ? 10  ASP X C   1 
ATOM   88   O O   . ASP A 1 10  ? -6.568  -4.198  -3.570  1.00 12.01 ? 10  ASP X O   1 
ATOM   89   C CB  . ASP A 1 10  ? -4.086  -5.563  -2.154  1.00 11.32 ? 10  ASP X CB  1 
ATOM   90   C CG  . ASP A 1 10  ? -3.849  -6.724  -1.209  1.00 12.08 ? 10  ASP X CG  1 
ATOM   91   O OD1 . ASP A 1 10  ? -4.730  -7.618  -1.125  1.00 11.62 ? 10  ASP X OD1 1 
ATOM   92   O OD2 . ASP A 1 10  ? -2.785  -6.736  -0.555  1.00 12.32 ? 10  ASP X OD2 1 
ATOM   93   N N   . GLU A 1 11  ? -4.852  -4.195  -5.031  1.00 11.89 ? 11  GLU X N   1 
ATOM   94   C CA  . GLU A 1 11  ? -5.226  -2.917  -5.635  1.00 11.96 ? 11  GLU X CA  1 
ATOM   95   C C   . GLU A 1 11  ? -6.011  -3.053  -6.937  1.00 12.18 ? 11  GLU X C   1 
ATOM   96   O O   . GLU A 1 11  ? -6.742  -2.134  -7.323  1.00 12.27 ? 11  GLU X O   1 
ATOM   97   C CB  . GLU A 1 11  ? -3.985  -2.040  -5.854  1.00 11.87 ? 11  GLU X CB  1 
ATOM   98   C CG  . GLU A 1 11  ? -3.249  -1.610  -4.585  1.00 12.21 ? 11  GLU X CG  1 
ATOM   99   C CD  . GLU A 1 11  ? -4.079  -0.715  -3.662  1.00 13.14 ? 11  GLU X CD  1 
ATOM   100  O OE1 . GLU A 1 11  ? -5.141  -0.203  -4.076  1.00 14.82 ? 11  GLU X OE1 1 
ATOM   101  O OE2 . GLU A 1 11  ? -3.664  -0.524  -2.508  1.00 13.06 ? 11  GLU X OE2 1 
ATOM   102  N N   . GLY A 1 12  ? -5.840  -4.181  -7.628  1.00 12.30 ? 12  GLY X N   1 
ATOM   103  C CA  . GLY A 1 12  ? -6.464  -4.389  -8.931  1.00 12.79 ? 12  GLY X CA  1 
ATOM   104  C C   . GLY A 1 12  ? -5.744  -3.604  -10.016 1.00 13.58 ? 12  GLY X C   1 
ATOM   105  O O   . GLY A 1 12  ? -4.709  -2.975  -9.756  1.00 13.29 ? 12  GLY X O   1 
ATOM   106  N N   . LEU A 1 13  ? -6.287  -3.651  -11.232 1.00 13.63 ? 13  LEU X N   1 
ATOM   107  C CA  . LEU A 1 13  ? -5.791  -2.823  -12.339 1.00 14.30 ? 13  LEU X CA  1 
ATOM   108  C C   . LEU A 1 13  ? -6.974  -2.201  -13.071 1.00 14.60 ? 13  LEU X C   1 
ATOM   109  O O   . LEU A 1 13  ? -7.833  -2.915  -13.582 1.00 14.70 ? 13  LEU X O   1 
ATOM   110  C CB  . LEU A 1 13  ? -4.929  -3.656  -13.304 1.00 14.13 ? 13  LEU X CB  1 
ATOM   111  C CG  . LEU A 1 13  ? -4.562  -3.087  -14.685 1.00 14.63 ? 13  LEU X CG  1 
ATOM   112  C CD1 . LEU A 1 13  ? -3.488  -2.013  -14.578 1.00 15.74 ? 13  LEU X CD1 1 
ATOM   113  C CD2 . LEU A 1 13  ? -4.115  -4.184  -15.645 0.50 14.86 ? 13  LEU X CD2 1 
ATOM   114  N N   . ARG A 1 14  ? -7.036  -0.872  -13.094 1.00 14.94 ? 14  ARG X N   1 
ATOM   115  C CA  . ARG A 1 14  ? -8.078  -0.166  -13.845 1.00 15.07 ? 14  ARG X CA  1 
ATOM   116  C C   . ARG A 1 14  ? -7.443  0.954   -14.657 1.00 15.11 ? 14  ARG X C   1 
ATOM   117  O O   . ARG A 1 14  ? -6.645  1.740   -14.131 1.00 15.03 ? 14  ARG X O   1 
ATOM   118  C CB  . ARG A 1 14  ? -9.184  0.355   -12.914 1.00 15.32 ? 14  ARG X CB  1 
ATOM   119  C CG  . ARG A 1 14  ? -9.916  -0.767  -12.148 1.00 15.98 ? 14  ARG X CG  1 
ATOM   120  C CD  . ARG A 1 14  ? -11.017 -0.244  -11.239 1.00 18.55 ? 14  ARG X CD  1 
ATOM   121  N NE  . ARG A 1 14  ? -12.195 0.206   -11.988 1.00 19.51 ? 14  ARG X NE  1 
ATOM   122  C CZ  . ARG A 1 14  ? -13.283 0.745   -11.434 1.00 20.31 ? 14  ARG X CZ  1 
ATOM   123  N NH1 . ARG A 1 14  ? -13.362 0.904   -10.121 1.00 20.75 ? 14  ARG X NH1 1 
ATOM   124  N NH2 . ARG A 1 14  ? -14.290 1.135   -12.198 1.00 21.29 ? 14  ARG X NH2 1 
ATOM   125  N N   . LEU A 1 15  ? -7.790  1.020   -15.939 1.00 14.59 ? 15  LEU X N   1 
ATOM   126  C CA  . LEU A 1 15  ? -7.077  1.884   -16.874 1.00 14.74 ? 15  LEU X CA  1 
ATOM   127  C C   . LEU A 1 15  ? -7.726  3.249   -17.076 1.00 14.69 ? 15  LEU X C   1 
ATOM   128  O O   . LEU A 1 15  ? -7.202  4.086   -17.817 1.00 15.33 ? 15  LEU X O   1 
ATOM   129  C CB  . LEU A 1 15  ? -6.868  1.173   -18.218 1.00 14.43 ? 15  LEU X CB  1 
ATOM   130  C CG  . LEU A 1 15  ? -5.966  -0.062  -18.239 1.00 14.87 ? 15  LEU X CG  1 
ATOM   131  C CD1 . LEU A 1 15  ? -5.756  -0.545  -19.683 1.00 14.85 ? 15  LEU X CD1 1 
ATOM   132  C CD2 . LEU A 1 15  ? -4.628  0.185   -17.534 1.00 14.83 ? 15  LEU X CD2 1 
ATOM   133  N N   . LYS A 1 16  ? -8.860  3.461   -16.418 1.00 14.43 ? 16  LYS X N   1 
ATOM   134  C CA  . LYS A 1 16  ? -9.551  4.744   -16.430 1.00 14.95 ? 16  LYS X CA  1 
ATOM   135  C C   . LYS A 1 16  ? -9.639  5.262   -15.001 1.00 14.71 ? 16  LYS X C   1 
ATOM   136  O O   . LYS A 1 16  ? -9.637  4.470   -14.053 1.00 14.78 ? 16  LYS X O   1 
ATOM   137  C CB  . LYS A 1 16  ? -10.960 4.606   -17.016 1.00 14.74 ? 16  LYS X CB  1 
ATOM   138  C CG  . LYS A 1 16  ? -11.013 4.004   -18.416 1.00 16.00 ? 16  LYS X CG  1 
ATOM   139  N N   . ILE A 1 17  ? -9.713  6.580   -14.845 1.00 14.38 ? 17  ILE X N   1 
ATOM   140  C CA  . ILE A 1 17  ? -9.827  7.183   -13.512 1.00 14.25 ? 17  ILE X CA  1 
ATOM   141  C C   . ILE A 1 17  ? -11.043 6.611   -12.770 1.00 14.44 ? 17  ILE X C   1 
ATOM   142  O O   . ILE A 1 17  ? -12.154 6.587   -13.303 1.00 14.09 ? 17  ILE X O   1 
ATOM   143  C CB  . ILE A 1 17  ? -9.933  8.717   -13.585 1.00 14.41 ? 17  ILE X CB  1 
ATOM   144  C CG1 . ILE A 1 17  ? -8.604  9.328   -14.055 1.00 14.14 ? 17  ILE X CG1 1 
ATOM   145  C CG2 . ILE A 1 17  ? -10.356 9.304   -12.229 1.00 13.65 ? 17  ILE X CG2 1 
ATOM   146  C CD1 . ILE A 1 17  ? -8.689  10.836  -14.327 1.00 14.42 ? 17  ILE X CD1 1 
ATOM   147  N N   . TYR A 1 18  ? -10.804 6.132   -11.555 1.00 14.25 ? 18  TYR X N   1 
ATOM   148  C CA  . TYR A 1 18  ? -11.860 5.608   -10.691 1.00 14.39 ? 18  TYR X CA  1 
ATOM   149  C C   . TYR A 1 18  ? -11.660 6.153   -9.275  1.00 13.86 ? 18  TYR X C   1 
ATOM   150  O O   . TYR A 1 18  ? -10.625 6.740   -8.969  1.00 13.98 ? 18  TYR X O   1 
ATOM   151  C CB  . TYR A 1 18  ? -11.851 4.069   -10.701 1.00 14.20 ? 18  TYR X CB  1 
ATOM   152  C CG  . TYR A 1 18  ? -10.620 3.434   -10.072 1.00 14.84 ? 18  TYR X CG  1 
ATOM   153  C CD1 . TYR A 1 18  ? -9.421  3.315   -10.788 1.00 14.81 ? 18  TYR X CD1 1 
ATOM   154  C CD2 . TYR A 1 18  ? -10.660 2.931   -8.764  1.00 15.47 ? 18  TYR X CD2 1 
ATOM   155  C CE1 . TYR A 1 18  ? -8.288  2.730   -10.215 1.00 15.60 ? 18  TYR X CE1 1 
ATOM   156  C CE2 . TYR A 1 18  ? -9.525  2.348   -8.176  1.00 15.67 ? 18  TYR X CE2 1 
ATOM   157  C CZ  . TYR A 1 18  ? -8.352  2.249   -8.908  1.00 16.03 ? 18  TYR X CZ  1 
ATOM   158  O OH  . TYR A 1 18  ? -7.241  1.670   -8.336  1.00 16.26 ? 18  TYR X OH  1 
ATOM   159  N N   . LYS A 1 19  ? -12.654 5.975   -8.417  1.00 13.61 ? 19  LYS X N   1 
ATOM   160  C CA  . LYS A 1 19  ? -12.513 6.370   -7.024  1.00 13.20 ? 19  LYS X CA  1 
ATOM   161  C C   . LYS A 1 19  ? -12.121 5.155   -6.186  1.00 13.01 ? 19  LYS X C   1 
ATOM   162  O O   . LYS A 1 19  ? -12.682 4.065   -6.352  1.00 13.18 ? 19  LYS X O   1 
ATOM   163  C CB  . LYS A 1 19  ? -13.801 7.003   -6.496  1.00 13.00 ? 19  LYS X CB  1 
ATOM   164  C CG  . LYS A 1 19  ? -14.118 8.368   -7.089  1.00 13.49 ? 19  LYS X CG  1 
ATOM   165  C CD  . LYS A 1 19  ? -15.370 8.934   -6.460  1.00 14.54 ? 19  LYS X CD  1 
ATOM   166  C CE  . LYS A 1 19  ? -15.718 10.304  -7.013  1.00 14.51 ? 19  LYS X CE  1 
ATOM   167  N NZ  . LYS A 1 19  ? -17.013 10.770  -6.443  1.00 16.37 ? 19  LYS X NZ  1 
ATOM   168  N N   . ASP A 1 20  ? -11.162 5.348   -5.286  1.00 12.58 ? 20  ASP X N   1 
ATOM   169  C CA  . ASP A 1 20  ? -10.698 4.274   -4.408  1.00 12.62 ? 20  ASP X CA  1 
ATOM   170  C C   . ASP A 1 20  ? -11.699 4.027   -3.262  1.00 12.97 ? 20  ASP X C   1 
ATOM   171  O O   . ASP A 1 20  ? -12.811 4.581   -3.283  1.00 12.58 ? 20  ASP X O   1 
ATOM   172  C CB  . ASP A 1 20  ? -9.267  4.553   -3.909  1.00 12.09 ? 20  ASP X CB  1 
ATOM   173  C CG  . ASP A 1 20  ? -9.184  5.693   -2.890  1.00 12.17 ? 20  ASP X CG  1 
ATOM   174  O OD1 . ASP A 1 20  ? -10.218 6.230   -2.427  1.00 12.52 ? 20  ASP X OD1 1 
ATOM   175  O OD2 . ASP A 1 20  ? -8.050  6.069   -2.546  1.00 12.30 ? 20  ASP X OD2 1 
ATOM   176  N N   . THR A 1 21  ? -11.314 3.208   -2.280  1.00 12.90 ? 21  THR X N   1 
ATOM   177  C CA  . THR A 1 21  ? -12.217 2.817   -1.191  1.00 13.30 ? 21  THR X CA  1 
ATOM   178  C C   . THR A 1 21  ? -12.574 3.995   -0.280  1.00 13.56 ? 21  THR X C   1 
ATOM   179  O O   . THR A 1 21  ? -13.571 3.950   0.449   1.00 13.54 ? 21  THR X O   1 
ATOM   180  C CB  . THR A 1 21  ? -11.619 1.691   -0.321  1.00 13.51 ? 21  THR X CB  1 
ATOM   181  O OG1 . THR A 1 21  ? -10.518 2.210   0.428   1.00 13.29 ? 21  THR X OG1 1 
ATOM   182  C CG2 . THR A 1 21  ? -11.128 0.520   -1.183  1.00 13.25 ? 21  THR X CG2 1 
ATOM   183  N N   . GLU A 1 22  ? -11.756 5.044   -0.330  1.00 13.63 ? 22  GLU X N   1 
ATOM   184  C CA  . GLU A 1 22  ? -11.994 6.257   0.446   1.00 13.70 ? 22  GLU X CA  1 
ATOM   185  C C   . GLU A 1 22  ? -12.717 7.329   -0.367  1.00 13.48 ? 22  GLU X C   1 
ATOM   186  O O   . GLU A 1 22  ? -13.010 8.415   0.141   1.00 13.56 ? 22  GLU X O   1 
ATOM   187  C CB  . GLU A 1 22  ? -10.678 6.805   1.011   1.00 14.32 ? 22  GLU X CB  1 
ATOM   188  C CG  . GLU A 1 22  ? -10.039 5.936   2.090   1.00 15.86 ? 22  GLU X CG  1 
ATOM   189  C CD  . GLU A 1 22  ? -10.850 5.863   3.387   1.00 19.14 ? 22  GLU X CD  1 
ATOM   190  O OE1 . GLU A 1 22  ? -11.581 6.822   3.711   1.00 21.27 ? 22  GLU X OE1 1 
ATOM   191  O OE2 . GLU A 1 22  ? -10.744 4.840   4.101   1.00 21.31 ? 22  GLU X OE2 1 
ATOM   192  N N   . GLY A 1 23  ? -13.002 7.009   -1.627  1.00 13.08 ? 23  GLY X N   1 
ATOM   193  C CA  . GLY A 1 23  ? -13.668 7.920   -2.545  1.00 13.03 ? 23  GLY X CA  1 
ATOM   194  C C   . GLY A 1 23  ? -12.727 8.861   -3.283  1.00 13.21 ? 23  GLY X C   1 
ATOM   195  O O   . GLY A 1 23  ? -13.173 9.860   -3.845  1.00 13.02 ? 23  GLY X O   1 
ATOM   196  N N   . TYR A 1 24  ? -11.430 8.542   -3.292  1.00 13.34 ? 24  TYR X N   1 
ATOM   197  C CA  . TYR A 1 24  ? -10.430 9.419   -3.910  1.00 13.77 ? 24  TYR X CA  1 
ATOM   198  C C   . TYR A 1 24  ? -10.046 8.975   -5.310  1.00 13.39 ? 24  TYR X C   1 
ATOM   199  O O   . TYR A 1 24  ? -9.806  7.784   -5.537  1.00 12.90 ? 24  TYR X O   1 
ATOM   200  C CB  . TYR A 1 24  ? -9.161  9.511   -3.057  1.00 14.15 ? 24  TYR X CB  1 
ATOM   201  C CG  . TYR A 1 24  ? -9.369  10.056  -1.662  1.00 17.06 ? 24  TYR X CG  1 
ATOM   202  C CD1 . TYR A 1 24  ? -10.183 11.171  -1.438  1.00 18.68 ? 24  TYR X CD1 1 
ATOM   203  C CD2 . TYR A 1 24  ? -8.746  9.460   -0.568  1.00 18.39 ? 24  TYR X CD2 1 
ATOM   204  C CE1 . TYR A 1 24  ? -10.374 11.676  -0.146  1.00 21.05 ? 24  TYR X CE1 1 
ATOM   205  C CE2 . TYR A 1 24  ? -8.926  9.958   0.727   1.00 20.70 ? 24  TYR X CE2 1 
ATOM   206  C CZ  . TYR A 1 24  ? -9.745  11.059  0.929   1.00 22.13 ? 24  TYR X CZ  1 
ATOM   207  O OH  . TYR A 1 24  ? -9.922  11.553  2.207   1.00 24.37 ? 24  TYR X OH  1 
ATOM   208  N N   . TYR A 1 25  ? -9.957  9.947   -6.225  1.00 13.17 ? 25  TYR X N   1 
ATOM   209  C CA  . TYR A 1 25  ? -9.591  9.697   -7.622  1.00 13.35 ? 25  TYR X CA  1 
ATOM   210  C C   . TYR A 1 25  ? -8.253  8.976   -7.752  1.00 12.69 ? 25  TYR X C   1 
ATOM   211  O O   . TYR A 1 25  ? -7.233  9.403   -7.195  1.00 12.00 ? 25  TYR X O   1 
ATOM   212  C CB  . TYR A 1 25  ? -9.595  10.987  -8.446  1.00 13.62 ? 25  TYR X CB  1 
ATOM   213  C CG  . TYR A 1 25  ? -10.980 11.553  -8.676  1.00 14.57 ? 25  TYR X CG  1 
ATOM   214  C CD1 . TYR A 1 25  ? -11.965 10.802  -9.329  1.00 16.33 ? 25  TYR X CD1 1 
ATOM   215  C CD2 . TYR A 1 25  ? -11.306 12.839  -8.249  1.00 15.57 ? 25  TYR X CD2 1 
ATOM   216  C CE1 . TYR A 1 25  ? -13.241 11.314  -9.540  1.00 16.25 ? 25  TYR X CE1 1 
ATOM   217  C CE2 . TYR A 1 25  ? -12.576 13.358  -8.452  1.00 16.04 ? 25  TYR X CE2 1 
ATOM   218  C CZ  . TYR A 1 25  ? -13.534 12.595  -9.098  1.00 16.86 ? 25  TYR X CZ  1 
ATOM   219  O OH  . TYR A 1 25  ? -14.787 13.117  -9.308  1.00 17.90 ? 25  TYR X OH  1 
ATOM   220  N N   . THR A 1 26  ? -8.294  7.869   -8.488  1.00 12.40 ? 26  THR X N   1 
ATOM   221  C CA  . THR A 1 26  ? -7.207  6.904   -8.568  1.00 12.18 ? 26  THR X CA  1 
ATOM   222  C C   . THR A 1 26  ? -7.160  6.345   -9.996  1.00 12.07 ? 26  THR X C   1 
ATOM   223  O O   . THR A 1 26  ? -8.155  6.422   -10.728 1.00 12.01 ? 26  THR X O   1 
ATOM   224  C CB  . THR A 1 26  ? -7.425  5.768   -7.500  1.00 12.45 ? 26  THR X CB  1 
ATOM   225  O OG1 . THR A 1 26  ? -7.484  6.355   -6.192  1.00 12.68 ? 26  THR X OG1 1 
ATOM   226  C CG2 . THR A 1 26  ? -6.312  4.718   -7.515  1.00 11.58 ? 26  THR X CG2 1 
ATOM   227  N N   . ILE A 1 27  ? -6.007  5.807   -10.400 1.00 11.33 ? 27  ILE X N   1 
ATOM   228  C CA  . ILE A 1 27  ? -5.899  5.075   -11.660 1.00 11.14 ? 27  ILE X CA  1 
ATOM   229  C C   . ILE A 1 27  ? -4.888  3.922   -11.558 1.00 10.82 ? 27  ILE X C   1 
ATOM   230  O O   . ILE A 1 27  ? -4.075  3.879   -10.634 1.00 10.60 ? 27  ILE X O   1 
ATOM   231  C CB  . ILE A 1 27  ? -5.541  6.019   -12.845 1.00 10.96 ? 27  ILE X CB  1 
ATOM   232  C CG1 . ILE A 1 27  ? -6.014  5.424   -14.186 1.00 11.16 ? 27  ILE X CG1 1 
ATOM   233  C CG2 . ILE A 1 27  ? -4.049  6.370   -12.837 1.00 11.73 ? 27  ILE X CG2 1 
ATOM   234  C CD1 . ILE A 1 27  ? -6.114  6.447   -15.311 1.00 10.57 ? 27  ILE X CD1 1 
ATOM   235  N N   . GLY A 1 28  ? -4.953  2.997   -12.507 1.00 10.45 ? 28  GLY X N   1 
ATOM   236  C CA  . GLY A 1 28  ? -3.937  1.946   -12.643 1.00 10.20 ? 28  GLY X CA  1 
ATOM   237  C C   . GLY A 1 28  ? -4.015  0.925   -11.526 1.00 10.04 ? 28  GLY X C   1 
ATOM   238  O O   . GLY A 1 28  ? -5.092  0.377   -11.243 1.00 10.16 ? 28  GLY X O   1 
ATOM   239  N N   . ILE A 1 29  ? -2.869  0.681   -10.899 1.00 9.88  ? 29  ILE X N   1 
ATOM   240  C CA  . ILE A 1 29  ? -2.776  -0.241  -9.764  1.00 10.33 ? 29  ILE X CA  1 
ATOM   241  C C   . ILE A 1 29  ? -2.693  0.562   -8.456  1.00 10.17 ? 29  ILE X C   1 
ATOM   242  O O   . ILE A 1 29  ? -1.635  0.693   -7.853  1.00 10.48 ? 29  ILE X O   1 
ATOM   243  C CB  . ILE A 1 29  ? -1.589  -1.245  -9.934  1.00 10.02 ? 29  ILE X CB  1 
ATOM   244  C CG1 . ILE A 1 29  ? -1.611  -1.876  -11.336 1.00 9.71  ? 29  ILE X CG1 1 
ATOM   245  C CG2 . ILE A 1 29  ? -1.606  -2.322  -8.849  1.00 9.76  ? 29  ILE X CG2 1 
ATOM   246  C CD1 . ILE A 1 29  ? -0.267  -2.471  -11.785 1.00 9.53  ? 29  ILE X CD1 1 
ATOM   247  N N   . GLY A 1 30  ? -3.825  1.126   -8.049  1.00 10.49 ? 30  GLY X N   1 
ATOM   248  C CA  . GLY A 1 30  ? -3.906  1.896   -6.806  1.00 10.65 ? 30  GLY X CA  1 
ATOM   249  C C   . GLY A 1 30  ? -3.024  3.133   -6.783  1.00 11.07 ? 30  GLY X C   1 
ATOM   250  O O   . GLY A 1 30  ? -2.502  3.514   -5.733  1.00 10.96 ? 30  GLY X O   1 
ATOM   251  N N   . HIS A 1 31  ? -2.837  3.763   -7.935  1.00 11.52 ? 31  HIS X N   1 
ATOM   252  C CA  . HIS A 1 31  ? -2.123  5.032   -7.952  1.00 11.92 ? 31  HIS X CA  1 
ATOM   253  C C   . HIS A 1 31  ? -3.059  6.196   -7.628  1.00 11.88 ? 31  HIS X C   1 
ATOM   254  O O   . HIS A 1 31  ? -3.805  6.666   -8.492  1.00 12.19 ? 31  HIS X O   1 
ATOM   255  C CB  . HIS A 1 31  ? -1.426  5.295   -9.279  1.00 11.81 ? 31  HIS X CB  1 
ATOM   256  C CG  . HIS A 1 31  ? -0.698  6.601   -9.296  1.00 11.92 ? 31  HIS X CG  1 
ATOM   257  N ND1 . HIS A 1 31  ? 0.594   6.733   -8.840  1.00 12.14 ? 31  HIS X ND1 1 
ATOM   258  C CD2 . HIS A 1 31  ? -1.098  7.842   -9.663  1.00 12.36 ? 31  HIS X CD2 1 
ATOM   259  C CE1 . HIS A 1 31  ? 0.969   7.996   -8.945  1.00 12.55 ? 31  HIS X CE1 1 
ATOM   260  N NE2 . HIS A 1 31  ? -0.041  8.690   -9.440  1.00 12.55 ? 31  HIS X NE2 1 
ATOM   261  N N   . LEU A 1 32  ? -3.014  6.642   -6.376  1.00 12.36 ? 32  LEU X N   1 
ATOM   262  C CA  . LEU A 1 32  ? -3.803  7.778   -5.916  1.00 12.77 ? 32  LEU X CA  1 
ATOM   263  C C   . LEU A 1 32  ? -3.416  9.049   -6.670  1.00 13.12 ? 32  LEU X C   1 
ATOM   264  O O   . LEU A 1 32  ? -2.245  9.444   -6.702  1.00 12.30 ? 32  LEU X O   1 
ATOM   265  C CB  . LEU A 1 32  ? -3.628  7.983   -4.408  1.00 12.78 ? 32  LEU X CB  1 
ATOM   266  C CG  . LEU A 1 32  ? -4.324  9.200   -3.783  1.00 13.31 ? 32  LEU X CG  1 
ATOM   267  C CD1 . LEU A 1 32  ? -5.842  9.046   -3.807  1.00 12.69 ? 32  LEU X CD1 1 
ATOM   268  C CD2 . LEU A 1 32  ? -3.814  9.440   -2.355  1.00 13.87 ? 32  LEU X CD2 1 
ATOM   269  N N   . LEU A 1 33  ? -4.403  9.677   -7.294  1.00 13.82 ? 33  LEU X N   1 
ATOM   270  C CA  . LEU A 1 33  ? -4.130  10.873  -8.072  1.00 14.69 ? 33  LEU X CA  1 
ATOM   271  C C   . LEU A 1 33  ? -4.204  12.132  -7.211  1.00 15.54 ? 33  LEU X C   1 
ATOM   272  O O   . LEU A 1 33  ? -3.317  12.983  -7.277  1.00 15.79 ? 33  LEU X O   1 
ATOM   273  C CB  . LEU A 1 33  ? -5.061  10.966  -9.280  1.00 14.51 ? 33  LEU X CB  1 
ATOM   274  C CG  . LEU A 1 33  ? -4.835  9.933   -10.388 1.00 14.26 ? 33  LEU X CG  1 
ATOM   275  C CD1 . LEU A 1 33  ? -6.065  9.886   -11.284 1.00 13.87 ? 33  LEU X CD1 1 
ATOM   276  C CD2 . LEU A 1 33  ? -3.573  10.255  -11.191 1.00 13.94 ? 33  LEU X CD2 1 
ATOM   277  N N   . THR A 1 34  ? -5.262  12.234  -6.409  1.00 16.50 ? 34  THR X N   1 
ATOM   278  C CA  . THR A 1 34  ? -5.509  13.401  -5.567  1.00 17.56 ? 34  THR X CA  1 
ATOM   279  C C   . THR A 1 34  ? -6.633  13.116  -4.588  1.00 18.54 ? 34  THR X C   1 
ATOM   280  O O   . THR A 1 34  ? -7.524  12.294  -4.863  1.00 19.17 ? 34  THR X O   1 
ATOM   281  C CB  . THR A 1 34  ? -5.885  14.670  -6.401  1.00 17.83 ? 34  THR X CB  1 
ATOM   282  O OG1 . THR A 1 34  ? -6.044  15.792  -5.526  1.00 18.29 ? 34  THR X OG1 1 
ATOM   283  C CG2 . THR A 1 34  ? -7.175  14.461  -7.203  1.00 16.43 ? 34  THR X CG2 1 
ATOM   284  N N   . LYS A 1 35  ? -6.602  13.809  -3.453  1.00 19.06 ? 35  LYS X N   1 
ATOM   285  C CA  . LYS A 1 35  ? -7.705  13.749  -2.498  1.00 19.41 ? 35  LYS X CA  1 
ATOM   286  C C   . LYS A 1 35  ? -8.778  14.805  -2.792  1.00 19.69 ? 35  LYS X C   1 
ATOM   287  O O   . LYS A 1 35  ? -9.810  14.860  -2.120  1.00 19.88 ? 35  LYS X O   1 
ATOM   288  C CB  . LYS A 1 35  ? -7.177  13.836  -1.063  1.00 19.45 ? 35  LYS X CB  1 
ATOM   289  C CG  . LYS A 1 35  ? -6.393  12.593  -0.665  1.00 19.22 ? 35  LYS X CG  1 
ATOM   290  C CD  . LYS A 1 35  ? -6.076  12.551  0.824   0.50 19.26 ? 35  LYS X CD  1 
ATOM   291  C CE  . LYS A 1 35  ? -5.175  11.359  1.128   0.50 19.05 ? 35  LYS X CE  1 
ATOM   292  N NZ  . LYS A 1 35  ? -4.784  11.297  2.562   0.50 19.17 ? 35  LYS X NZ  1 
ATOM   293  N N   . SER A 1 36  ? -8.541  15.613  -3.822  1.00 19.66 ? 36  SER X N   1 
ATOM   294  C CA  . SER A 1 36  ? -9.499  16.618  -4.272  1.00 19.92 ? 36  SER X CA  1 
ATOM   295  C C   . SER A 1 36  ? -10.754 16.008  -4.901  1.00 20.02 ? 36  SER X C   1 
ATOM   296  O O   . SER A 1 36  ? -10.660 15.037  -5.659  1.00 19.77 ? 36  SER X O   1 
ATOM   297  C CB  . SER A 1 36  ? -8.845  17.561  -5.283  1.00 19.79 ? 36  SER X CB  1 
ATOM   298  O OG  . SER A 1 36  ? -9.808  18.445  -5.826  1.00 20.11 ? 36  SER X OG  1 
ATOM   299  N N   . PRO A 1 37  ? -11.936 16.578  -4.589  1.00 20.39 ? 37  PRO X N   1 
ATOM   300  C CA  . PRO A 1 37  ? -13.187 16.152  -5.228  1.00 20.31 ? 37  PRO X CA  1 
ATOM   301  C C   . PRO A 1 37  ? -13.325 16.593  -6.687  1.00 20.26 ? 37  PRO X C   1 
ATOM   302  O O   . PRO A 1 37  ? -14.331 16.296  -7.322  1.00 20.70 ? 37  PRO X O   1 
ATOM   303  C CB  . PRO A 1 37  ? -14.264 16.811  -4.363  1.00 20.37 ? 37  PRO X CB  1 
ATOM   304  C CG  . PRO A 1 37  ? -13.603 18.009  -3.791  1.00 20.76 ? 37  PRO X CG  1 
ATOM   305  C CD  . PRO A 1 37  ? -12.164 17.624  -3.572  1.00 20.36 ? 37  PRO X CD  1 
ATOM   306  N N   . SER A 1 38  ? -12.321 17.279  -7.222  1.00 20.29 ? 38  SER X N   1 
ATOM   307  C CA  . SER A 1 38  ? -12.382 17.764  -8.600  1.00 20.07 ? 38  SER X CA  1 
ATOM   308  C C   . SER A 1 38  ? -11.776 16.763  -9.574  1.00 19.93 ? 38  SER X C   1 
ATOM   309  O O   . SER A 1 38  ? -10.580 16.460  -9.490  1.00 20.18 ? 38  SER X O   1 
ATOM   310  C CB  . SER A 1 38  ? -11.661 19.112  -8.719  1.00 20.14 ? 38  SER X CB  1 
ATOM   311  O OG  . SER A 1 38  ? -11.498 19.473  -10.077 1.00 20.22 ? 38  SER X OG  1 
ATOM   312  N N   . LEU A 1 39  ? -12.592 16.269  -10.506 1.00 19.59 ? 39  LEU X N   1 
ATOM   313  C CA  . LEU A 1 39  ? -12.118 15.330  -11.526 1.00 19.49 ? 39  LEU X CA  1 
ATOM   314  C C   . LEU A 1 39  ? -11.084 15.979  -12.442 1.00 19.46 ? 39  LEU X C   1 
ATOM   315  O O   . LEU A 1 39  ? -10.100 15.343  -12.826 1.00 19.17 ? 39  LEU X O   1 
ATOM   316  C CB  . LEU A 1 39  ? -13.274 14.735  -12.342 1.00 19.39 ? 39  LEU X CB  1 
ATOM   317  C CG  . LEU A 1 39  ? -12.901 13.773  -13.487 1.00 19.32 ? 39  LEU X CG  1 
ATOM   318  C CD1 . LEU A 1 39  ? -12.352 12.430  -12.981 1.00 17.23 ? 39  LEU X CD1 1 
ATOM   319  C CD2 . LEU A 1 39  ? -14.081 13.555  -14.396 1.00 18.58 ? 39  LEU X CD2 1 
ATOM   320  N N   . ASN A 1 40  ? -11.308 17.247  -12.775 1.00 19.60 ? 40  ASN X N   1 
ATOM   321  C CA  . ASN A 1 40  ? -10.347 18.016  -13.556 1.00 19.77 ? 40  ASN X CA  1 
ATOM   322  C C   . ASN A 1 40  ? -8.986  18.118  -12.868 1.00 19.36 ? 40  ASN X C   1 
ATOM   323  O O   . ASN A 1 40  ? -7.954  18.049  -13.531 1.00 19.64 ? 40  ASN X O   1 
ATOM   324  C CB  . ASN A 1 40  ? -10.889 19.417  -13.865 1.00 20.41 ? 40  ASN X CB  1 
ATOM   325  C CG  . ASN A 1 40  ? -11.891 19.422  -15.002 1.00 21.57 ? 40  ASN X CG  1 
ATOM   326  O OD1 . ASN A 1 40  ? -11.825 18.607  -15.923 1.00 23.87 ? 40  ASN X OD1 1 
ATOM   327  N ND2 . ASN A 1 40  ? -12.820 20.365  -14.953 1.00 24.81 ? 40  ASN X ND2 1 
ATOM   328  N N   . ALA A 1 41  ? -8.991  18.289  -11.546 1.00 18.78 ? 41  ALA X N   1 
ATOM   329  C CA  . ALA A 1 41  ? -7.750  18.301  -10.765 1.00 18.21 ? 41  ALA X CA  1 
ATOM   330  C C   . ALA A 1 41  ? -7.037  16.950  -10.852 1.00 17.71 ? 41  ALA X C   1 
ATOM   331  O O   . ALA A 1 41  ? -5.806  16.898  -10.991 1.00 17.08 ? 41  ALA X O   1 
ATOM   332  C CB  . ALA A 1 41  ? -8.019  18.675  -9.311  1.00 17.96 ? 41  ALA X CB  1 
ATOM   333  N N   . ALA A 1 42  ? -7.822  15.874  -10.773 1.00 16.98 ? 42  ALA X N   1 
ATOM   334  C CA  . ALA A 1 42  ? -7.319  14.508  -10.913 1.00 16.54 ? 42  ALA X CA  1 
ATOM   335  C C   . ALA A 1 42  ? -6.744  14.265  -12.302 1.00 16.18 ? 42  ALA X C   1 
ATOM   336  O O   . ALA A 1 42  ? -5.686  13.642  -12.442 1.00 15.95 ? 42  ALA X O   1 
ATOM   337  C CB  . ALA A 1 42  ? -8.428  13.506  -10.625 1.00 16.78 ? 42  ALA X CB  1 
ATOM   338  N N   . LYS A 1 43  ? -7.437  14.764  -13.323 1.00 15.81 ? 43  LYS X N   1 
ATOM   339  C CA  . LYS A 1 43  ? -6.978  14.614  -14.701 1.00 15.91 ? 43  LYS X CA  1 
ATOM   340  C C   . LYS A 1 43  ? -5.647  15.341  -14.904 1.00 15.37 ? 43  LYS X C   1 
ATOM   341  O O   . LYS A 1 43  ? -4.788  14.868  -15.638 1.00 14.94 ? 43  LYS X O   1 
ATOM   342  C CB  . LYS A 1 43  ? -8.040  15.097  -15.693 1.00 16.30 ? 43  LYS X CB  1 
ATOM   343  C CG  . LYS A 1 43  ? -9.159  14.082  -15.951 1.00 18.49 ? 43  LYS X CG  1 
ATOM   344  C CD  . LYS A 1 43  ? -10.275 14.673  -16.801 1.00 21.06 ? 43  LYS X CD  1 
ATOM   345  C CE  . LYS A 1 43  ? -11.254 13.594  -17.242 1.00 22.59 ? 43  LYS X CE  1 
ATOM   346  N NZ  . LYS A 1 43  ? -12.376 14.166  -18.045 1.00 24.65 ? 43  LYS X NZ  1 
ATOM   347  N N   . SER A 1 44  ? -5.479  16.473  -14.221 1.00 15.27 ? 44  SER X N   1 
ATOM   348  C CA  . SER A 1 44  ? -4.233  17.240  -14.278 1.00 15.67 ? 44  SER X CA  1 
ATOM   349  C C   . SER A 1 44  ? -3.069  16.489  -13.626 1.00 15.09 ? 44  SER X C   1 
ATOM   350  O O   . SER A 1 44  ? -1.965  16.447  -14.173 1.00 15.18 ? 44  SER X O   1 
ATOM   351  C CB  . SER A 1 44  ? -4.413  18.602  -13.607 1.00 15.93 ? 44  SER X CB  1 
ATOM   352  O OG  . SER A 1 44  ? -3.227  19.369  -13.743 1.00 18.42 ? 44  SER X OG  1 
ATOM   353  N N   . GLU A 1 45  ? -3.325  15.912  -12.453 1.00 14.51 ? 45  GLU X N   1 
ATOM   354  C CA  . GLU A 1 45  ? -2.336  15.087  -11.753 1.00 14.48 ? 45  GLU X CA  1 
ATOM   355  C C   . GLU A 1 45  ? -1.915  13.878  -12.599 1.00 14.10 ? 45  GLU X C   1 
ATOM   356  O O   . GLU A 1 45  ? -0.729  13.531  -12.643 1.00 14.42 ? 45  GLU X O   1 
ATOM   357  C CB  . GLU A 1 45  ? -2.871  14.635  -10.393 1.00 13.99 ? 45  GLU X CB  1 
ATOM   358  C CG  . GLU A 1 45  ? -2.985  15.748  -9.361  1.00 15.05 ? 45  GLU X CG  1 
ATOM   359  C CD  . GLU A 1 45  ? -1.646  16.396  -9.051  1.00 15.83 ? 45  GLU X CD  1 
ATOM   360  O OE1 . GLU A 1 45  ? -0.664  15.677  -8.760  1.00 17.12 ? 45  GLU X OE1 1 
ATOM   361  O OE2 . GLU A 1 45  ? -1.567  17.636  -9.089  1.00 18.03 ? 45  GLU X OE2 1 
ATOM   362  N N   . LEU A 1 46  ? -2.887  13.269  -13.276 1.00 13.53 ? 46  LEU X N   1 
ATOM   363  C CA  . LEU A 1 46  ? -2.632  12.142  -14.174 1.00 13.72 ? 46  LEU X CA  1 
ATOM   364  C C   . LEU A 1 46  ? -1.706  12.526  -15.330 1.00 13.86 ? 46  LEU X C   1 
ATOM   365  O O   . LEU A 1 46  ? -0.730  11.822  -15.616 1.00 13.81 ? 46  LEU X O   1 
ATOM   366  C CB  . LEU A 1 46  ? -3.946  11.584  -14.736 1.00 13.42 ? 46  LEU X CB  1 
ATOM   367  C CG  . LEU A 1 46  ? -3.820  10.346  -15.636 1.00 13.73 ? 46  LEU X CG  1 
ATOM   368  C CD1 . LEU A 1 46  ? -3.071  9.219   -14.919 1.00 13.13 ? 46  LEU X CD1 1 
ATOM   369  C CD2 . LEU A 1 46  ? -5.188  9.876   -16.090 1.00 13.49 ? 46  LEU X CD2 1 
ATOM   370  N N   . ASP A 1 47  ? -2.029  13.630  -15.996 1.00 13.76 ? 47  ASP X N   1 
ATOM   371  C CA  . ASP A 1 47  ? -1.250  14.105  -17.140 1.00 14.45 ? 47  ASP X CA  1 
ATOM   372  C C   . ASP A 1 47  ? 0.186   14.410  -16.740 1.00 14.35 ? 47  ASP X C   1 
ATOM   373  O O   . ASP A 1 47  ? 1.124   14.065  -17.468 1.00 14.65 ? 47  ASP X O   1 
ATOM   374  C CB  . ASP A 1 47  ? -1.898  15.351  -17.763 1.00 14.43 ? 47  ASP X CB  1 
ATOM   375  C CG  . ASP A 1 47  ? -3.227  15.053  -18.439 1.00 15.65 ? 47  ASP X CG  1 
ATOM   376  O OD1 . ASP A 1 47  ? -3.577  13.866  -18.620 1.00 17.27 ? 47  ASP X OD1 1 
ATOM   377  O OD2 . ASP A 1 47  ? -3.923  16.024  -18.801 1.00 16.53 ? 47  ASP X OD2 1 
ATOM   378  N N   . LYS A 1 48  ? 0.330   15.051  -15.580 1.00 14.15 ? 48  LYS X N   1 
ATOM   379  C CA  . LYS A 1 48  ? 1.622   15.375  -14.968 1.00 14.00 ? 48  LYS X CA  1 
ATOM   380  C C   . LYS A 1 48  ? 2.451   14.109  -14.662 1.00 13.97 ? 48  LYS X C   1 
ATOM   381  O O   . LYS A 1 48  ? 3.649   14.055  -14.957 1.00 13.74 ? 48  LYS X O   1 
ATOM   382  C CB  . LYS A 1 48  ? 1.383   16.222  -13.700 1.00 13.74 ? 48  LYS X CB  1 
ATOM   383  C CG  . LYS A 1 48  ? 2.631   16.591  -12.894 1.00 14.42 ? 48  LYS X CG  1 
ATOM   384  C CD  . LYS A 1 48  ? 2.362   17.698  -11.868 1.00 14.05 ? 48  LYS X CD  1 
ATOM   385  C CE  . LYS A 1 48  ? 1.326   17.317  -10.829 1.00 14.45 ? 48  LYS X CE  1 
ATOM   386  N NZ  . LYS A 1 48  ? 1.922   16.577  -9.708  1.00 14.16 ? 48  LYS X NZ  1 
ATOM   387  N N   . ALA A 1 49  ? 1.798   13.094  -14.099 1.00 14.15 ? 49  ALA X N   1 
ATOM   388  C CA  . ALA A 1 49  ? 2.441   11.814  -13.780 1.00 14.43 ? 49  ALA X CA  1 
ATOM   389  C C   . ALA A 1 49  ? 2.887   11.028  -15.023 1.00 15.03 ? 49  ALA X C   1 
ATOM   390  O O   . ALA A 1 49  ? 3.966   10.423  -15.019 1.00 15.40 ? 49  ALA X O   1 
ATOM   391  C CB  . ALA A 1 49  ? 1.533   10.955  -12.893 1.00 14.28 ? 49  ALA X CB  1 
ATOM   392  N N   . ILE A 1 50  ? 2.074   11.067  -16.078 1.00 15.22 ? 50  ILE X N   1 
ATOM   393  C CA  . ILE A 1 50  ? 2.332   10.316  -17.318 1.00 16.09 ? 50  ILE X CA  1 
ATOM   394  C C   . ILE A 1 50  ? 3.190   11.079  -18.342 1.00 16.50 ? 50  ILE X C   1 
ATOM   395  O O   . ILE A 1 50  ? 3.912   10.471  -19.143 1.00 16.60 ? 50  ILE X O   1 
ATOM   396  C CB  . ILE A 1 50  ? 0.985   9.896   -17.993 1.00 15.89 ? 50  ILE X CB  1 
ATOM   397  C CG1 . ILE A 1 50  ? 0.116   9.079   -17.018 1.00 16.57 ? 50  ILE X CG1 1 
ATOM   398  C CG2 . ILE A 1 50  ? 1.228   9.152   -19.303 1.00 16.13 ? 50  ILE X CG2 1 
ATOM   399  C CD1 . ILE A 1 50  ? 0.742   7.792   -16.495 1.00 18.43 ? 50  ILE X CD1 1 
ATOM   400  N N   . GLY A 1 51  ? 3.091   12.404  -18.324 1.00 17.06 ? 51  GLY X N   1 
ATOM   401  C CA  . GLY A 1 51  ? 3.852   13.249  -19.242 1.00 17.67 ? 51  GLY X CA  1 
ATOM   402  C C   . GLY A 1 51  ? 3.163   13.497  -20.577 1.00 18.39 ? 51  GLY X C   1 
ATOM   403  O O   . GLY A 1 51  ? 3.817   13.844  -21.555 1.00 18.57 ? 51  GLY X O   1 
ATOM   404  N N   . ARG A 1 52  ? 1.847   13.303  -20.623 1.00 18.49 ? 52  ARG X N   1 
ATOM   405  C CA  . ARG A 1 52  ? 1.047   13.602  -21.815 1.00 18.83 ? 52  ARG X CA  1 
ATOM   406  C C   . ARG A 1 52  ? -0.392  13.883  -21.409 1.00 18.83 ? 52  ARG X C   1 
ATOM   407  O O   . ARG A 1 52  ? -0.782  13.600  -20.282 1.00 18.11 ? 52  ARG X O   1 
ATOM   408  C CB  . ARG A 1 52  ? 1.084   12.448  -22.820 1.00 18.91 ? 52  ARG X CB  1 
ATOM   409  C CG  . ARG A 1 52  ? 0.448   11.163  -22.304 1.00 19.95 ? 52  ARG X CG  1 
ATOM   410  C CD  . ARG A 1 52  ? 0.477   10.055  -23.328 1.00 20.40 ? 52  ARG X CD  1 
ATOM   411  N NE  . ARG A 1 52  ? -0.203  8.866   -22.821 1.00 20.28 ? 52  ARG X NE  1 
ATOM   412  C CZ  . ARG A 1 52  ? -1.502  8.628   -22.952 1.00 19.74 ? 52  ARG X CZ  1 
ATOM   413  N NH1 . ARG A 1 52  ? -2.291  9.491   -23.591 1.00 19.24 ? 52  ARG X NH1 1 
ATOM   414  N NH2 . ARG A 1 52  ? -2.009  7.515   -22.453 1.00 20.75 ? 52  ARG X NH2 1 
ATOM   415  N N   . ASN A 1 53  ? -1.171  14.438  -22.336 1.00 18.83 ? 53  ASN X N   1 
ATOM   416  C CA  . ASN A 1 53  ? -2.579  14.694  -22.098 1.00 19.14 ? 53  ASN X CA  1 
ATOM   417  C C   . ASN A 1 53  ? -3.369  13.407  -22.298 1.00 19.12 ? 53  ASN X C   1 
ATOM   418  O O   . ASN A 1 53  ? -3.598  12.980  -23.428 1.00 19.27 ? 53  ASN X O   1 
ATOM   419  C CB  . ASN A 1 53  ? -3.082  15.810  -23.021 0.50 19.20 ? 53  ASN X CB  1 
ATOM   420  C CG  . ASN A 1 53  ? -4.279  16.534  -22.450 0.50 19.24 ? 53  ASN X CG  1 
ATOM   421  O OD1 . ASN A 1 53  ? -4.159  17.662  -21.976 0.50 20.50 ? 53  ASN X OD1 1 
ATOM   422  N ND2 . ASN A 1 53  ? -5.435  15.885  -22.471 0.50 18.50 ? 53  ASN X ND2 1 
ATOM   423  N N   . THR A 1 54  ? -3.764  12.785  -21.190 1.00 19.26 ? 54  THR X N   1 
ATOM   424  C CA  . THR A 1 54  ? -4.351  11.446  -21.211 1.00 19.54 ? 54  THR X CA  1 
ATOM   425  C C   . THR A 1 54  ? -5.872  11.415  -21.385 1.00 20.08 ? 54  THR X C   1 
ATOM   426  O O   . THR A 1 54  ? -6.424  10.410  -21.852 1.00 20.72 ? 54  THR X O   1 
ATOM   427  C CB  . THR A 1 54  ? -4.046  10.682  -19.911 1.00 19.29 ? 54  THR X CB  1 
ATOM   428  O OG1 . THR A 1 54  ? -4.661  11.363  -18.807 1.00 19.21 ? 54  THR X OG1 1 
ATOM   429  C CG2 . THR A 1 54  ? -2.540  10.560  -19.683 1.00 19.13 ? 54  THR X CG2 1 
ATOM   430  N N   . ASN A 1 55  ? -6.541  12.491  -20.981 1.00 20.27 ? 55  ASN X N   1 
ATOM   431  C CA  . ASN A 1 55  ? -8.005  12.542  -20.886 0.50 20.41 ? 55  ASN X CA  1 
ATOM   432  C C   . ASN A 1 55  ? -8.579  11.378  -20.061 1.00 20.59 ? 55  ASN X C   1 
ATOM   433  O O   . ASN A 1 55  ? -9.548  10.718  -20.469 1.00 21.11 ? 55  ASN X O   1 
ATOM   434  C CB  . ASN A 1 55  ? -8.654  12.622  -22.276 0.50 20.40 ? 55  ASN X CB  1 
ATOM   435  C CG  . ASN A 1 55  ? -10.056 13.224  -22.246 0.50 20.12 ? 55  ASN X CG  1 
ATOM   436  O OD1 . ASN A 1 55  ? -10.564 13.632  -21.198 0.50 20.03 ? 55  ASN X OD1 1 
ATOM   437  N ND2 . ASN A 1 55  ? -10.684 13.286  -23.406 0.50 20.66 ? 55  ASN X ND2 1 
ATOM   438  N N   . GLY A 1 56  ? -7.943  11.120  -18.919 1.00 20.28 ? 56  GLY X N   1 
ATOM   439  C CA  . GLY A 1 56  ? -8.426  10.155  -17.933 1.00 19.84 ? 56  GLY X CA  1 
ATOM   440  C C   . GLY A 1 56  ? -8.231  8.686   -18.234 1.00 19.38 ? 56  GLY X C   1 
ATOM   441  O O   . GLY A 1 56  ? -8.734  7.844   -17.498 1.00 19.41 ? 56  GLY X O   1 
ATOM   442  N N   . VAL A 1 57  ? -7.513  8.377   -19.315 1.00 19.08 ? 57  VAL X N   1 
ATOM   443  C CA  . VAL A 1 57  ? -7.288  7.001   -19.756 1.00 18.81 ? 57  VAL X CA  1 
ATOM   444  C C   . VAL A 1 57  ? -5.796  6.765   -19.983 1.00 18.40 ? 57  VAL X C   1 
ATOM   445  O O   . VAL A 1 57  ? -5.113  7.593   -20.601 1.00 18.22 ? 57  VAL X O   1 
ATOM   446  C CB  . VAL A 1 57  ? -8.087  6.659   -21.051 1.00 19.08 ? 57  VAL X CB  1 
ATOM   447  C CG1 . VAL A 1 57  ? -7.928  5.201   -21.421 1.00 19.94 ? 57  VAL X CG1 1 
ATOM   448  C CG2 . VAL A 1 57  ? -9.583  6.981   -20.880 1.00 19.55 ? 57  VAL X CG2 1 
ATOM   449  N N   . ILE A 1 58  ? -5.295  5.645   -19.458 1.00 17.63 ? 58  ILE X N   1 
ATOM   450  C CA  . ILE A 1 58  ? -3.899  5.230   -19.655 1.00 16.99 ? 58  ILE X CA  1 
ATOM   451  C C   . ILE A 1 58  ? -3.792  3.778   -20.148 1.00 16.64 ? 58  ILE X C   1 
ATOM   452  O O   . ILE A 1 58  ? -4.757  3.010   -20.090 1.00 16.59 ? 58  ILE X O   1 
ATOM   453  C CB  . ILE A 1 58  ? -3.036  5.431   -18.368 1.00 16.85 ? 58  ILE X CB  1 
ATOM   454  C CG1 . ILE A 1 58  ? -3.559  4.565   -17.209 1.00 17.06 ? 58  ILE X CG1 1 
ATOM   455  C CG2 . ILE A 1 58  ? -2.962  6.922   -17.993 1.00 16.95 ? 58  ILE X CG2 1 
ATOM   456  C CD1 . ILE A 1 58  ? -2.605  4.426   -16.035 1.00 16.32 ? 58  ILE X CD1 1 
ATOM   457  N N   . THR A 1 59  ? -2.609  3.404   -20.622 1.00 15.75 ? 59  THR X N   1 
ATOM   458  C CA  . THR A 1 59  ? -2.360  2.044   -21.061 1.00 15.57 ? 59  THR X CA  1 
ATOM   459  C C   . THR A 1 59  ? -1.883  1.171   -19.887 1.00 15.43 ? 59  THR X C   1 
ATOM   460  O O   . THR A 1 59  ? -1.574  1.686   -18.801 1.00 15.39 ? 59  THR X O   1 
ATOM   461  C CB  . THR A 1 59  ? -1.329  2.004   -22.214 1.00 15.43 ? 59  THR X CB  1 
ATOM   462  O OG1 . THR A 1 59  ? -0.053  2.409   -21.716 1.00 14.84 ? 59  THR X OG1 1 
ATOM   463  C CG2 . THR A 1 59  ? -1.749  2.941   -23.369 1.00 15.12 ? 59  THR X CG2 1 
ATOM   464  N N   . LYS A 1 60  ? -1.837  -0.141  -20.109 1.00 15.16 ? 60  LYS X N   1 
ATOM   465  C CA  . LYS A 1 60  ? -1.354  -1.092  -19.101 1.00 15.11 ? 60  LYS X CA  1 
ATOM   466  C C   . LYS A 1 60  ? 0.117   -0.858  -18.769 1.00 14.85 ? 60  LYS X C   1 
ATOM   467  O O   . LYS A 1 60  ? 0.501   -0.910  -17.602 1.00 14.23 ? 60  LYS X O   1 
ATOM   468  C CB  . LYS A 1 60  ? -1.560  -2.537  -19.564 1.00 15.28 ? 60  LYS X CB  1 
ATOM   469  C CG  . LYS A 1 60  ? -1.376  -3.565  -18.458 1.00 15.93 ? 60  LYS X CG  1 
ATOM   470  C CD  . LYS A 1 60  ? -1.635  -4.983  -18.945 1.00 17.70 ? 60  LYS X CD  1 
ATOM   471  C CE  . LYS A 1 60  ? -1.339  -6.009  -17.860 1.00 18.45 ? 60  LYS X CE  1 
ATOM   472  N N   . ASP A 1 61  ? 0.928   -0.596  -19.798 1.00 14.61 ? 61  ASP X N   1 
ATOM   473  C CA  . ASP A 1 61  ? 2.342   -0.266  -19.610 1.00 14.80 ? 61  ASP X CA  1 
ATOM   474  C C   . ASP A 1 61  ? 2.505   0.976   -18.743 1.00 14.29 ? 61  ASP X C   1 
ATOM   475  O O   . ASP A 1 61  ? 3.355   1.010   -17.842 1.00 14.29 ? 61  ASP X O   1 
ATOM   476  C CB  . ASP A 1 61  ? 3.046   -0.061  -20.957 1.00 15.22 ? 61  ASP X CB  1 
ATOM   477  C CG  . ASP A 1 61  ? 3.311   -1.369  -21.686 1.00 17.99 ? 61  ASP X CG  1 
ATOM   478  O OD1 . ASP A 1 61  ? 2.918   -2.441  -21.169 1.00 20.00 ? 61  ASP X OD1 1 
ATOM   479  O OD2 . ASP A 1 61  ? 3.934   -1.329  -22.774 1.00 19.81 ? 61  ASP X OD2 1 
ATOM   480  N N   . GLU A 1 62  ? 1.694   1.995   -19.019 1.00 13.83 ? 62  GLU X N   1 
ATOM   481  C CA  . GLU A 1 62  ? 1.751   3.239   -18.261 1.00 13.31 ? 62  GLU X CA  1 
ATOM   482  C C   . GLU A 1 62  ? 1.338   2.986   -16.809 1.00 13.03 ? 62  GLU X C   1 
ATOM   483  O O   . GLU A 1 62  ? 1.947   3.521   -15.887 1.00 13.22 ? 62  GLU X O   1 
ATOM   484  C CB  . GLU A 1 62  ? 0.877   4.314   -18.906 1.00 12.98 ? 62  GLU X CB  1 
ATOM   485  C CG  . GLU A 1 62  ? 1.415   4.826   -20.245 1.00 13.63 ? 62  GLU X CG  1 
ATOM   486  C CD  . GLU A 1 62  ? 0.459   5.771   -20.963 1.00 13.87 ? 62  GLU X CD  1 
ATOM   487  O OE1 . GLU A 1 62  ? -0.777  5.687   -20.765 1.00 13.19 ? 62  GLU X OE1 1 
ATOM   488  O OE2 . GLU A 1 62  ? 0.949   6.586   -21.760 1.00 15.56 ? 62  GLU X OE2 1 
ATOM   489  N N   . ALA A 1 63  ? 0.313   2.158   -16.619 1.00 12.77 ? 63  ALA X N   1 
ATOM   490  C CA  . ALA A 1 63  ? -0.135  1.781   -15.279 1.00 12.57 ? 63  ALA X CA  1 
ATOM   491  C C   . ALA A 1 63  ? 0.974   1.056   -14.496 1.00 12.29 ? 63  ALA X C   1 
ATOM   492  O O   . ALA A 1 63  ? 1.223   1.360   -13.318 1.00 12.05 ? 63  ALA X O   1 
ATOM   493  C CB  . ALA A 1 63  ? -1.388  0.932   -15.366 1.00 12.53 ? 63  ALA X CB  1 
ATOM   494  N N   . GLU A 1 64  ? 1.651   0.121   -15.160 1.00 11.53 ? 64  GLU X N   1 
ATOM   495  C CA  . GLU A 1 64  ? 2.731   -0.643  -14.540 1.00 11.52 ? 64  GLU X CA  1 
ATOM   496  C C   . GLU A 1 64  ? 3.942   0.244   -14.228 1.00 11.26 ? 64  GLU X C   1 
ATOM   497  O O   . GLU A 1 64  ? 4.615   0.054   -13.210 1.00 11.17 ? 64  GLU X O   1 
ATOM   498  C CB  . GLU A 1 64  ? 3.110   -1.842  -15.418 1.00 11.69 ? 64  GLU X CB  1 
ATOM   499  C CG  . GLU A 1 64  ? 2.047   -2.939  -15.361 1.00 13.32 ? 64  GLU X CG  1 
ATOM   500  C CD  . GLU A 1 64  ? 2.259   -4.057  -16.362 1.00 16.97 ? 64  GLU X CD  1 
ATOM   501  O OE1 . GLU A 1 64  ? 3.085   -3.903  -17.292 1.00 19.06 ? 64  GLU X OE1 1 
ATOM   502  O OE2 . GLU A 1 64  ? 1.573   -5.088  -16.220 1.00 19.01 ? 64  GLU X OE2 1 
ATOM   503  N N   . LYS A 1 65  ? 4.186   1.229   -15.086 1.00 10.97 ? 65  LYS X N   1 
ATOM   504  C CA  . LYS A 1 65  ? 5.253   2.203   -14.838 1.00 11.40 ? 65  LYS X CA  1 
ATOM   505  C C   . LYS A 1 65  ? 4.993   3.004   -13.557 1.00 11.36 ? 65  LYS X C   1 
ATOM   506  O O   . LYS A 1 65  ? 5.884   3.126   -12.711 1.00 11.12 ? 65  LYS X O   1 
ATOM   507  C CB  . LYS A 1 65  ? 5.437   3.124   -16.046 1.00 11.43 ? 65  LYS X CB  1 
ATOM   508  C CG  . LYS A 1 65  ? 6.586   4.121   -15.907 1.00 12.47 ? 65  LYS X CG  1 
ATOM   509  C CD  . LYS A 1 65  ? 6.735   4.908   -17.203 1.00 15.08 ? 65  LYS X CD  1 
ATOM   510  C CE  . LYS A 1 65  ? 7.755   6.037   -17.094 1.00 16.68 ? 65  LYS X CE  1 
ATOM   511  N NZ  . LYS A 1 65  ? 9.164   5.541   -17.057 1.00 15.16 ? 65  LYS X NZ  1 
ATOM   512  N N   . LEU A 1 66  ? 3.776   3.536   -13.397 1.00 11.64 ? 66  LEU X N   1 
ATOM   513  C CA  . LEU A 1 66  ? 3.446   4.273   -12.167 1.00 11.37 ? 66  LEU X CA  1 
ATOM   514  C C   . LEU A 1 66  ? 3.532   3.356   -10.951 1.00 11.36 ? 66  LEU X C   1 
ATOM   515  O O   . LEU A 1 66  ? 4.015   3.758   -9.886  1.00 11.21 ? 66  LEU X O   1 
ATOM   516  C CB  . LEU A 1 66  ? 2.051   4.888   -12.239 1.00 11.50 ? 66  LEU X CB  1 
ATOM   517  C CG  . LEU A 1 66  ? 1.766   5.978   -13.272 1.00 11.67 ? 66  LEU X CG  1 
ATOM   518  C CD1 . LEU A 1 66  ? 0.346   6.482   -13.070 1.00 12.90 ? 66  LEU X CD1 1 
ATOM   519  C CD2 . LEU A 1 66  ? 2.786   7.132   -13.179 1.00 12.09 ? 66  LEU X CD2 1 
ATOM   520  N N   . PHE A 1 67  ? 3.064   2.124   -11.127 1.00 11.36 ? 67  PHE X N   1 
ATOM   521  C CA  . PHE A 1 67  ? 3.089   1.109   -10.069 1.00 11.85 ? 67  PHE X CA  1 
ATOM   522  C C   . PHE A 1 67  ? 4.510   0.832   -9.571  1.00 12.09 ? 67  PHE X C   1 
ATOM   523  O O   . PHE A 1 67  ? 4.753   0.790   -8.364  1.00 12.05 ? 67  PHE X O   1 
ATOM   524  C CB  . PHE A 1 67  ? 2.424   -0.184  -10.562 1.00 11.54 ? 67  PHE X CB  1 
ATOM   525  C CG  . PHE A 1 67  ? 2.323   -1.268  -9.513  1.00 11.62 ? 67  PHE X CG  1 
ATOM   526  C CD1 . PHE A 1 67  ? 1.880   -0.977  -8.217  1.00 10.99 ? 67  PHE X CD1 1 
ATOM   527  C CD2 . PHE A 1 67  ? 2.628   -2.593  -9.836  1.00 11.41 ? 67  PHE X CD2 1 
ATOM   528  C CE1 . PHE A 1 67  ? 1.759   -1.986  -7.252  1.00 11.36 ? 67  PHE X CE1 1 
ATOM   529  C CE2 . PHE A 1 67  ? 2.513   -3.606  -8.882  1.00 12.83 ? 67  PHE X CE2 1 
ATOM   530  C CZ  . PHE A 1 67  ? 2.074   -3.297  -7.584  1.00 11.55 ? 67  PHE X CZ  1 
ATOM   531  N N   . ASN A 1 68  ? 5.449   0.659   -10.499 1.00 12.64 ? 68  ASN X N   1 
ATOM   532  C CA  . ASN A 1 68  ? 6.850   0.447   -10.131 1.00 13.02 ? 68  ASN X CA  1 
ATOM   533  C C   . ASN A 1 68  ? 7.410   1.642   -9.352  1.00 12.79 ? 68  ASN X C   1 
ATOM   534  O O   . ASN A 1 68  ? 8.122   1.472   -8.364  1.00 12.72 ? 68  ASN X O   1 
ATOM   535  C CB  . ASN A 1 68  ? 7.697   0.162   -11.374 1.00 13.69 ? 68  ASN X CB  1 
ATOM   536  C CG  . ASN A 1 68  ? 9.077   -0.422  -11.041 1.00 15.94 ? 68  ASN X CG  1 
ATOM   537  O OD1 . ASN A 1 68  ? 9.564   -0.330  -9.904  1.00 19.21 ? 68  ASN X OD1 1 
ATOM   538  N ND2 . ASN A 1 68  ? 9.722   -1.011  -12.044 1.00 19.38 ? 68  ASN X ND2 1 
ATOM   539  N N   . GLN A 1 69  ? 7.071   2.848   -9.802  1.00 12.02 ? 69  GLN X N   1 
ATOM   540  C CA  . GLN A 1 69  ? 7.512   4.065   -9.143  1.00 11.53 ? 69  GLN X CA  1 
ATOM   541  C C   . GLN A 1 69  ? 6.958   4.145   -7.729  1.00 11.34 ? 69  GLN X C   1 
ATOM   542  O O   . GLN A 1 69  ? 7.687   4.469   -6.805  1.00 10.86 ? 69  GLN X O   1 
ATOM   543  C CB  . GLN A 1 69  ? 7.089   5.289   -9.954  1.00 11.53 ? 69  GLN X CB  1 
ATOM   544  C CG  . GLN A 1 69  ? 7.817   5.381   -11.278 1.00 10.87 ? 69  GLN X CG  1 
ATOM   545  C CD  . GLN A 1 69  ? 7.495   6.617   -12.081 1.00 11.23 ? 69  GLN X CD  1 
ATOM   546  O OE1 . GLN A 1 69  ? 8.195   6.919   -13.045 1.00 10.95 ? 69  GLN X OE1 1 
ATOM   547  N NE2 . GLN A 1 69  ? 6.438   7.337   -11.704 1.00 12.28 ? 69  GLN X NE2 1 
ATOM   548  N N   . ASP A 1 70  ? 5.670   3.817   -7.581  1.00 11.57 ? 70  ASP X N   1 
ATOM   549  C CA  . ASP A 1 70  ? 4.964   3.852   -6.306  1.00 11.96 ? 70  ASP X CA  1 
ATOM   550  C C   . ASP A 1 70  ? 5.491   2.833   -5.295  1.00 12.30 ? 70  ASP X C   1 
ATOM   551  O O   . ASP A 1 70  ? 5.645   3.160   -4.111  1.00 12.64 ? 70  ASP X O   1 
ATOM   552  C CB  . ASP A 1 70  ? 3.456   3.641   -6.517  1.00 11.48 ? 70  ASP X CB  1 
ATOM   553  C CG  . ASP A 1 70  ? 2.791   4.800   -7.246  1.00 12.55 ? 70  ASP X CG  1 
ATOM   554  O OD1 . ASP A 1 70  ? 3.399   5.886   -7.367  1.00 12.03 ? 70  ASP X OD1 1 
ATOM   555  O OD2 . ASP A 1 70  ? 1.642   4.620   -7.701  1.00 12.94 ? 70  ASP X OD2 1 
ATOM   556  N N   . VAL A 1 71  ? 5.770   1.611   -5.749  1.00 12.62 ? 71  VAL X N   1 
ATOM   557  C CA  . VAL A 1 71  ? 6.388   0.597   -4.870  1.00 13.25 ? 71  VAL X CA  1 
ATOM   558  C C   . VAL A 1 71  ? 7.770   1.084   -4.418  1.00 14.02 ? 71  VAL X C   1 
ATOM   559  O O   . VAL A 1 71  ? 8.098   1.068   -3.221  1.00 13.95 ? 71  VAL X O   1 
ATOM   560  C CB  . VAL A 1 71  ? 6.493   -0.794  -5.558  1.00 13.24 ? 71  VAL X CB  1 
ATOM   561  C CG1 . VAL A 1 71  ? 7.340   -1.762  -4.713  1.00 12.52 ? 71  VAL X CG1 1 
ATOM   562  C CG2 . VAL A 1 71  ? 5.098   -1.380  -5.810  1.00 13.27 ? 71  VAL X CG2 1 
ATOM   563  N N   . ASP A 1 72  ? 8.559   1.540   -5.390  1.00 14.75 ? 72  ASP X N   1 
ATOM   564  C CA  . ASP A 1 72  ? 9.888   2.096   -5.137  1.00 15.58 ? 72  ASP X CA  1 
ATOM   565  C C   . ASP A 1 72  ? 9.809   3.211   -4.083  1.00 15.59 ? 72  ASP X C   1 
ATOM   566  O O   . ASP A 1 72  ? 10.518  3.172   -3.078  1.00 15.44 ? 72  ASP X O   1 
ATOM   567  C CB  . ASP A 1 72  ? 10.477  2.612   -6.459  1.00 16.03 ? 72  ASP X CB  1 
ATOM   568  C CG  . ASP A 1 72  ? 11.984  2.742   -6.431  1.00 18.63 ? 72  ASP X CG  1 
ATOM   569  O OD1 . ASP A 1 72  ? 12.627  2.203   -5.507  1.00 22.38 ? 72  ASP X OD1 1 
ATOM   570  O OD2 . ASP A 1 72  ? 12.533  3.395   -7.347  1.00 20.91 ? 72  ASP X OD2 1 
ATOM   571  N N   . ALA A 1 73  ? 8.923   4.180   -4.313  1.00 15.83 ? 73  ALA X N   1 
ATOM   572  C CA  . ALA A 1 73  ? 8.671   5.281   -3.379  1.00 16.16 ? 73  ALA X CA  1 
ATOM   573  C C   . ALA A 1 73  ? 8.287   4.840   -1.960  1.00 16.14 ? 73  ALA X C   1 
ATOM   574  O O   . ALA A 1 73  ? 8.755   5.428   -0.974  1.00 16.19 ? 73  ALA X O   1 
ATOM   575  C CB  . ALA A 1 73  ? 7.599   6.237   -3.954  1.00 16.38 ? 73  ALA X CB  1 
ATOM   576  N N   . ALA A 1 74  ? 7.429   3.827   -1.858  1.00 15.97 ? 74  ALA X N   1 
ATOM   577  C CA  . ALA A 1 74  ? 6.986   3.312   -0.556  1.00 15.51 ? 74  ALA X CA  1 
ATOM   578  C C   . ALA A 1 74  ? 8.149   2.717   0.253   1.00 15.73 ? 74  ALA X C   1 
ATOM   579  O O   . ALA A 1 74  ? 8.309   3.018   1.443   1.00 15.25 ? 74  ALA X O   1 
ATOM   580  C CB  . ALA A 1 74  ? 5.878   2.292   -0.745  1.00 15.43 ? 74  ALA X CB  1 
ATOM   581  N N   . VAL A 1 75  ? 8.957   1.880   -0.399  1.00 15.79 ? 75  VAL X N   1 
ATOM   582  C CA  . VAL A 1 75  ? 10.168  1.320   0.215   1.00 16.44 ? 75  VAL X CA  1 
ATOM   583  C C   . VAL A 1 75  ? 11.127  2.433   0.636   1.00 16.75 ? 75  VAL X C   1 
ATOM   584  O O   . VAL A 1 75  ? 11.567  2.477   1.784   1.00 16.48 ? 75  VAL X O   1 
ATOM   585  C CB  . VAL A 1 75  ? 10.912  0.349   -0.742  1.00 16.71 ? 75  VAL X CB  1 
ATOM   586  C CG1 . VAL A 1 75  ? 12.170  -0.243  -0.055  1.00 17.29 ? 75  VAL X CG1 1 
ATOM   587  C CG2 . VAL A 1 75  ? 9.991   -0.754  -1.200  1.00 16.13 ? 75  VAL X CG2 1 
ATOM   588  N N   . ARG A 1 76  ? 11.441  3.331   -0.297  1.00 17.29 ? 76  ARG X N   1 
ATOM   589  C CA  . ARG A 1 76  ? 12.393  4.407   -0.018  1.00 18.41 ? 76  ARG X CA  1 
ATOM   590  C C   . ARG A 1 76  ? 11.909  5.294   1.125   1.00 18.71 ? 76  ARG X C   1 
ATOM   591  O O   . ARG A 1 76  ? 12.712  5.723   1.955   1.00 19.61 ? 76  ARG X O   1 
ATOM   592  C CB  . ARG A 1 76  ? 12.745  5.205   -1.287  1.00 18.45 ? 76  ARG X CB  1 
ATOM   593  C CG  . ARG A 1 76  ? 13.656  4.422   -2.255  0.50 19.24 ? 76  ARG X CG  1 
ATOM   594  C CD  . ARG A 1 76  ? 14.359  5.320   -3.288  0.50 20.15 ? 76  ARG X CD  1 
ATOM   595  N NE  . ARG A 1 76  ? 15.807  5.550   -3.095  0.50 20.20 ? 76  ARG X NE  1 
ATOM   596  C CZ  . ARG A 1 76  ? 16.507  5.418   -1.961  0.50 20.30 ? 76  ARG X CZ  1 
ATOM   597  N NH1 . ARG A 1 76  ? 15.935  5.046   -0.821  0.50 20.25 ? 76  ARG X NH1 1 
ATOM   598  N NH2 . ARG A 1 76  ? 17.810  5.675   -1.969  0.50 19.43 ? 76  ARG X NH2 1 
ATOM   599  N N   . GLY A 1 77  ? 10.597  5.520   1.190   1.00 18.87 ? 77  GLY X N   1 
ATOM   600  C CA  . GLY A 1 77  ? 9.970   6.221   2.317   1.00 18.80 ? 77  GLY X CA  1 
ATOM   601  C C   . GLY A 1 77  ? 10.144  5.533   3.667   1.00 18.68 ? 77  GLY X C   1 
ATOM   602  O O   . GLY A 1 77  ? 10.481  6.181   4.672   1.00 18.57 ? 77  GLY X O   1 
ATOM   603  N N   . ILE A 1 78  ? 9.907   4.222   3.692   1.00 18.15 ? 78  ILE X N   1 
ATOM   604  C CA  . ILE A 1 78  ? 10.137  3.403   4.878   1.00 18.12 ? 78  ILE X CA  1 
ATOM   605  C C   . ILE A 1 78  ? 11.564  3.582   5.390   1.00 18.52 ? 78  ILE X C   1 
ATOM   606  O O   . ILE A 1 78  ? 11.772  3.833   6.580   1.00 18.45 ? 78  ILE X O   1 
ATOM   607  C CB  . ILE A 1 78  ? 9.838   1.903   4.608   1.00 17.68 ? 78  ILE X CB  1 
ATOM   608  C CG1 . ILE A 1 78  ? 8.323   1.665   4.561   1.00 16.75 ? 78  ILE X CG1 1 
ATOM   609  C CG2 . ILE A 1 78  ? 10.465  1.025   5.680   1.00 17.26 ? 78  ILE X CG2 1 
ATOM   610  C CD1 . ILE A 1 78  ? 7.907   0.336   3.920   1.00 14.57 ? 78  ILE X CD1 1 
ATOM   611  N N   . LEU A 1 79  ? 12.537  3.480   4.482   1.00 18.93 ? 79  LEU X N   1 
ATOM   612  C CA  . LEU A 1 79  ? 13.956  3.563   4.855   1.00 19.51 ? 79  LEU X CA  1 
ATOM   613  C C   . LEU A 1 79  ? 14.381  4.964   5.324   1.00 19.95 ? 79  LEU X C   1 
ATOM   614  O O   . LEU A 1 79  ? 15.341  5.100   6.089   1.00 20.11 ? 79  LEU X O   1 
ATOM   615  C CB  . LEU A 1 79  ? 14.862  3.048   3.720   1.00 19.65 ? 79  LEU X CB  1 
ATOM   616  C CG  . LEU A 1 79  ? 14.598  1.632   3.178   1.00 19.99 ? 79  LEU X CG  1 
ATOM   617  C CD1 . LEU A 1 79  ? 15.507  1.302   1.999   1.00 22.00 ? 79  LEU X CD1 1 
ATOM   618  C CD2 . LEU A 1 79  ? 14.717  0.561   4.260   1.00 20.13 ? 79  LEU X CD2 1 
ATOM   619  N N   . ARG A 1 80  ? 13.651  5.994   4.891   1.00 19.85 ? 80  ARG X N   1 
ATOM   620  C CA  . ARG A 1 80  ? 13.931  7.360   5.331   1.00 20.16 ? 80  ARG X CA  1 
ATOM   621  C C   . ARG A 1 80  ? 13.210  7.712   6.620   1.00 20.16 ? 80  ARG X C   1 
ATOM   622  O O   . ARG A 1 80  ? 13.503  8.742   7.232   1.00 20.06 ? 80  ARG X O   1 
ATOM   623  C CB  . ARG A 1 80  ? 13.575  8.366   4.237   1.00 20.22 ? 80  ARG X CB  1 
ATOM   624  C CG  . ARG A 1 80  ? 14.686  8.536   3.245   1.00 22.00 ? 80  ARG X CG  1 
ATOM   625  C CD  . ARG A 1 80  ? 14.206  9.199   1.972   1.00 24.90 ? 80  ARG X CD  1 
ATOM   626  N NE  . ARG A 1 80  ? 15.240  9.074   0.950   1.00 26.24 ? 80  ARG X NE  1 
ATOM   627  C CZ  . ARG A 1 80  ? 15.006  8.912   -0.346  1.00 27.66 ? 80  ARG X CZ  1 
ATOM   628  N NH1 . ARG A 1 80  ? 13.761  8.848   -0.802  1.00 28.25 ? 80  ARG X NH1 1 
ATOM   629  N NH2 . ARG A 1 80  ? 16.031  8.808   -1.189  1.00 30.10 ? 80  ARG X NH2 1 
ATOM   630  N N   . ASN A 1 81  ? 12.267  6.861   7.024   1.00 19.59 ? 81  ASN X N   1 
ATOM   631  C CA  . ASN A 1 81  ? 11.487  7.093   8.225   1.00 19.33 ? 81  ASN X CA  1 
ATOM   632  C C   . ASN A 1 81  ? 12.168  6.495   9.450   1.00 19.04 ? 81  ASN X C   1 
ATOM   633  O O   . ASN A 1 81  ? 12.419  5.290   9.508   1.00 19.19 ? 81  ASN X O   1 
ATOM   634  C CB  . ASN A 1 81  ? 10.063  6.544   8.060   1.00 19.52 ? 81  ASN X CB  1 
ATOM   635  C CG  . ASN A 1 81  ? 9.116   7.034   9.145   1.00 19.76 ? 81  ASN X CG  1 
ATOM   636  O OD1 . ASN A 1 81  ? 9.251   6.679   10.319  1.00 20.98 ? 81  ASN X OD1 1 
ATOM   637  N ND2 . ASN A 1 81  ? 8.134   7.836   8.751   1.00 19.70 ? 81  ASN X ND2 1 
ATOM   638  N N   . ALA A 1 82  ? 12.451  7.344   10.432  1.00 18.56 ? 82  ALA X N   1 
ATOM   639  C CA  . ALA A 1 82  ? 13.170  6.937   11.642  1.00 18.37 ? 82  ALA X CA  1 
ATOM   640  C C   . ALA A 1 82  ? 12.420  5.925   12.507  1.00 18.09 ? 82  ALA X C   1 
ATOM   641  O O   . ALA A 1 82  ? 13.046  5.151   13.226  1.00 18.30 ? 82  ALA X O   1 
ATOM   642  C CB  . ALA A 1 82  ? 13.553  8.163   12.474  1.00 18.28 ? 82  ALA X CB  1 
ATOM   643  N N   . LYS A 1 83  ? 11.086  5.941   12.447  1.00 17.99 ? 83  LYS X N   1 
ATOM   644  C CA  . LYS A 1 83  ? 10.271  4.987   13.197  1.00 17.93 ? 83  LYS X CA  1 
ATOM   645  C C   . LYS A 1 83  ? 10.099  3.669   12.442  1.00 17.51 ? 83  LYS X C   1 
ATOM   646  O O   . LYS A 1 83  ? 10.109  2.596   13.047  1.00 18.38 ? 83  LYS X O   1 
ATOM   647  C CB  . LYS A 1 83  ? 8.902   5.580   13.551  1.00 18.12 ? 83  LYS X CB  1 
ATOM   648  C CG  . LYS A 1 83  ? 8.929   6.596   14.693  1.00 18.86 ? 83  LYS X CG  1 
ATOM   649  C CD  . LYS A 1 83  ? 7.532   7.079   15.045  0.50 17.75 ? 83  LYS X CD  1 
ATOM   650  N N   . LEU A 1 84  ? 9.965   3.753   11.123  1.00 16.44 ? 84  LEU X N   1 
ATOM   651  C CA  . LEU A 1 84  ? 9.692   2.577   10.298  1.00 15.69 ? 84  LEU X CA  1 
ATOM   652  C C   . LEU A 1 84  ? 10.925  1.754   9.961   1.00 15.00 ? 84  LEU X C   1 
ATOM   653  O O   . LEU A 1 84  ? 10.861  0.530   9.931   1.00 14.66 ? 84  LEU X O   1 
ATOM   654  C CB  . LEU A 1 84  ? 8.963   2.969   9.004   1.00 15.40 ? 84  LEU X CB  1 
ATOM   655  C CG  . LEU A 1 84  ? 7.610   3.674   9.167   1.00 15.86 ? 84  LEU X CG  1 
ATOM   656  C CD1 . LEU A 1 84  ? 6.941   3.902   7.806   1.00 16.02 ? 84  LEU X CD1 1 
ATOM   657  C CD2 . LEU A 1 84  ? 6.702   2.875   10.093  1.00 15.94 ? 84  LEU X CD2 1 
ATOM   658  N N   . LYS A 1 85  ? 12.034  2.434   9.690   1.00 14.83 ? 85  LYS X N   1 
ATOM   659  C CA  . LYS A 1 85  ? 13.253  1.767   9.234   1.00 14.51 ? 85  LYS X CA  1 
ATOM   660  C C   . LYS A 1 85  ? 13.755  0.628   10.143  1.00 14.04 ? 85  LYS X C   1 
ATOM   661  O O   . LYS A 1 85  ? 13.990  -0.475  9.650   1.00 14.30 ? 85  LYS X O   1 
ATOM   662  C CB  . LYS A 1 85  ? 14.363  2.782   8.949   1.00 14.69 ? 85  LYS X CB  1 
ATOM   663  C CG  . LYS A 1 85  ? 15.590  2.176   8.291   1.00 15.03 ? 85  LYS X CG  1 
ATOM   664  C CD  . LYS A 1 85  ? 16.781  3.099   8.467   1.00 17.66 ? 85  LYS X CD  1 
ATOM   665  C CE  . LYS A 1 85  ? 17.923  2.741   7.535   1.00 17.22 ? 85  LYS X CE  1 
ATOM   666  N NZ  . LYS A 1 85  ? 18.300  1.316   7.652   1.00 19.19 ? 85  LYS X NZ  1 
ATOM   667  N N   . PRO A 1 86  ? 13.927  0.882   11.461  1.00 13.73 ? 86  PRO X N   1 
ATOM   668  C CA  . PRO A 1 86  ? 14.425  -0.227  12.292  1.00 13.58 ? 86  PRO X CA  1 
ATOM   669  C C   . PRO A 1 86  ? 13.467  -1.430  12.352  1.00 13.24 ? 86  PRO X C   1 
ATOM   670  O O   . PRO A 1 86  ? 13.915  -2.571  12.445  1.00 13.64 ? 86  PRO X O   1 
ATOM   671  C CB  . PRO A 1 86  ? 14.593  0.407   13.681  1.00 13.68 ? 86  PRO X CB  1 
ATOM   672  C CG  . PRO A 1 86  ? 13.716  1.623   13.667  1.00 14.14 ? 86  PRO X CG  1 
ATOM   673  C CD  . PRO A 1 86  ? 13.718  2.114   12.249  1.00 13.80 ? 86  PRO X CD  1 
ATOM   674  N N   . VAL A 1 87  ? 12.165  -1.178  12.299  1.00 12.84 ? 87  VAL X N   1 
ATOM   675  C CA  . VAL A 1 87  ? 11.193  -2.260  12.313  1.00 12.58 ? 87  VAL X CA  1 
ATOM   676  C C   . VAL A 1 87  ? 11.299  -3.044  10.999  1.00 12.41 ? 87  VAL X C   1 
ATOM   677  O O   . VAL A 1 87  ? 11.406  -4.270  11.005  1.00 11.83 ? 87  VAL X O   1 
ATOM   678  C CB  . VAL A 1 87  ? 9.753   -1.746  12.573  1.00 12.84 ? 87  VAL X CB  1 
ATOM   679  C CG1 . VAL A 1 87  ? 8.748   -2.903  12.527  1.00 12.08 ? 87  VAL X CG1 1 
ATOM   680  C CG2 . VAL A 1 87  ? 9.679   -1.034  13.937  1.00 12.58 ? 87  VAL X CG2 1 
ATOM   681  N N   . TYR A 1 88  ? 11.317  -2.317  9.883   1.00 12.10 ? 88  TYR X N   1 
ATOM   682  C CA  . TYR A 1 88  ? 11.460  -2.918  8.554   1.00 11.92 ? 88  TYR X CA  1 
ATOM   683  C C   . TYR A 1 88  ? 12.722  -3.770  8.449   1.00 12.21 ? 88  TYR X C   1 
ATOM   684  O O   . TYR A 1 88  ? 12.684  -4.915  7.964   1.00 12.20 ? 88  TYR X O   1 
ATOM   685  C CB  . TYR A 1 88  ? 11.486  -1.807  7.493   1.00 11.80 ? 88  TYR X CB  1 
ATOM   686  C CG  . TYR A 1 88  ? 11.557  -2.305  6.069   1.00 12.31 ? 88  TYR X CG  1 
ATOM   687  C CD1 . TYR A 1 88  ? 10.399  -2.699  5.387   1.00 12.83 ? 88  TYR X CD1 1 
ATOM   688  C CD2 . TYR A 1 88  ? 12.776  -2.383  5.402   1.00 12.64 ? 88  TYR X CD2 1 
ATOM   689  C CE1 . TYR A 1 88  ? 10.462  -3.163  4.068   1.00 12.92 ? 88  TYR X CE1 1 
ATOM   690  C CE2 . TYR A 1 88  ? 12.852  -2.840  4.094   1.00 14.27 ? 88  TYR X CE2 1 
ATOM   691  C CZ  . TYR A 1 88  ? 11.691  -3.226  3.432   1.00 14.31 ? 88  TYR X CZ  1 
ATOM   692  O OH  . TYR A 1 88  ? 11.777  -3.683  2.133   1.00 14.97 ? 88  TYR X OH  1 
ATOM   693  N N   . ASP A 1 89  ? 13.840  -3.210  8.906   1.00 12.06 ? 89  ASP X N   1 
ATOM   694  C CA  . ASP A 1 89  ? 15.126  -3.891  8.839   1.00 12.61 ? 89  ASP X CA  1 
ATOM   695  C C   . ASP A 1 89  ? 15.162  -5.173  9.656   1.00 12.52 ? 89  ASP X C   1 
ATOM   696  O O   . ASP A 1 89  ? 15.833  -6.125  9.265   1.00 12.59 ? 89  ASP X O   1 
ATOM   697  C CB  . ASP A 1 89  ? 16.257  -2.959  9.267   1.00 12.99 ? 89  ASP X CB  1 
ATOM   698  C CG  . ASP A 1 89  ? 16.684  -2.011  8.157   1.00 13.85 ? 89  ASP X CG  1 
ATOM   699  O OD1 . ASP A 1 89  ? 16.331  -2.246  6.985   1.00 15.50 ? 89  ASP X OD1 1 
ATOM   700  O OD2 . ASP A 1 89  ? 17.385  -1.027  8.459   1.00 16.27 ? 89  ASP X OD2 1 
ATOM   701  N N   . SER A 1 90  ? 14.414  -5.195  10.762  1.00 12.24 ? 90  SER X N   1 
ATOM   702  C CA  . SER A 1 90  ? 14.339  -6.354  11.662  1.00 11.85 ? 90  SER X CA  1 
ATOM   703  C C   . SER A 1 90  ? 13.549  -7.537  11.064  1.00 11.86 ? 90  SER X C   1 
ATOM   704  O O   . SER A 1 90  ? 13.658  -8.678  11.536  1.00 11.80 ? 90  SER X O   1 
ATOM   705  C CB  . SER A 1 90  ? 13.714  -5.934  12.995  1.00 11.74 ? 90  SER X CB  1 
ATOM   706  O OG  . SER A 1 90  ? 12.294  -5.887  12.915  1.00 10.85 ? 90  SER X OG  1 
ATOM   707  N N   . LEU A 1 91  ? 12.749  -7.247  10.038  1.00 11.36 ? 91  LEU X N   1 
ATOM   708  C CA  . LEU A 1 91  ? 11.834  -8.213  9.439   1.00 11.35 ? 91  LEU X CA  1 
ATOM   709  C C   . LEU A 1 91  ? 12.518  -9.047  8.359   1.00 11.39 ? 91  LEU X C   1 
ATOM   710  O O   . LEU A 1 91  ? 13.526  -8.620  7.780   1.00 11.47 ? 91  LEU X O   1 
ATOM   711  C CB  . LEU A 1 91  ? 10.597  -7.502  8.843   1.00 11.32 ? 91  LEU X CB  1 
ATOM   712  C CG  . LEU A 1 91  ? 9.645   -6.708  9.761   1.00 10.92 ? 91  LEU X CG  1 
ATOM   713  C CD1 . LEU A 1 91  ? 8.641   -5.920  8.925   1.00 11.69 ? 91  LEU X CD1 1 
ATOM   714  C CD2 . LEU A 1 91  ? 8.921   -7.616  10.751  1.00 10.12 ? 91  LEU X CD2 1 
ATOM   715  N N   . ASP A 1 92  ? 11.975  -10.242 8.124   1.00 10.90 ? 92  ASP X N   1 
ATOM   716  C CA  . ASP A 1 92  ? 12.292  -11.081 6.946   1.00 10.91 ? 92  ASP X CA  1 
ATOM   717  C C   . ASP A 1 92  ? 11.616  -10.524 5.690   1.00 10.48 ? 92  ASP X C   1 
ATOM   718  O O   . ASP A 1 92  ? 10.738  -9.675  5.793   1.00 9.80  ? 92  ASP X O   1 
ATOM   719  C CB  . ASP A 1 92  ? 11.744  -12.491 7.157   1.00 10.80 ? 92  ASP X CB  1 
ATOM   720  C CG  . ASP A 1 92  ? 10.250  -12.486 7.415   1.00 11.15 ? 92  ASP X CG  1 
ATOM   721  O OD1 . ASP A 1 92  ? 9.860   -12.234 8.570   1.00 12.44 ? 92  ASP X OD1 1 
ATOM   722  O OD2 . ASP A 1 92  ? 9.469   -12.707 6.463   1.00 12.06 ? 92  ASP X OD2 1 
ATOM   723  N N   . ALA A 1 93  ? 11.992  -11.059 4.525   1.00 10.35 ? 93  ALA X N   1 
ATOM   724  C CA  . ALA A 1 93  ? 11.510  -10.564 3.232   1.00 10.35 ? 93  ALA X CA  1 
ATOM   725  C C   . ALA A 1 93  ? 9.993   -10.650 3.010   1.00 10.08 ? 93  ALA X C   1 
ATOM   726  O O   . ALA A 1 93  ? 9.417   -9.772  2.366   1.00 10.19 ? 93  ALA X O   1 
ATOM   727  C CB  . ALA A 1 93  ? 12.266  -11.232 2.079   1.00 10.26 ? 93  ALA X CB  1 
ATOM   728  N N   . VAL A 1 94  ? 9.354   -11.694 3.529   1.00 10.31 ? 94  VAL X N   1 
ATOM   729  C CA  . VAL A 1 94  ? 7.890   -11.855 3.379   1.00 9.88  ? 94  VAL X CA  1 
ATOM   730  C C   . VAL A 1 94  ? 7.155   -10.773 4.177   1.00 10.24 ? 94  VAL X C   1 
ATOM   731  O O   . VAL A 1 94  ? 6.310   -10.062 3.630   1.00 9.74  ? 94  VAL X O   1 
ATOM   732  C CB  . VAL A 1 94  ? 7.389   -13.297 3.720   1.00 10.26 ? 94  VAL X CB  1 
ATOM   733  C CG1 . VAL A 1 94  ? 5.847   -13.394 3.586   1.00 9.99  ? 94  VAL X CG1 1 
ATOM   734  C CG2 . VAL A 1 94  ? 8.056   -14.323 2.809   1.00 9.57  ? 94  VAL X CG2 1 
ATOM   735  N N   . ARG A 1 95  ? 7.509   -10.621 5.453   1.00 10.16 ? 95  ARG X N   1 
ATOM   736  C CA  . ARG A 1 95  ? 6.912   -9.574  6.294   1.00 10.15 ? 95  ARG X CA  1 
ATOM   737  C C   . ARG A 1 95  ? 7.257   -8.151  5.847   1.00 10.25 ? 95  ARG X C   1 
ATOM   738  O O   . ARG A 1 95  ? 6.448   -7.249  6.007   1.00 10.27 ? 95  ARG X O   1 
ATOM   739  C CB  . ARG A 1 95  ? 7.264   -9.789  7.767   1.00 10.02 ? 95  ARG X CB  1 
ATOM   740  C CG  . ARG A 1 95  ? 6.659   -11.080 8.322   1.00 9.64  ? 95  ARG X CG  1 
ATOM   741  C CD  . ARG A 1 95  ? 7.014   -11.258 9.773   1.00 10.40 ? 95  ARG X CD  1 
ATOM   742  N NE  . ARG A 1 95  ? 6.279   -12.355 10.401  1.00 9.56  ? 95  ARG X NE  1 
ATOM   743  C CZ  . ARG A 1 95  ? 6.757   -13.583 10.570  1.00 10.13 ? 95  ARG X CZ  1 
ATOM   744  N NH1 . ARG A 1 95  ? 7.977   -13.895 10.134  1.00 10.97 ? 95  ARG X NH1 1 
ATOM   745  N NH2 . ARG A 1 95  ? 6.010   -14.507 11.163  1.00 8.42  ? 95  ARG X NH2 1 
ATOM   746  N N   . ARG A 1 96  ? 8.449   -7.960  5.284   1.00 10.26 ? 96  ARG X N   1 
ATOM   747  C CA  . ARG A 1 96  ? 8.804   -6.688  4.659   1.00 10.55 ? 96  ARG X CA  1 
ATOM   748  C C   . ARG A 1 96  ? 7.807   -6.287  3.570   1.00 10.54 ? 96  ARG X C   1 
ATOM   749  O O   . ARG A 1 96  ? 7.476   -5.113  3.438   1.00 10.64 ? 96  ARG X O   1 
ATOM   750  C CB  . ARG A 1 96  ? 10.231  -6.729  4.098   1.00 10.20 ? 96  ARG X CB  1 
ATOM   751  C CG  . ARG A 1 96  ? 11.305  -6.575  5.176   1.00 10.93 ? 96  ARG X CG  1 
ATOM   752  C CD  . ARG A 1 96  ? 12.701  -6.525  4.580   1.00 12.76 ? 96  ARG X CD  1 
ATOM   753  N NE  . ARG A 1 96  ? 13.717  -6.478  5.629   1.00 13.20 ? 96  ARG X NE  1 
ATOM   754  C CZ  . ARG A 1 96  ? 15.029  -6.585  5.419   1.00 15.91 ? 96  ARG X CZ  1 
ATOM   755  N NH1 . ARG A 1 96  ? 15.507  -6.761  4.192   1.00 16.40 ? 96  ARG X NH1 1 
ATOM   756  N NH2 . ARG A 1 96  ? 15.870  -6.529  6.443   1.00 14.97 ? 96  ARG X NH2 1 
ATOM   757  N N   . ALA A 1 97  ? 7.340   -7.260  2.792   1.00 10.75 ? 97  ALA X N   1 
ATOM   758  C CA  . ALA A 1 97  ? 6.317   -7.003  1.778   1.00 11.11 ? 97  ALA X CA  1 
ATOM   759  C C   . ALA A 1 97  ? 4.995   -6.544  2.401   1.00 11.01 ? 97  ALA X C   1 
ATOM   760  O O   . ALA A 1 97  ? 4.340   -5.638  1.885   1.00 11.03 ? 97  ALA X O   1 
ATOM   761  C CB  . ALA A 1 97  ? 6.114   -8.227  0.903   1.00 11.17 ? 97  ALA X CB  1 
ATOM   762  N N   . ALA A 1 98  ? 4.631   -7.148  3.529   1.00 10.75 ? 98  ALA X N   1 
ATOM   763  C CA  . ALA A 1 98  ? 3.442   -6.731  4.275   1.00 10.46 ? 98  ALA X CA  1 
ATOM   764  C C   . ALA A 1 98  ? 3.565   -5.283  4.758   1.00 10.15 ? 98  ALA X C   1 
ATOM   765  O O   . ALA A 1 98  ? 2.594   -4.524  4.706   1.00 9.54  ? 98  ALA X O   1 
ATOM   766  C CB  . ALA A 1 98  ? 3.193   -7.665  5.446   1.00 10.25 ? 98  ALA X CB  1 
ATOM   767  N N   . ALA A 1 99  ? 4.761   -4.917  5.228   1.00 10.01 ? 99  ALA X N   1 
ATOM   768  C CA  . ALA A 1 99  ? 5.055   -3.543  5.635   1.00 10.29 ? 99  ALA X CA  1 
ATOM   769  C C   . ALA A 1 99  ? 4.943   -2.563  4.472   1.00 10.26 ? 99  ALA X C   1 
ATOM   770  O O   . ALA A 1 99  ? 4.364   -1.490  4.632   1.00 10.29 ? 99  ALA X O   1 
ATOM   771  C CB  . ALA A 1 99  ? 6.452   -3.455  6.273   1.00 10.60 ? 99  ALA X CB  1 
ATOM   772  N N   . ILE A 1 100 ? 5.498   -2.929  3.314   1.00 10.14 ? 100 ILE X N   1 
ATOM   773  C CA  . ILE A 1 100 ? 5.375   -2.093  2.107   1.00 10.20 ? 100 ILE X CA  1 
ATOM   774  C C   . ILE A 1 100 ? 3.897   -1.940  1.713   1.00 10.22 ? 100 ILE X C   1 
ATOM   775  O O   . ILE A 1 100 ? 3.439   -0.823  1.446   1.00 10.00 ? 100 ILE X O   1 
ATOM   776  C CB  . ILE A 1 100 ? 6.225   -2.619  0.910   1.00 10.42 ? 100 ILE X CB  1 
ATOM   777  C CG1 . ILE A 1 100 ? 7.723   -2.642  1.262   1.00 10.37 ? 100 ILE X CG1 1 
ATOM   778  C CG2 . ILE A 1 100 ? 6.013   -1.740  -0.347  1.00 9.50  ? 100 ILE X CG2 1 
ATOM   779  C CD1 . ILE A 1 100 ? 8.525   -3.696  0.478   1.00 10.73 ? 100 ILE X CD1 1 
ATOM   780  N N   . ASN A 1 101 ? 3.159   -3.053  1.713   1.00 10.36 ? 101 ASN X N   1 
ATOM   781  C CA  . ASN A 1 101 ? 1.726   -3.040  1.422   1.00 10.34 ? 101 ASN X CA  1 
ATOM   782  C C   . ASN A 1 101 ? 0.994   -1.961  2.241   1.00 10.80 ? 101 ASN X C   1 
ATOM   783  O O   . ASN A 1 101 ? 0.294   -1.115  1.673   1.00 10.41 ? 101 ASN X O   1 
ATOM   784  C CB  . ASN A 1 101 ? 1.112   -4.427  1.655   1.00 10.02 ? 101 ASN X CB  1 
ATOM   785  C CG  . ASN A 1 101 ? -0.248  -4.592  0.982   1.00 10.07 ? 101 ASN X CG  1 
ATOM   786  O OD1 . ASN A 1 101 ? -1.168  -3.792  1.190   1.00 7.90  ? 101 ASN X OD1 1 
ATOM   787  N ND2 . ASN A 1 101 ? -0.373  -5.626  0.156   1.00 7.80  ? 101 ASN X ND2 1 
ATOM   788  N N   . MET A 1 102 ? 1.178   -1.992  3.562   1.00 11.04 ? 102 MET X N   1 
ATOM   789  C CA  . MET A 1 102 ? 0.572   -1.015  4.470   1.00 11.88 ? 102 MET X CA  1 
ATOM   790  C C   . MET A 1 102 ? 0.892   0.439   4.095   1.00 12.22 ? 102 MET X C   1 
ATOM   791  O O   . MET A 1 102 ? -0.019  1.273   3.996   1.00 11.96 ? 102 MET X O   1 
ATOM   792  C CB  . MET A 1 102 ? 0.999   -1.283  5.912   1.00 11.99 ? 102 MET X CB  1 
ATOM   793  C CG  . MET A 1 102 ? 0.342   -2.496  6.542   1.00 12.80 ? 102 MET X CG  1 
ATOM   794  S SD  . MET A 1 102 ? 0.542   -2.493  8.340   1.00 14.51 ? 102 MET X SD  1 
ATOM   795  C CE  . MET A 1 102 ? -0.636  -1.249  8.848   1.00 14.23 ? 102 MET X CE  1 
ATOM   796  N N   . VAL A 1 103 ? 2.178   0.729   3.886   1.00 12.29 ? 103 VAL X N   1 
ATOM   797  C CA  . VAL A 1 103 ? 2.624   2.078   3.504   1.00 12.78 ? 103 VAL X CA  1 
ATOM   798  C C   . VAL A 1 103 ? 2.033   2.491   2.163   1.00 12.97 ? 103 VAL X C   1 
ATOM   799  O O   . VAL A 1 103 ? 1.545   3.614   2.017   1.00 12.98 ? 103 VAL X O   1 
ATOM   800  C CB  . VAL A 1 103 ? 4.174   2.210   3.489   1.00 12.97 ? 103 VAL X CB  1 
ATOM   801  C CG1 . VAL A 1 103 ? 4.606   3.562   2.874   1.00 12.86 ? 103 VAL X CG1 1 
ATOM   802  C CG2 . VAL A 1 103 ? 4.735   2.091   4.911   1.00 13.11 ? 103 VAL X CG2 1 
ATOM   803  N N   . PHE A 1 104 ? 2.049   1.577   1.197   1.00 13.33 ? 104 PHE X N   1 
ATOM   804  C CA  . PHE A 1 104 ? 1.414   1.819   -0.096  1.00 13.59 ? 104 PHE X CA  1 
ATOM   805  C C   . PHE A 1 104 ? -0.034  2.300   0.074   1.00 14.15 ? 104 PHE X C   1 
ATOM   806  O O   . PHE A 1 104 ? -0.453  3.261   -0.574  1.00 14.13 ? 104 PHE X O   1 
ATOM   807  C CB  . PHE A 1 104 ? 1.453   0.556   -0.959  1.00 13.23 ? 104 PHE X CB  1 
ATOM   808  C CG  . PHE A 1 104 ? 1.057   0.786   -2.394  1.00 13.20 ? 104 PHE X CG  1 
ATOM   809  C CD1 . PHE A 1 104 ? -0.285  0.797   -2.769  1.00 13.40 ? 104 PHE X CD1 1 
ATOM   810  C CD2 . PHE A 1 104 ? 2.032   0.987   -3.374  1.00 13.31 ? 104 PHE X CD2 1 
ATOM   811  C CE1 . PHE A 1 104 ? -0.663  1.017   -4.103  1.00 12.48 ? 104 PHE X CE1 1 
ATOM   812  C CE2 . PHE A 1 104 ? 1.673   1.198   -4.703  1.00 12.47 ? 104 PHE X CE2 1 
ATOM   813  C CZ  . PHE A 1 104 ? 0.315   1.212   -5.065  1.00 13.07 ? 104 PHE X CZ  1 
ATOM   814  N N   . GLN A 1 105 ? -0.788  1.628   0.943   1.00 14.44 ? 105 GLN X N   1 
ATOM   815  C CA  . GLN A 1 105 ? -2.212  1.910   1.094   1.00 15.33 ? 105 GLN X CA  1 
ATOM   816  C C   . GLN A 1 105 ? -2.501  3.146   1.943   1.00 15.99 ? 105 GLN X C   1 
ATOM   817  O O   . GLN A 1 105 ? -3.378  3.942   1.594   1.00 15.83 ? 105 GLN X O   1 
ATOM   818  C CB  . GLN A 1 105 ? -2.960  0.695   1.670   1.00 15.16 ? 105 GLN X CB  1 
ATOM   819  C CG  . GLN A 1 105 ? -4.493  0.878   1.743   1.00 14.00 ? 105 GLN X CG  1 
ATOM   820  C CD  . GLN A 1 105 ? -5.209  -0.198  2.544   1.00 12.99 ? 105 GLN X CD  1 
ATOM   821  O OE1 . GLN A 1 105 ? -4.599  -1.148  3.028   1.00 12.83 ? 105 GLN X OE1 1 
ATOM   822  N NE2 . GLN A 1 105 ? -6.523  -0.056  2.673   1.00 13.59 ? 105 GLN X NE2 1 
ATOM   823  N N   . MET A 1 106 ? -1.773  3.310   3.046   1.00 16.75 ? 106 MET X N   1 
ATOM   824  C CA  A MET A 1 106 ? -2.152  4.355   4.004   0.50 17.24 ? 106 MET X CA  1 
ATOM   825  C CA  B MET A 1 106 ? -2.101  4.308   4.070   0.50 17.43 ? 106 MET X CA  1 
ATOM   826  C C   . MET A 1 106 ? -1.140  5.487   4.166   1.00 17.70 ? 106 MET X C   1 
ATOM   827  O O   . MET A 1 106 ? -1.427  6.480   4.841   1.00 17.73 ? 106 MET X O   1 
ATOM   828  C CB  A MET A 1 106 ? -2.554  3.753   5.362   0.50 17.23 ? 106 MET X CB  1 
ATOM   829  C CB  B MET A 1 106 ? -2.160  3.628   5.433   0.50 17.46 ? 106 MET X CB  1 
ATOM   830  C CG  A MET A 1 106 ? -1.406  3.268   6.216   0.50 16.41 ? 106 MET X CG  1 
ATOM   831  C CG  B MET A 1 106 ? -3.486  2.992   5.743   0.50 17.74 ? 106 MET X CG  1 
ATOM   832  S SD  A MET A 1 106 ? -1.943  2.434   7.720   0.50 15.71 ? 106 MET X SD  1 
ATOM   833  S SD  B MET A 1 106 ? -3.374  1.993   7.224   0.50 19.00 ? 106 MET X SD  1 
ATOM   834  C CE  A MET A 1 106 ? -2.562  0.898   7.027   0.50 15.57 ? 106 MET X CE  1 
ATOM   835  C CE  B MET A 1 106 ? -2.398  3.060   8.278   0.50 18.25 ? 106 MET X CE  1 
ATOM   836  N N   . GLY A 1 107 ? 0.015   5.360   3.531   1.00 18.56 ? 107 GLY X N   1 
ATOM   837  C CA  . GLY A 1 107 ? 1.039   6.386   3.635   1.00 20.10 ? 107 GLY X CA  1 
ATOM   838  C C   . GLY A 1 107 ? 1.868   6.185   4.890   1.00 21.38 ? 107 GLY X C   1 
ATOM   839  O O   . GLY A 1 107 ? 1.408   5.604   5.886   1.00 21.02 ? 107 GLY X O   1 
ATOM   840  N N   . GLU A 1 108 ? 3.097   6.680   4.854   1.00 22.79 ? 108 GLU X N   1 
ATOM   841  C CA  . GLU A 1 108 ? 4.045   6.338   5.896   1.00 24.51 ? 108 GLU X CA  1 
ATOM   842  C C   . GLU A 1 108 ? 3.752   6.991   7.247   1.00 25.06 ? 108 GLU X C   1 
ATOM   843  O O   . GLU A 1 108 ? 4.107   6.432   8.282   1.00 25.14 ? 108 GLU X O   1 
ATOM   844  C CB  . GLU A 1 108 ? 5.480   6.584   5.436   1.00 24.91 ? 108 GLU X CB  1 
ATOM   845  C CG  . GLU A 1 108 ? 5.944   7.992   5.560   1.00 26.87 ? 108 GLU X CG  1 
ATOM   846  C CD  . GLU A 1 108 ? 7.411   8.098   5.317   1.00 28.92 ? 108 GLU X CD  1 
ATOM   847  O OE1 . GLU A 1 108 ? 7.863   7.595   4.264   1.00 31.10 ? 108 GLU X OE1 1 
ATOM   848  O OE2 . GLU A 1 108 ? 8.113   8.671   6.178   1.00 29.96 ? 108 GLU X OE2 1 
ATOM   849  N N   . THR A 1 109 ? 3.088   8.152   7.236   1.00 25.80 ? 109 THR X N   1 
ATOM   850  C CA  . THR A 1 109 ? 2.661   8.793   8.482   1.00 26.35 ? 109 THR X CA  1 
ATOM   851  C C   . THR A 1 109 ? 1.591   7.942   9.160   1.00 26.53 ? 109 THR X C   1 
ATOM   852  O O   . THR A 1 109 ? 1.687   7.654   10.365  1.00 26.92 ? 109 THR X O   1 
ATOM   853  C CB  . THR A 1 109 ? 2.158   10.244  8.267   1.00 26.49 ? 109 THR X CB  1 
ATOM   854  O OG1 . THR A 1 109 ? 3.181   11.005  7.619   1.00 26.67 ? 109 THR X OG1 1 
ATOM   855  C CG2 . THR A 1 109 ? 1.829   10.907  9.600   0.50 26.52 ? 109 THR X CG2 1 
ATOM   856  N N   . GLY A 1 110 ? 0.583   7.541   8.384   1.00 26.40 ? 110 GLY X N   1 
ATOM   857  C CA  . GLY A 1 110 ? -0.441  6.605   8.849   1.00 26.24 ? 110 GLY X CA  1 
ATOM   858  C C   . GLY A 1 110 ? 0.143   5.392   9.558   1.00 26.10 ? 110 GLY X C   1 
ATOM   859  O O   . GLY A 1 110 ? -0.251  5.075   10.686  1.00 26.50 ? 110 GLY X O   1 
ATOM   860  N N   . VAL A 1 111 ? 1.097   4.726   8.909   1.00 25.62 ? 111 VAL X N   1 
ATOM   861  C CA  . VAL A 1 111 ? 1.709   3.503   9.446   1.00 25.17 ? 111 VAL X CA  1 
ATOM   862  C C   . VAL A 1 111 ? 2.573   3.767   10.686  1.00 25.39 ? 111 VAL X C   1 
ATOM   863  O O   . VAL A 1 111 ? 2.534   2.994   11.649  1.00 25.37 ? 111 VAL X O   1 
ATOM   864  C CB  . VAL A 1 111 ? 2.539   2.751   8.380   1.00 25.18 ? 111 VAL X CB  1 
ATOM   865  C CG1 . VAL A 1 111 ? 3.171   1.499   8.970   0.50 24.59 ? 111 VAL X CG1 1 
ATOM   866  C CG2 . VAL A 1 111 ? 1.671   2.383   7.191   1.00 24.06 ? 111 VAL X CG2 1 
ATOM   867  N N   . ALA A 1 112 ? 3.338   4.860   10.664  1.00 25.32 ? 112 ALA X N   1 
ATOM   868  C CA  . ALA A 1 112 ? 4.211   5.211   11.791  1.00 25.32 ? 112 ALA X CA  1 
ATOM   869  C C   . ALA A 1 112 ? 3.454   5.456   13.103  1.00 25.36 ? 112 ALA X C   1 
ATOM   870  O O   . ALA A 1 112 ? 4.057   5.396   14.178  1.00 26.10 ? 112 ALA X O   1 
ATOM   871  C CB  . ALA A 1 112 ? 5.091   6.408   11.438  1.00 25.34 ? 112 ALA X CB  1 
ATOM   872  N N   . GLY A 1 113 ? 2.145   5.721   13.014  1.00 25.25 ? 113 GLY X N   1 
ATOM   873  C CA  . GLY A 1 113 ? 1.271   5.856   14.198  1.00 24.51 ? 113 GLY X CA  1 
ATOM   874  C C   . GLY A 1 113 ? 0.687   4.532   14.707  1.00 24.27 ? 113 GLY X C   1 
ATOM   875  O O   . GLY A 1 113 ? -0.179  4.516   15.596  1.00 24.66 ? 113 GLY X O   1 
ATOM   876  N N   . PHE A 1 114 ? 1.148   3.423   14.126  1.00 22.97 ? 114 PHE X N   1 
ATOM   877  C CA  . PHE A 1 114 ? 0.852   2.082   14.613  1.00 21.65 ? 114 PHE X CA  1 
ATOM   878  C C   . PHE A 1 114 ? 1.962   1.698   15.595  1.00 20.98 ? 114 PHE X C   1 
ATOM   879  O O   . PHE A 1 114 ? 2.479   0.584   15.552  1.00 20.94 ? 114 PHE X O   1 
ATOM   880  C CB  . PHE A 1 114 ? 0.812   1.084   13.439  1.00 21.61 ? 114 PHE X CB  1 
ATOM   881  C CG  . PHE A 1 114 ? -0.533  0.973   12.756  1.00 21.29 ? 114 PHE X CG  1 
ATOM   882  C CD1 . PHE A 1 114 ? -1.012  2.000   11.939  1.00 21.36 ? 114 PHE X CD1 1 
ATOM   883  C CD2 . PHE A 1 114 ? -1.309  -0.176  12.910  1.00 19.71 ? 114 PHE X CD2 1 
ATOM   884  C CE1 . PHE A 1 114 ? -2.257  1.888   11.303  1.00 20.26 ? 114 PHE X CE1 1 
ATOM   885  C CE2 . PHE A 1 114 ? -2.548  -0.301  12.281  1.00 19.74 ? 114 PHE X CE2 1 
ATOM   886  C CZ  . PHE A 1 114 ? -3.025  0.736   11.475  1.00 19.66 ? 114 PHE X CZ  1 
ATOM   887  N N   . THR A 1 115 ? 2.301   2.621   16.497  1.00 20.13 ? 115 THR X N   1 
ATOM   888  C CA  . THR A 1 115 ? 3.460   2.486   17.394  1.00 19.12 ? 115 THR X CA  1 
ATOM   889  C C   . THR A 1 115 ? 3.506   1.169   18.167  1.00 18.27 ? 115 THR X C   1 
ATOM   890  O O   . THR A 1 115 ? 4.566   0.557   18.294  1.00 17.37 ? 115 THR X O   1 
ATOM   891  C CB  . THR A 1 115 ? 3.524   3.665   18.399  1.00 19.43 ? 115 THR X CB  1 
ATOM   892  O OG1 . THR A 1 115 ? 3.352   4.892   17.689  1.00 19.85 ? 115 THR X OG1 1 
ATOM   893  C CG2 . THR A 1 115 ? 4.869   3.697   19.126  0.50 19.25 ? 115 THR X CG2 1 
ATOM   894  N N   . ASN A 1 116 ? 2.357   0.748   18.692  1.00 17.17 ? 116 ASN X N   1 
ATOM   895  C CA  . ASN A 1 116 ? 2.298   -0.465  19.498  1.00 16.85 ? 116 ASN X CA  1 
ATOM   896  C C   . ASN A 1 116 ? 2.439   -1.737  18.661  1.00 15.71 ? 116 ASN X C   1 
ATOM   897  O O   . ASN A 1 116 ? 3.121   -2.678  19.070  1.00 15.49 ? 116 ASN X O   1 
ATOM   898  C CB  . ASN A 1 116 ? 1.039   -0.469  20.388  1.00 16.93 ? 116 ASN X CB  1 
ATOM   899  C CG  . ASN A 1 116 ? 0.979   0.757   21.307  1.00 19.04 ? 116 ASN X CG  1 
ATOM   900  O OD1 . ASN A 1 116 ? 2.005   1.201   21.836  1.00 21.03 ? 116 ASN X OD1 1 
ATOM   901  N ND2 . ASN A 1 116 ? -0.215  1.313   21.485  1.00 18.72 ? 116 ASN X ND2 1 
ATOM   902  N N   . SER A 1 117 ? 1.804   -1.747  17.489  1.00 14.99 ? 117 SER X N   1 
ATOM   903  C CA  . SER A 1 117 ? 1.948   -2.853  16.528  1.00 14.42 ? 117 SER X CA  1 
ATOM   904  C C   . SER A 1 117 ? 3.389   -2.958  16.056  1.00 14.28 ? 117 SER X C   1 
ATOM   905  O O   . SER A 1 117 ? 3.962   -4.054  16.024  1.00 14.41 ? 117 SER X O   1 
ATOM   906  C CB  . SER A 1 117 ? 1.042   -2.657  15.316  1.00 13.97 ? 117 SER X CB  1 
ATOM   907  O OG  . SER A 1 117 ? -0.299  -2.964  15.620  1.00 15.17 ? 117 SER X OG  1 
ATOM   908  N N   . LEU A 1 118 ? 3.965   -1.810  15.698  1.00 13.99 ? 118 LEU X N   1 
ATOM   909  C CA  . LEU A 1 118 ? 5.370   -1.730  15.287  1.00 14.18 ? 118 LEU X CA  1 
ATOM   910  C C   . LEU A 1 118 ? 6.326   -2.319  16.314  1.00 13.90 ? 118 LEU X C   1 
ATOM   911  O O   . LEU A 1 118 ? 7.232   -3.073  15.954  1.00 13.31 ? 118 LEU X O   1 
ATOM   912  C CB  . LEU A 1 118 ? 5.777   -0.286  14.980  1.00 14.07 ? 118 LEU X CB  1 
ATOM   913  C CG  . LEU A 1 118 ? 5.186   0.380   13.738  1.00 14.60 ? 118 LEU X CG  1 
ATOM   914  C CD1 . LEU A 1 118 ? 5.656   1.832   13.671  1.00 15.23 ? 118 LEU X CD1 1 
ATOM   915  C CD2 . LEU A 1 118 ? 5.557   -0.383  12.461  1.00 14.68 ? 118 LEU X CD2 1 
ATOM   916  N N   . ARG A 1 119 ? 6.135   -1.964  17.584  1.00 13.87 ? 119 ARG X N   1 
ATOM   917  C CA  . ARG A 1 119 ? 6.960   -2.524  18.654  1.00 14.03 ? 119 ARG X CA  1 
ATOM   918  C C   . ARG A 1 119 ? 6.855   -4.049  18.704  1.00 13.52 ? 119 ARG X C   1 
ATOM   919  O O   . ARG A 1 119 ? 7.877   -4.735  18.775  1.00 13.39 ? 119 ARG X O   1 
ATOM   920  C CB  . ARG A 1 119 ? 6.592   -1.926  20.014  1.00 14.36 ? 119 ARG X CB  1 
ATOM   921  C CG  . ARG A 1 119 ? 7.540   -2.343  21.144  1.00 16.20 ? 119 ARG X CG  1 
ATOM   922  C CD  . ARG A 1 119 ? 7.158   -1.710  22.471  1.00 19.03 ? 119 ARG X CD  1 
ATOM   923  N NE  . ARG A 1 119 ? 7.025   -0.255  22.349  0.50 20.12 ? 119 ARG X NE  1 
ATOM   924  C CZ  . ARG A 1 119 ? 5.868   0.406   22.310  0.50 20.47 ? 119 ARG X CZ  1 
ATOM   925  N NH1 . ARG A 1 119 ? 4.709   -0.240  22.396  0.50 20.02 ? 119 ARG X NH1 1 
ATOM   926  N NH2 . ARG A 1 119 ? 5.875   1.727   22.188  0.50 20.88 ? 119 ARG X NH2 1 
ATOM   927  N N   . MET A 1 120 ? 5.623   -4.561  18.667  1.00 13.08 ? 120 MET X N   1 
ATOM   928  C CA  . MET A 1 120 ? 5.354   -6.000  18.694  1.00 13.17 ? 120 MET X CA  1 
ATOM   929  C C   . MET A 1 120 ? 5.977   -6.723  17.494  1.00 12.56 ? 120 MET X C   1 
ATOM   930  O O   . MET A 1 120 ? 6.466   -7.840  17.625  1.00 12.52 ? 120 MET X O   1 
ATOM   931  C CB  . MET A 1 120 ? 3.846   -6.272  18.735  1.00 13.20 ? 120 MET X CB  1 
ATOM   932  C CG  . MET A 1 120 ? 3.196   -5.936  20.071  1.00 15.03 ? 120 MET X CG  1 
ATOM   933  S SD  . MET A 1 120 ? 1.408   -6.111  19.983  1.00 16.99 ? 120 MET X SD  1 
ATOM   934  C CE  . MET A 1 120 ? 0.878   -4.923  21.213  1.00 16.76 ? 120 MET X CE  1 
ATOM   935  N N   . LEU A 1 121 ? 5.945   -6.075  16.333  1.00 12.64 ? 121 LEU X N   1 
ATOM   936  C CA  . LEU A 1 121 ? 6.541   -6.621  15.108  1.00 12.76 ? 121 LEU X CA  1 
ATOM   937  C C   . LEU A 1 121 ? 8.055   -6.746  15.259  1.00 13.30 ? 121 LEU X C   1 
ATOM   938  O O   . LEU A 1 121 ? 8.634   -7.760  14.868  1.00 13.54 ? 121 LEU X O   1 
ATOM   939  C CB  . LEU A 1 121 ? 6.186   -5.768  13.877  1.00 12.37 ? 121 LEU X CB  1 
ATOM   940  C CG  . LEU A 1 121 ? 4.766   -5.905  13.303  1.00 12.33 ? 121 LEU X CG  1 
ATOM   941  C CD1 . LEU A 1 121 ? 4.533   -4.883  12.184  1.00 12.20 ? 121 LEU X CD1 1 
ATOM   942  C CD2 . LEU A 1 121 ? 4.485   -7.332  12.818  1.00 10.63 ? 121 LEU X CD2 1 
ATOM   943  N N   . GLN A 1 122 ? 8.686   -5.724  15.836  1.00 13.49 ? 122 GLN X N   1 
ATOM   944  C CA  . GLN A 1 122 ? 10.138  -5.755  16.057  1.00 14.38 ? 122 GLN X CA  1 
ATOM   945  C C   . GLN A 1 122 ? 10.539  -6.798  17.109  1.00 14.03 ? 122 GLN X C   1 
ATOM   946  O O   . GLN A 1 122 ? 11.594  -7.439  16.995  1.00 14.08 ? 122 GLN X O   1 
ATOM   947  C CB  . GLN A 1 122 ? 10.686  -4.373  16.414  1.00 14.66 ? 122 GLN X CB  1 
ATOM   948  C CG  . GLN A 1 122 ? 12.195  -4.380  16.688  1.00 17.47 ? 122 GLN X CG  1 
ATOM   949  C CD  . GLN A 1 122 ? 12.914  -3.188  16.128  1.00 21.53 ? 122 GLN X CD  1 
ATOM   950  O OE1 . GLN A 1 122 ? 12.297  -2.163  15.814  1.00 23.94 ? 122 GLN X OE1 1 
ATOM   951  N NE2 . GLN A 1 122 ? 14.247  -3.301  16.004  1.00 22.31 ? 122 GLN X NE2 1 
ATOM   952  N N   . GLN A 1 123 ? 9.685   -6.988  18.107  1.00 13.72 ? 123 GLN X N   1 
ATOM   953  C CA  . GLN A 1 123 ? 9.926   -8.015  19.124  1.00 13.84 ? 123 GLN X CA  1 
ATOM   954  C C   . GLN A 1 123 ? 9.594   -9.412  18.608  1.00 13.20 ? 123 GLN X C   1 
ATOM   955  O O   . GLN A 1 123 ? 9.846   -10.395 19.309  1.00 13.05 ? 123 GLN X O   1 
ATOM   956  C CB  . GLN A 1 123 ? 9.096   -7.737  20.380  1.00 14.27 ? 123 GLN X CB  1 
ATOM   957  C CG  . GLN A 1 123 ? 9.315   -6.378  21.018  1.00 16.36 ? 123 GLN X CG  1 
ATOM   958  C CD  . GLN A 1 123 ? 8.273   -6.084  22.094  1.00 19.13 ? 123 GLN X CD  1 
ATOM   959  O OE1 . GLN A 1 123 ? 8.611   -5.858  23.249  1.00 22.37 ? 123 GLN X OE1 1 
ATOM   960  N NE2 . GLN A 1 123 ? 7.005   -6.102  21.717  1.00 19.22 ? 123 GLN X NE2 1 
ATOM   961  N N   . LYS A 1 124 ? 9.020   -9.492  17.400  1.00 12.71 ? 124 LYS X N   1 
ATOM   962  C CA  . LYS A 1 124 ? 8.594   -10.760 16.776  1.00 12.57 ? 124 LYS X CA  1 
ATOM   963  C C   . LYS A 1 124 ? 7.518   -11.499 17.600  1.00 12.50 ? 124 LYS X C   1 
ATOM   964  O O   . LYS A 1 124 ? 7.487   -12.727 17.663  1.00 11.88 ? 124 LYS X O   1 
ATOM   965  C CB  . LYS A 1 124 ? 9.799   -11.679 16.468  1.00 12.94 ? 124 LYS X CB  1 
ATOM   966  C CG  . LYS A 1 124 ? 10.911  -10.992 15.666  1.00 12.17 ? 124 LYS X CG  1 
ATOM   967  C CD  . LYS A 1 124 ? 11.831  -11.994 14.970  1.00 12.95 ? 124 LYS X CD  1 
ATOM   968  C CE  . LYS A 1 124 ? 12.860  -11.274 14.108  1.00 12.67 ? 124 LYS X CE  1 
ATOM   969  N NZ  . LYS A 1 124 ? 12.243  -10.511 12.981  1.00 13.87 ? 124 LYS X NZ  1 
ATOM   970  N N   . ARG A 1 125 ? 6.641   -10.726 18.229  1.00 12.54 ? 125 ARG X N   1 
ATOM   971  C CA  . ARG A 1 125 ? 5.464   -11.273 18.911  1.00 12.96 ? 125 ARG X CA  1 
ATOM   972  C C   . ARG A 1 125 ? 4.304   -11.267 17.931  1.00 12.37 ? 125 ARG X C   1 
ATOM   973  O O   . ARG A 1 125 ? 3.422   -10.407 17.984  1.00 12.03 ? 125 ARG X O   1 
ATOM   974  C CB  . ARG A 1 125 ? 5.164   -10.456 20.165  1.00 13.47 ? 125 ARG X CB  1 
ATOM   975  C CG  . ARG A 1 125 ? 6.128   -10.790 21.284  1.00 16.45 ? 125 ARG X CG  1 
ATOM   976  C CD  . ARG A 1 125 ? 6.748   -9.559  21.857  1.00 21.37 ? 125 ARG X CD  1 
ATOM   977  N NE  . ARG A 1 125 ? 6.083   -9.108  23.064  1.00 24.92 ? 125 ARG X NE  1 
ATOM   978  C CZ  . ARG A 1 125 ? 6.640   -9.082  24.275  1.00 26.81 ? 125 ARG X CZ  1 
ATOM   979  N NH1 . ARG A 1 125 ? 7.891   -9.492  24.473  1.00 27.29 ? 125 ARG X NH1 1 
ATOM   980  N NH2 . ARG A 1 125 ? 5.934   -8.640  25.302  1.00 28.03 ? 125 ARG X NH2 1 
ATOM   981  N N   . TRP A 1 126 ? 4.330   -12.245 17.026  1.00 12.48 ? 126 TRP X N   1 
ATOM   982  C CA  . TRP A 1 126 ? 3.520   -12.227 15.808  1.00 12.17 ? 126 TRP X CA  1 
ATOM   983  C C   . TRP A 1 126 ? 2.020   -12.281 16.037  1.00 12.50 ? 126 TRP X C   1 
ATOM   984  O O   . TRP A 1 126 ? 1.268   -11.565 15.377  1.00 12.24 ? 126 TRP X O   1 
ATOM   985  C CB  . TRP A 1 126 ? 3.933   -13.361 14.865  1.00 11.64 ? 126 TRP X CB  1 
ATOM   986  C CG  . TRP A 1 126 ? 5.395   -13.399 14.518  1.00 11.34 ? 126 TRP X CG  1 
ATOM   987  C CD1 . TRP A 1 126 ? 6.239   -14.464 14.679  1.00 10.71 ? 126 TRP X CD1 1 
ATOM   988  C CD2 . TRP A 1 126 ? 6.189   -12.338 13.951  1.00 10.37 ? 126 TRP X CD2 1 
ATOM   989  N NE1 . TRP A 1 126 ? 7.500   -14.136 14.242  1.00 11.32 ? 126 TRP X NE1 1 
ATOM   990  C CE2 . TRP A 1 126 ? 7.498   -12.840 13.791  1.00 10.26 ? 126 TRP X CE2 1 
ATOM   991  C CE3 . TRP A 1 126 ? 5.917   -11.018 13.554  1.00 10.59 ? 126 TRP X CE3 1 
ATOM   992  C CZ2 . TRP A 1 126 ? 8.540   -12.073 13.249  1.00 10.26 ? 126 TRP X CZ2 1 
ATOM   993  C CZ3 . TRP A 1 126 ? 6.955   -10.250 13.037  1.00 9.79  ? 126 TRP X CZ3 1 
ATOM   994  C CH2 . TRP A 1 126 ? 8.253   -10.787 12.880  1.00 11.53 ? 126 TRP X CH2 1 
ATOM   995  N N   . ASP A 1 127 ? 1.583   -13.152 16.945  1.00 12.71 ? 127 ASP X N   1 
ATOM   996  C CA  . ASP A 1 127 ? 0.166   -13.257 17.278  1.00 13.08 ? 127 ASP X CA  1 
ATOM   997  C C   . ASP A 1 127 ? -0.335  -11.982 17.952  1.00 13.14 ? 127 ASP X C   1 
ATOM   998  O O   . ASP A 1 127 ? -1.428  -11.494 17.645  1.00 12.61 ? 127 ASP X O   1 
ATOM   999  C CB  . ASP A 1 127 ? -0.119  -14.495 18.135  1.00 13.22 ? 127 ASP X CB  1 
ATOM   1000 C CG  . ASP A 1 127 ? -0.196  -15.781 17.306  1.00 13.98 ? 127 ASP X CG  1 
ATOM   1001 O OD1 . ASP A 1 127 ? 0.443   -15.864 16.231  1.00 14.40 ? 127 ASP X OD1 1 
ATOM   1002 O OD2 . ASP A 1 127 ? -0.892  -16.716 17.743  1.00 13.87 ? 127 ASP X OD2 1 
ATOM   1003 N N   . GLU A 1 128 ? 0.488   -11.423 18.837  1.00 13.09 ? 128 GLU X N   1 
ATOM   1004 C CA  . GLU A 1 128 ? 0.146   -10.174 19.515  1.00 13.11 ? 128 GLU X CA  1 
ATOM   1005 C C   . GLU A 1 128 ? 0.088   -8.988  18.550  1.00 13.21 ? 128 GLU X C   1 
ATOM   1006 O O   . GLU A 1 128 ? -0.855  -8.177  18.607  1.00 13.46 ? 128 GLU X O   1 
ATOM   1007 C CB  . GLU A 1 128 ? 1.109   -9.911  20.670  1.00 12.97 ? 128 GLU X CB  1 
ATOM   1008 C CG  . GLU A 1 128 ? 0.971   -10.955 21.765  1.00 13.52 ? 128 GLU X CG  1 
ATOM   1009 C CD  . GLU A 1 128 ? 1.997   -10.803 22.863  0.50 13.30 ? 128 GLU X CD  1 
ATOM   1010 O OE1 . GLU A 1 128 ? 1.775   -9.978  23.771  0.50 13.45 ? 128 GLU X OE1 1 
ATOM   1011 O OE2 . GLU A 1 128 ? 3.009   -11.525 22.826  0.50 11.85 ? 128 GLU X OE2 1 
ATOM   1012 N N   . ALA A 1 129 ? 1.083   -8.899  17.661  1.00 13.09 ? 129 ALA X N   1 
ATOM   1013 C CA  . ALA A 1 129 ? 1.084   -7.897  16.593  1.00 12.99 ? 129 ALA X CA  1 
ATOM   1014 C C   . ALA A 1 129 ? -0.214  -7.980  15.791  1.00 12.86 ? 129 ALA X C   1 
ATOM   1015 O O   . ALA A 1 129 ? -0.881  -6.970  15.567  1.00 13.12 ? 129 ALA X O   1 
ATOM   1016 C CB  . ALA A 1 129 ? 2.291   -8.087  15.673  1.00 12.81 ? 129 ALA X CB  1 
ATOM   1017 N N   . ALA A 1 130 ? -0.565  -9.193  15.375  1.00 12.83 ? 130 ALA X N   1 
ATOM   1018 C CA  . ALA A 1 130 ? -1.737  -9.438  14.540  1.00 13.14 ? 130 ALA X CA  1 
ATOM   1019 C C   . ALA A 1 130 ? -3.030  -8.932  15.187  1.00 13.04 ? 130 ALA X C   1 
ATOM   1020 O O   . ALA A 1 130 ? -3.855  -8.290  14.527  1.00 12.41 ? 130 ALA X O   1 
ATOM   1021 C CB  . ALA A 1 130 ? -1.845  -10.923 14.205  1.00 13.30 ? 130 ALA X CB  1 
ATOM   1022 N N   . VAL A 1 131 ? -3.196  -9.226  16.477  1.00 12.92 ? 131 VAL X N   1 
ATOM   1023 C CA  . VAL A 1 131 ? -4.356  -8.761  17.244  1.00 12.99 ? 131 VAL X CA  1 
ATOM   1024 C C   . VAL A 1 131 ? -4.379  -7.228  17.337  1.00 12.49 ? 131 VAL X C   1 
ATOM   1025 O O   . VAL A 1 131 ? -5.429  -6.599  17.176  1.00 12.52 ? 131 VAL X O   1 
ATOM   1026 C CB  . VAL A 1 131 ? -4.404  -9.428  18.652  1.00 13.03 ? 131 VAL X CB  1 
ATOM   1027 C CG1 . VAL A 1 131 ? -5.405  -8.726  19.577  1.00 13.88 ? 131 VAL X CG1 1 
ATOM   1028 C CG2 . VAL A 1 131 ? -4.738  -10.905 18.513  1.00 13.25 ? 131 VAL X CG2 1 
ATOM   1029 N N   . ASN A 1 132 ? -3.216  -6.631  17.581  1.00 12.26 ? 132 ASN X N   1 
ATOM   1030 C CA  . ASN A 1 132 ? -3.116  -5.178  17.706  1.00 12.27 ? 132 ASN X CA  1 
ATOM   1031 C C   . ASN A 1 132 ? -3.410  -4.459  16.380  1.00 11.99 ? 132 ASN X C   1 
ATOM   1032 O O   . ASN A 1 132 ? -4.083  -3.422  16.364  1.00 11.82 ? 132 ASN X O   1 
ATOM   1033 C CB  . ASN A 1 132 ? -1.737  -4.780  18.229  1.00 12.31 ? 132 ASN X CB  1 
ATOM   1034 C CG  . ASN A 1 132 ? -1.671  -3.331  18.640  1.00 12.85 ? 132 ASN X CG  1 
ATOM   1035 O OD1 . ASN A 1 132 ? -1.193  -2.476  17.893  1.00 14.59 ? 132 ASN X OD1 1 
ATOM   1036 N ND2 . ASN A 1 132 ? -2.163  -3.042  19.832  1.00 13.82 ? 132 ASN X ND2 1 
ATOM   1037 N N   . LEU A 1 133 ? -2.907  -5.028  15.282  1.00 11.74 ? 133 LEU X N   1 
ATOM   1038 C CA  . LEU A 1 133 ? -3.084  -4.458  13.938  1.00 12.04 ? 133 LEU X CA  1 
ATOM   1039 C C   . LEU A 1 133 ? -4.554  -4.338  13.541  1.00 11.79 ? 133 LEU X C   1 
ATOM   1040 O O   . LEU A 1 133 ? -4.936  -3.398  12.843  1.00 12.04 ? 133 LEU X O   1 
ATOM   1041 C CB  . LEU A 1 133 ? -2.315  -5.283  12.882  1.00 11.68 ? 133 LEU X CB  1 
ATOM   1042 C CG  . LEU A 1 133 ? -0.789  -5.086  12.801  1.00 12.03 ? 133 LEU X CG  1 
ATOM   1043 C CD1 . LEU A 1 133 ? -0.113  -6.257  12.092  1.00 11.78 ? 133 LEU X CD1 1 
ATOM   1044 C CD2 . LEU A 1 133 ? -0.439  -3.765  12.129  1.00 11.24 ? 133 LEU X CD2 1 
ATOM   1045 N N   . ALA A 1 134 ? -5.370  -5.288  13.996  1.00 11.86 ? 134 ALA X N   1 
ATOM   1046 C CA  . ALA A 1 134 ? -6.792  -5.326  13.652  1.00 12.04 ? 134 ALA X CA  1 
ATOM   1047 C C   . ALA A 1 134 ? -7.624  -4.322  14.442  1.00 11.68 ? 134 ALA X C   1 
ATOM   1048 O O   . ALA A 1 134 ? -8.772  -4.065  14.088  1.00 11.73 ? 134 ALA X O   1 
ATOM   1049 C CB  . ALA A 1 134 ? -7.356  -6.738  13.814  1.00 11.95 ? 134 ALA X CB  1 
ATOM   1050 N N   . LYS A 1 135 ? -7.043  -3.760  15.499  1.00 11.49 ? 135 LYS X N   1 
ATOM   1051 C CA  . LYS A 1 135 ? -7.710  -2.748  16.311  1.00 11.87 ? 135 LYS X CA  1 
ATOM   1052 C C   . LYS A 1 135 ? -7.461  -1.374  15.683  1.00 11.76 ? 135 LYS X C   1 
ATOM   1053 O O   . LYS A 1 135 ? -6.740  -0.539  16.233  1.00 11.78 ? 135 LYS X O   1 
ATOM   1054 C CB  . LYS A 1 135 ? -7.203  -2.802  17.757  1.00 12.10 ? 135 LYS X CB  1 
ATOM   1055 C CG  . LYS A 1 135 ? -7.459  -4.133  18.462  1.00 13.20 ? 135 LYS X CG  1 
ATOM   1056 C CD  . LYS A 1 135 ? -6.889  -4.135  19.877  1.00 15.94 ? 135 LYS X CD  1 
ATOM   1057 C CE  . LYS A 1 135 ? -7.273  -5.414  20.611  0.50 15.73 ? 135 LYS X CE  1 
ATOM   1058 N NZ  . LYS A 1 135 ? -6.583  -5.530  21.925  0.50 16.93 ? 135 LYS X NZ  1 
ATOM   1059 N N   . SER A 1 136 ? -8.043  -1.164  14.507  1.00 11.48 ? 136 SER X N   1 
ATOM   1060 C CA  . SER A 1 136 ? -7.684  -0.016  13.668  1.00 11.46 ? 136 SER X CA  1 
ATOM   1061 C C   . SER A 1 136 ? -8.818  0.378   12.721  1.00 11.46 ? 136 SER X C   1 
ATOM   1062 O O   . SER A 1 136 ? -9.634  -0.463  12.328  1.00 10.78 ? 136 SER X O   1 
ATOM   1063 C CB  . SER A 1 136 ? -6.438  -0.342  12.846  1.00 10.98 ? 136 SER X CB  1 
ATOM   1064 O OG  . SER A 1 136 ? -6.654  -1.488  12.032  1.00 10.99 ? 136 SER X OG  1 
ATOM   1065 N N   . ARG A 1 137 ? -8.855  1.659   12.355  1.00 11.34 ? 137 ARG X N   1 
ATOM   1066 C CA  . ARG A 1 137 ? -9.747  2.112   11.301  1.00 11.56 ? 137 ARG X CA  1 
ATOM   1067 C C   . ARG A 1 137 ? -9.449  1.320   10.021  1.00 11.56 ? 137 ARG X C   1 
ATOM   1068 O O   . ARG A 1 137 ? -10.369 0.887   9.322   1.00 11.32 ? 137 ARG X O   1 
ATOM   1069 C CB  . ARG A 1 137 ? -9.602  3.624   11.039  1.00 11.38 ? 137 ARG X CB  1 
ATOM   1070 C CG  . ARG A 1 137 ? -10.544 4.099   9.929   1.00 11.72 ? 137 ARG X CG  1 
ATOM   1071 C CD  . ARG A 1 137 ? -10.457 5.574   9.599   1.00 13.36 ? 137 ARG X CD  1 
ATOM   1072 N NE  . ARG A 1 137 ? -11.475 5.916   8.601   1.00 15.61 ? 137 ARG X NE  1 
ATOM   1073 C CZ  . ARG A 1 137 ? -11.312 5.811   7.281   1.00 17.40 ? 137 ARG X CZ  1 
ATOM   1074 N NH1 . ARG A 1 137 ? -10.163 5.385   6.776   1.00 16.89 ? 137 ARG X NH1 1 
ATOM   1075 N NH2 . ARG A 1 137 ? -12.302 6.139   6.456   1.00 16.95 ? 137 ARG X NH2 1 
ATOM   1076 N N   . TRP A 1 138 ? -8.160  1.126   9.745   1.00 11.65 ? 138 TRP X N   1 
ATOM   1077 C CA  . TRP A 1 138 ? -7.684  0.339   8.596   1.00 12.04 ? 138 TRP X CA  1 
ATOM   1078 C C   . TRP A 1 138 ? -8.413  -0.999  8.436   1.00 12.33 ? 138 TRP X C   1 
ATOM   1079 O O   . TRP A 1 138 ? -8.947  -1.302  7.368   1.00 12.94 ? 138 TRP X O   1 
ATOM   1080 C CB  . TRP A 1 138 ? -6.178  0.098   8.735   1.00 11.59 ? 138 TRP X CB  1 
ATOM   1081 C CG  . TRP A 1 138 ? -5.568  -0.879  7.743   1.00 11.19 ? 138 TRP X CG  1 
ATOM   1082 C CD1 . TRP A 1 138 ? -5.655  -0.835  6.374   1.00 10.93 ? 138 TRP X CD1 1 
ATOM   1083 C CD2 . TRP A 1 138 ? -4.732  -2.012  8.055   1.00 10.05 ? 138 TRP X CD2 1 
ATOM   1084 N NE1 . TRP A 1 138 ? -4.941  -1.888  5.818   1.00 10.29 ? 138 TRP X NE1 1 
ATOM   1085 C CE2 . TRP A 1 138 ? -4.370  -2.621  6.827   1.00 9.76  ? 138 TRP X CE2 1 
ATOM   1086 C CE3 . TRP A 1 138 ? -4.266  -2.573  9.250   1.00 10.61 ? 138 TRP X CE3 1 
ATOM   1087 C CZ2 . TRP A 1 138 ? -3.543  -3.761  6.762   1.00 9.70  ? 138 TRP X CZ2 1 
ATOM   1088 C CZ3 . TRP A 1 138 ? -3.460  -3.715  9.191   1.00 9.73  ? 138 TRP X CZ3 1 
ATOM   1089 C CH2 . TRP A 1 138 ? -3.104  -4.295  7.949   1.00 10.29 ? 138 TRP X CH2 1 
ATOM   1090 N N   . TYR A 1 139 ? -8.419  -1.786  9.505   1.00 12.63 ? 139 TYR X N   1 
ATOM   1091 C CA  . TYR A 1 139 ? -9.056  -3.095  9.519   1.00 13.28 ? 139 TYR X CA  1 
ATOM   1092 C C   . TYR A 1 139 ? -10.566 -2.987  9.314   1.00 13.14 ? 139 TYR X C   1 
ATOM   1093 O O   . TYR A 1 139 ? -11.135 -3.720  8.509   1.00 13.39 ? 139 TYR X O   1 
ATOM   1094 C CB  . TYR A 1 139 ? -8.739  -3.821  10.828  1.00 13.63 ? 139 TYR X CB  1 
ATOM   1095 C CG  . TYR A 1 139 ? -9.370  -5.189  10.946  1.00 16.39 ? 139 TYR X CG  1 
ATOM   1096 C CD1 . TYR A 1 139 ? -8.709  -6.324  10.473  1.00 17.99 ? 139 TYR X CD1 1 
ATOM   1097 C CD2 . TYR A 1 139 ? -10.633 -5.348  11.527  1.00 18.96 ? 139 TYR X CD2 1 
ATOM   1098 C CE1 . TYR A 1 139 ? -9.282  -7.578  10.574  1.00 20.97 ? 139 TYR X CE1 1 
ATOM   1099 C CE2 . TYR A 1 139 ? -11.222 -6.607  11.630  1.00 21.69 ? 139 TYR X CE2 1 
ATOM   1100 C CZ  . TYR A 1 139 ? -10.534 -7.714  11.152  1.00 22.45 ? 139 TYR X CZ  1 
ATOM   1101 O OH  . TYR A 1 139 ? -11.100 -8.962  11.256  1.00 25.41 ? 139 TYR X OH  1 
ATOM   1102 N N   . ASN A 1 140 ? -11.213 -2.075  10.035  1.00 12.80 ? 140 ASN X N   1 
ATOM   1103 C CA  . ASN A 1 140 ? -12.667 -1.924  9.934   1.00 12.51 ? 140 ASN X CA  1 
ATOM   1104 C C   . ASN A 1 140 ? -13.149 -1.467  8.559   1.00 12.09 ? 140 ASN X C   1 
ATOM   1105 O O   . ASN A 1 140 ? -14.191 -1.920  8.092   1.00 12.44 ? 140 ASN X O   1 
ATOM   1106 C CB  . ASN A 1 140 ? -13.196 -1.004  11.028  1.00 12.95 ? 140 ASN X CB  1 
ATOM   1107 C CG  . ASN A 1 140 ? -13.222 -1.681  12.391  1.00 14.48 ? 140 ASN X CG  1 
ATOM   1108 O OD1 . ASN A 1 140 ? -12.274 -1.573  13.180  1.00 14.16 ? 140 ASN X OD1 1 
ATOM   1109 N ND2 . ASN A 1 140 ? -14.300 -2.405  12.663  1.00 15.41 ? 140 ASN X ND2 1 
ATOM   1110 N N   . GLN A 1 141 ? -12.385 -0.595  7.907   1.00 11.48 ? 141 GLN X N   1 
ATOM   1111 C CA  . GLN A 1 141 ? -12.790 -0.063  6.600   1.00 11.54 ? 141 GLN X CA  1 
ATOM   1112 C C   . GLN A 1 141 ? -12.447 -1.005  5.433   1.00 11.36 ? 141 GLN X C   1 
ATOM   1113 O O   . GLN A 1 141 ? -13.164 -1.037  4.428   1.00 11.27 ? 141 GLN X O   1 
ATOM   1114 C CB  . GLN A 1 141 ? -12.212 1.344   6.348   1.00 11.11 ? 141 GLN X CB  1 
ATOM   1115 C CG  . GLN A 1 141 ? -12.579 2.415   7.386   1.00 11.68 ? 141 GLN X CG  1 
ATOM   1116 C CD  . GLN A 1 141 ? -14.077 2.617   7.560   1.00 12.28 ? 141 GLN X CD  1 
ATOM   1117 O OE1 . GLN A 1 141 ? -14.585 2.650   8.683   1.00 13.63 ? 141 GLN X OE1 1 
ATOM   1118 N NE2 . GLN A 1 141 ? -14.788 2.742   6.453   1.00 11.71 ? 141 GLN X NE2 1 
ATOM   1119 N N   . THR A 1 142 ? -11.337 -1.742  5.561   1.00 11.26 ? 142 THR X N   1 
ATOM   1120 C CA  . THR A 1 142 ? -10.910 -2.711  4.542   1.00 10.77 ? 142 THR X CA  1 
ATOM   1121 C C   . THR A 1 142 ? -10.518 -4.030  5.213   1.00 10.85 ? 142 THR X C   1 
ATOM   1122 O O   . THR A 1 142 ? -9.342  -4.389  5.221   1.00 10.93 ? 142 THR X O   1 
ATOM   1123 C CB  . THR A 1 142 ? -9.736  -2.180  3.627   1.00 10.86 ? 142 THR X CB  1 
ATOM   1124 O OG1 . THR A 1 142 ? -8.604  -1.808  4.423   1.00 10.61 ? 142 THR X OG1 1 
ATOM   1125 C CG2 . THR A 1 142 ? -10.173 -0.967  2.782   1.00 11.15 ? 142 THR X CG2 1 
ATOM   1126 N N   . PRO A 1 143 ? -11.503 -4.746  5.802   1.00 11.11 ? 143 PRO X N   1 
ATOM   1127 C CA  . PRO A 1 143 ? -11.183 -5.950  6.593   1.00 11.29 ? 143 PRO X CA  1 
ATOM   1128 C C   . PRO A 1 143 ? -10.554 -7.098  5.798   1.00 11.29 ? 143 PRO X C   1 
ATOM   1129 O O   . PRO A 1 143 ? -9.637  -7.735  6.302   1.00 11.61 ? 143 PRO X O   1 
ATOM   1130 C CB  . PRO A 1 143 ? -12.539 -6.372  7.190   1.00 11.38 ? 143 PRO X CB  1 
ATOM   1131 C CG  . PRO A 1 143 ? -13.585 -5.643  6.403   1.00 11.26 ? 143 PRO X CG  1 
ATOM   1132 C CD  . PRO A 1 143 ? -12.950 -4.447  5.788   1.00 10.85 ? 143 PRO X CD  1 
ATOM   1133 N N   . ASN A 1 144 ? -11.026 -7.353  4.577   1.00 10.93 ? 144 ASN X N   1 
ATOM   1134 C CA  . ASN A 1 144 ? -10.509 -8.484  3.806   1.00 11.15 ? 144 ASN X CA  1 
ATOM   1135 C C   . ASN A 1 144 ? -9.047  -8.298  3.405   1.00 10.49 ? 144 ASN X C   1 
ATOM   1136 O O   . ASN A 1 144 ? -8.233  -9.207  3.567   1.00 9.85  ? 144 ASN X O   1 
ATOM   1137 C CB  . ASN A 1 144 ? -11.390 -8.793  2.600   1.00 11.38 ? 144 ASN X CB  1 
ATOM   1138 C CG  . ASN A 1 144 ? -12.716 -9.441  3.005   1.00 13.50 ? 144 ASN X CG  1 
ATOM   1139 O OD1 . ASN A 1 144 ? -12.980 -9.655  4.188   1.00 15.54 ? 144 ASN X OD1 1 
ATOM   1140 N ND2 . ASN A 1 144 ? -13.542 -9.754  2.026   1.00 13.95 ? 144 ASN X ND2 1 
ATOM   1141 N N   . ARG A 1 145 ? -8.731  -7.114  2.892   1.00 9.87  ? 145 ARG X N   1 
ATOM   1142 C CA  . ARG A 1 145 ? -7.355  -6.757  2.594   1.00 10.00 ? 145 ARG X CA  1 
ATOM   1143 C C   . ARG A 1 145 ? -6.497  -6.738  3.868   1.00 9.94  ? 145 ARG X C   1 
ATOM   1144 O O   . ARG A 1 145 ? -5.406  -7.320  3.887   1.00 10.44 ? 145 ARG X O   1 
ATOM   1145 C CB  . ARG A 1 145 ? -7.294  -5.407  1.875   1.00 9.81  ? 145 ARG X CB  1 
ATOM   1146 C CG  . ARG A 1 145 ? -5.976  -5.169  1.101   1.00 11.02 ? 145 ARG X CG  1 
ATOM   1147 C CD  . ARG A 1 145 ? -5.400  -3.857  1.507   1.00 11.78 ? 145 ARG X CD  1 
ATOM   1148 N NE  . ARG A 1 145 ? -4.126  -3.495  0.878   1.00 10.97 ? 145 ARG X NE  1 
ATOM   1149 C CZ  . ARG A 1 145 ? -4.002  -2.596  -0.102  1.00 11.00 ? 145 ARG X CZ  1 
ATOM   1150 N NH1 . ARG A 1 145 ? -5.073  -1.981  -0.594  1.00 10.45 ? 145 ARG X NH1 1 
ATOM   1151 N NH2 . ARG A 1 145 ? -2.802  -2.300  -0.590  1.00 8.69  ? 145 ARG X NH2 1 
ATOM   1152 N N   . ALA A 1 146 ? -6.986  -6.089  4.925   1.00 9.84  ? 146 ALA X N   1 
ATOM   1153 C CA  . ALA A 1 146 ? -6.257  -6.042  6.197   1.00 10.17 ? 146 ALA X CA  1 
ATOM   1154 C C   . ALA A 1 146 ? -5.966  -7.446  6.744   1.00 10.55 ? 146 ALA X C   1 
ATOM   1155 O O   . ALA A 1 146 ? -4.841  -7.715  7.190   1.00 9.95  ? 146 ALA X O   1 
ATOM   1156 C CB  . ALA A 1 146 ? -6.982  -5.185  7.231   1.00 10.36 ? 146 ALA X CB  1 
ATOM   1157 N N   . LYS A 1 147 ? -6.958  -8.342  6.683   1.00 10.77 ? 147 LYS X N   1 
ATOM   1158 C CA  . LYS A 1 147 ? -6.770  -9.736  7.123   1.00 11.66 ? 147 LYS X CA  1 
ATOM   1159 C C   . LYS A 1 147 ? -5.655  -10.448 6.355   1.00 11.29 ? 147 LYS X C   1 
ATOM   1160 O O   . LYS A 1 147 ? -4.875  -11.192 6.950   1.00 11.27 ? 147 LYS X O   1 
ATOM   1161 C CB  . LYS A 1 147 ? -8.047  -10.559 6.979   1.00 11.89 ? 147 LYS X CB  1 
ATOM   1162 C CG  . LYS A 1 147 ? -9.092  -10.335 8.050   1.00 14.65 ? 147 LYS X CG  1 
ATOM   1163 C CD  . LYS A 1 147 ? -10.374 -11.056 7.649   1.00 17.13 ? 147 LYS X CD  1 
ATOM   1164 C CE  . LYS A 1 147 ? -11.418 -10.995 8.741   1.00 20.89 ? 147 LYS X CE  1 
ATOM   1165 N NZ  . LYS A 1 147 ? -11.893 -9.607  8.918   1.00 24.66 ? 147 LYS X NZ  1 
ATOM   1166 N N   . ARG A 1 148 ? -5.599  -10.237 5.040   1.00 10.90 ? 148 ARG X N   1 
ATOM   1167 C CA  . ARG A 1 148 ? -4.523  -10.819 4.230   1.00 10.76 ? 148 ARG X CA  1 
ATOM   1168 C C   . ARG A 1 148 ? -3.158  -10.294 4.685   1.00 10.59 ? 148 ARG X C   1 
ATOM   1169 O O   . ARG A 1 148 ? -2.219  -11.075 4.876   1.00 9.99  ? 148 ARG X O   1 
ATOM   1170 C CB  . ARG A 1 148 ? -4.726  -10.544 2.736   1.00 10.87 ? 148 ARG X CB  1 
ATOM   1171 C CG  . ARG A 1 148 ? -5.837  -11.362 2.088   1.00 9.90  ? 148 ARG X CG  1 
ATOM   1172 C CD  . ARG A 1 148 ? -5.759  -11.284 0.578   1.00 10.22 ? 148 ARG X CD  1 
ATOM   1173 N NE  . ARG A 1 148 ? -6.052  -9.953  0.048   1.00 10.16 ? 148 ARG X NE  1 
ATOM   1174 C CZ  . ARG A 1 148 ? -7.275  -9.489  -0.194  1.00 10.64 ? 148 ARG X CZ  1 
ATOM   1175 N NH1 . ARG A 1 148 ? -8.348  -10.234 0.078   1.00 9.51  ? 148 ARG X NH1 1 
ATOM   1176 N NH2 . ARG A 1 148 ? -7.427  -8.268  -0.690  1.00 9.86  ? 148 ARG X NH2 1 
ATOM   1177 N N   . VAL A 1 149 ? -3.063  -8.975  4.870   1.00 10.72 ? 149 VAL X N   1 
ATOM   1178 C CA  . VAL A 1 149 ? -1.789  -8.336  5.239   1.00 10.94 ? 149 VAL X CA  1 
ATOM   1179 C C   . VAL A 1 149 ? -1.382  -8.778  6.647   1.00 11.18 ? 149 VAL X C   1 
ATOM   1180 O O   . VAL A 1 149 ? -0.211  -9.080  6.897   1.00 10.59 ? 149 VAL X O   1 
ATOM   1181 C CB  . VAL A 1 149 ? -1.846  -6.782  5.118   1.00 10.78 ? 149 VAL X CB  1 
ATOM   1182 C CG1 . VAL A 1 149 ? -0.581  -6.128  5.723   1.00 11.93 ? 149 VAL X CG1 1 
ATOM   1183 C CG2 . VAL A 1 149 ? -2.028  -6.359  3.659   1.00 11.33 ? 149 VAL X CG2 1 
ATOM   1184 N N   . ILE A 1 150 ? -2.366  -8.841  7.548   1.00 11.17 ? 150 ILE X N   1 
ATOM   1185 C CA  . ILE A 1 150 ? -2.142  -9.315  8.916   1.00 11.61 ? 150 ILE X CA  1 
ATOM   1186 C C   . ILE A 1 150 ? -1.691  -10.792 8.981   1.00 11.69 ? 150 ILE X C   1 
ATOM   1187 O O   . ILE A 1 150 ? -0.798  -11.135 9.758   1.00 11.44 ? 150 ILE X O   1 
ATOM   1188 C CB  . ILE A 1 150 ? -3.368  -9.056  9.836   1.00 11.32 ? 150 ILE X CB  1 
ATOM   1189 C CG1 . ILE A 1 150 ? -3.542  -7.548  10.064  1.00 12.54 ? 150 ILE X CG1 1 
ATOM   1190 C CG2 . ILE A 1 150 ? -3.153  -9.710  11.197  1.00 11.86 ? 150 ILE X CG2 1 
ATOM   1191 C CD1 . ILE A 1 150 ? -4.916  -7.146  10.614  1.00 13.00 ? 150 ILE X CD1 1 
ATOM   1192 N N   . THR A 1 151 ? -2.295  -11.653 8.160   1.00 11.61 ? 151 THR X N   1 
ATOM   1193 C CA  . THR A 1 151 ? -1.890  -13.065 8.111   1.00 12.03 ? 151 THR X CA  1 
ATOM   1194 C C   . THR A 1 151 ? -0.424  -13.188 7.691   1.00 11.62 ? 151 THR X C   1 
ATOM   1195 O O   . THR A 1 151 ? 0.310   -14.055 8.182   1.00 11.64 ? 151 THR X O   1 
ATOM   1196 C CB  . THR A 1 151 ? -2.799  -13.872 7.168   1.00 12.33 ? 151 THR X CB  1 
ATOM   1197 O OG1 . THR A 1 151 ? -4.115  -13.903 7.722   1.00 12.64 ? 151 THR X OG1 1 
ATOM   1198 C CG2 . THR A 1 151 ? -2.299  -15.309 6.991   1.00 12.45 ? 151 THR X CG2 1 
ATOM   1199 N N   . THR A 1 152 ? -0.019  -12.307 6.783   1.00 11.25 ? 152 THR X N   1 
ATOM   1200 C CA  . THR A 1 152 ? 1.340   -12.257 6.274   1.00 11.53 ? 152 THR X CA  1 
ATOM   1201 C C   . THR A 1 152 ? 2.321   -11.875 7.395   1.00 11.46 ? 152 THR X C   1 
ATOM   1202 O O   . THR A 1 152 ? 3.341   -12.546 7.572   1.00 11.72 ? 152 THR X O   1 
ATOM   1203 C CB  . THR A 1 152 ? 1.437   -11.311 5.049   1.00 11.23 ? 152 THR X CB  1 
ATOM   1204 O OG1 . THR A 1 152 ? 0.390   -11.644 4.124   1.00 11.58 ? 152 THR X OG1 1 
ATOM   1205 C CG2 . THR A 1 152 ? 2.797   -11.445 4.351   1.00 11.00 ? 152 THR X CG2 1 
ATOM   1206 N N   . PHE A 1 153 ? 1.991   -10.833 8.165   1.00 11.68 ? 153 PHE X N   1 
ATOM   1207 C CA  . PHE A 1 153 ? 2.752   -10.492 9.378   1.00 11.74 ? 153 PHE X CA  1 
ATOM   1208 C C   . PHE A 1 153 ? 2.740   -11.608 10.422  1.00 12.10 ? 153 PHE X C   1 
ATOM   1209 O O   . PHE A 1 153 ? 3.745   -11.854 11.078  1.00 12.33 ? 153 PHE X O   1 
ATOM   1210 C CB  . PHE A 1 153 ? 2.213   -9.222  10.040  1.00 11.64 ? 153 PHE X CB  1 
ATOM   1211 C CG  . PHE A 1 153 ? 2.700   -7.946  9.426   1.00 11.41 ? 153 PHE X CG  1 
ATOM   1212 C CD1 . PHE A 1 153 ? 4.062   -7.697  9.268   1.00 11.23 ? 153 PHE X CD1 1 
ATOM   1213 C CD2 . PHE A 1 153 ? 1.788   -6.965  9.040   1.00 11.41 ? 153 PHE X CD2 1 
ATOM   1214 C CE1 . PHE A 1 153 ? 4.514   -6.495  8.717   1.00 9.62  ? 153 PHE X CE1 1 
ATOM   1215 C CE2 . PHE A 1 153 ? 2.229   -5.756  8.487   1.00 10.98 ? 153 PHE X CE2 1 
ATOM   1216 C CZ  . PHE A 1 153 ? 3.597   -5.524  8.328   1.00 9.61  ? 153 PHE X CZ  1 
ATOM   1217 N N   . ARG A 1 154 ? 1.600   -12.273 10.596  1.00 12.50 ? 154 ARG X N   1 
ATOM   1218 C CA  . ARG A 1 154 ? 1.494   -13.308 11.632  1.00 12.57 ? 154 ARG X CA  1 
ATOM   1219 C C   . ARG A 1 154 ? 2.320   -14.558 11.321  1.00 12.43 ? 154 ARG X C   1 
ATOM   1220 O O   . ARG A 1 154 ? 2.938   -15.129 12.229  1.00 11.88 ? 154 ARG X O   1 
ATOM   1221 C CB  . ARG A 1 154 ? 0.027   -13.685 11.900  1.00 12.77 ? 154 ARG X CB  1 
ATOM   1222 C CG  . ARG A 1 154 ? -0.157  -14.652 13.085  1.00 14.06 ? 154 ARG X CG  1 
ATOM   1223 C CD  . ARG A 1 154 ? -1.611  -15.067 13.307  1.00 16.56 ? 154 ARG X CD  1 
ATOM   1224 N NE  . ARG A 1 154 ? -2.258  -15.587 12.099  1.00 19.75 ? 154 ARG X NE  1 
ATOM   1225 C CZ  . ARG A 1 154 ? -2.226  -16.860 11.691  1.00 21.97 ? 154 ARG X CZ  1 
ATOM   1226 N NH1 . ARG A 1 154 ? -1.566  -17.784 12.383  1.00 23.02 ? 154 ARG X NH1 1 
ATOM   1227 N NH2 . ARG A 1 154 ? -2.854  -17.209 10.573  1.00 22.73 ? 154 ARG X NH2 1 
ATOM   1228 N N   . THR A 1 155 ? 2.339   -14.958 10.045  1.00 12.58 ? 155 THR X N   1 
ATOM   1229 C CA  . THR A 1 155 ? 2.912   -16.250 9.621   1.00 12.85 ? 155 THR X CA  1 
ATOM   1230 C C   . THR A 1 155 ? 4.261   -16.164 8.911   1.00 12.91 ? 155 THR X C   1 
ATOM   1231 O O   . THR A 1 155 ? 5.049   -17.113 8.955   1.00 12.70 ? 155 THR X O   1 
ATOM   1232 C CB  . THR A 1 155 ? 1.961   -17.013 8.673   1.00 12.80 ? 155 THR X CB  1 
ATOM   1233 O OG1 . THR A 1 155 ? 1.769   -16.243 7.473   1.00 12.83 ? 155 THR X OG1 1 
ATOM   1234 C CG2 . THR A 1 155 ? 0.611   -17.307 9.352   1.00 13.06 ? 155 THR X CG2 1 
ATOM   1235 N N   . GLY A 1 156 ? 4.514   -15.045 8.236   1.00 12.67 ? 156 GLY X N   1 
ATOM   1236 C CA  . GLY A 1 156 ? 5.711   -14.899 7.421   1.00 12.67 ? 156 GLY X CA  1 
ATOM   1237 C C   . GLY A 1 156 ? 5.626   -15.818 6.208   1.00 12.69 ? 156 GLY X C   1 
ATOM   1238 O O   . GLY A 1 156 ? 6.642   -16.256 5.674   1.00 12.50 ? 156 GLY X O   1 
ATOM   1239 N N   . THR A 1 157 ? 4.397   -16.140 5.811   1.00 12.51 ? 157 THR X N   1 
ATOM   1240 C CA  . THR A 1 157 ? 4.133   -16.929 4.620   1.00 12.29 ? 157 THR X CA  1 
ATOM   1241 C C   . THR A 1 157 ? 3.224   -16.120 3.694   1.00 12.43 ? 157 THR X C   1 
ATOM   1242 O O   . THR A 1 157 ? 2.655   -15.102 4.103   1.00 12.28 ? 157 THR X O   1 
ATOM   1243 C CB  . THR A 1 157 ? 3.431   -18.261 4.945   1.00 12.64 ? 157 THR X CB  1 
ATOM   1244 O OG1 . THR A 1 157 ? 2.097   -18.003 5.401   1.00 12.43 ? 157 THR X OG1 1 
ATOM   1245 C CG2 . THR A 1 157 ? 4.215   -19.081 5.984   1.00 12.27 ? 157 THR X CG2 1 
ATOM   1246 N N   . TRP A 1 158 ? 3.093   -16.589 2.456   1.00 12.38 ? 158 TRP X N   1 
ATOM   1247 C CA  . TRP A 1 158 ? 2.185   -16.008 1.477   1.00 12.46 ? 158 TRP X CA  1 
ATOM   1248 C C   . TRP A 1 158 ? 0.839   -16.735 1.408   1.00 13.05 ? 158 TRP X C   1 
ATOM   1249 O O   . TRP A 1 158 ? 0.132   -16.649 0.395   1.00 12.73 ? 158 TRP X O   1 
ATOM   1250 C CB  . TRP A 1 158 ? 2.836   -16.057 0.098   1.00 12.32 ? 158 TRP X CB  1 
ATOM   1251 C CG  . TRP A 1 158 ? 4.028   -15.160 -0.069  1.00 11.79 ? 158 TRP X CG  1 
ATOM   1252 C CD1 . TRP A 1 158 ? 5.323   -15.542 -0.220  1.00 12.26 ? 158 TRP X CD1 1 
ATOM   1253 C CD2 . TRP A 1 158 ? 4.021   -13.727 -0.119  1.00 12.86 ? 158 TRP X CD2 1 
ATOM   1254 N NE1 . TRP A 1 158 ? 6.133   -14.438 -0.363  1.00 11.95 ? 158 TRP X NE1 1 
ATOM   1255 C CE2 . TRP A 1 158 ? 5.355   -13.310 -0.313  1.00 13.06 ? 158 TRP X CE2 1 
ATOM   1256 C CE3 . TRP A 1 158 ? 3.009   -12.754 -0.041  1.00 13.30 ? 158 TRP X CE3 1 
ATOM   1257 C CZ2 . TRP A 1 158 ? 5.714   -11.960 -0.413  1.00 13.01 ? 158 TRP X CZ2 1 
ATOM   1258 C CZ3 . TRP A 1 158 ? 3.366   -11.410 -0.149  1.00 12.84 ? 158 TRP X CZ3 1 
ATOM   1259 C CH2 . TRP A 1 158 ? 4.708   -11.030 -0.336  1.00 12.98 ? 158 TRP X CH2 1 
ATOM   1260 N N   . ASP A 1 159 ? 0.476   -17.447 2.471   1.00 13.56 ? 159 ASP X N   1 
ATOM   1261 C CA  . ASP A 1 159 ? -0.734  -18.285 2.455   1.00 14.46 ? 159 ASP X CA  1 
ATOM   1262 C C   . ASP A 1 159 ? -2.020  -17.520 2.120   1.00 14.38 ? 159 ASP X C   1 
ATOM   1263 O O   . ASP A 1 159 ? -2.878  -18.022 1.392   1.00 14.07 ? 159 ASP X O   1 
ATOM   1264 C CB  . ASP A 1 159 ? -0.891  -19.031 3.780   1.00 15.28 ? 159 ASP X CB  1 
ATOM   1265 C CG  . ASP A 1 159 ? 0.105   -20.178 3.931   1.00 16.90 ? 159 ASP X CG  1 
ATOM   1266 O OD1 . ASP A 1 159 ? 0.852   -20.486 2.974   1.00 19.08 ? 159 ASP X OD1 1 
ATOM   1267 O OD2 . ASP A 1 159 ? 0.133   -20.780 5.019   1.00 19.88 ? 159 ASP X OD2 1 
ATOM   1268 N N   . ALA A 1 160 ? -2.140  -16.303 2.640   1.00 14.53 ? 160 ALA X N   1 
ATOM   1269 C CA  . ALA A 1 160 ? -3.321  -15.466 2.403   1.00 14.49 ? 160 ALA X CA  1 
ATOM   1270 C C   . ALA A 1 160 ? -3.464  -14.987 0.948   1.00 14.55 ? 160 ALA X C   1 
ATOM   1271 O O   . ALA A 1 160 ? -4.516  -14.468 0.568   1.00 14.48 ? 160 ALA X O   1 
ATOM   1272 C CB  . ALA A 1 160 ? -3.333  -14.272 3.378   1.00 14.24 ? 160 ALA X CB  1 
ATOM   1273 N N   . TYR A 1 161 ? -2.411  -15.157 0.146   1.00 14.90 ? 161 TYR X N   1 
ATOM   1274 C CA  . TYR A 1 161 ? -2.435  -14.752 -1.264  1.00 15.62 ? 161 TYR X CA  1 
ATOM   1275 C C   . TYR A 1 161 ? -2.429  -15.925 -2.260  1.00 17.08 ? 161 TYR X C   1 
ATOM   1276 O O   . TYR A 1 161 ? -2.504  -15.717 -3.470  1.00 17.02 ? 161 TYR X O   1 
ATOM   1277 C CB  . TYR A 1 161 ? -1.310  -13.754 -1.571  1.00 15.29 ? 161 TYR X CB  1 
ATOM   1278 C CG  . TYR A 1 161 ? -1.526  -12.417 -0.901  1.00 13.58 ? 161 TYR X CG  1 
ATOM   1279 C CD1 . TYR A 1 161 ? -1.047  -12.184 0.383   1.00 11.99 ? 161 TYR X CD1 1 
ATOM   1280 C CD2 . TYR A 1 161 ? -2.240  -11.396 -1.542  1.00 11.83 ? 161 TYR X CD2 1 
ATOM   1281 C CE1 . TYR A 1 161 ? -1.258  -10.978 1.019   1.00 10.59 ? 161 TYR X CE1 1 
ATOM   1282 C CE2 . TYR A 1 161 ? -2.459  -10.176 -0.918  1.00 10.89 ? 161 TYR X CE2 1 
ATOM   1283 C CZ  . TYR A 1 161 ? -1.964  -9.974  0.366   1.00 10.31 ? 161 TYR X CZ  1 
ATOM   1284 O OH  . TYR A 1 161 ? -2.165  -8.782  1.001   1.00 8.52  ? 161 TYR X OH  1 
ATOM   1285 N N   . LYS A 1 162 ? -2.322  -17.132 -1.727  1.00 20.00 ? 162 LYS X N   1 
ATOM   1286 C CA  . LYS A 1 162 ? -2.688  -18.459 -2.264  1.00 20.00 ? 162 LYS X CA  1 
ATOM   1287 C C   . LYS A 1 162 ? -1.624  -19.538 -2.074  1.00 20.00 ? 162 LYS X C   1 
ATOM   1288 O O   . LYS A 1 162 ? -0.420  -19.251 -2.050  1.00 21.67 ? 162 LYS X O   1 
ATOM   1289 C CB  . LYS A 1 162 ? -3.388  -18.533 -3.610  1.00 20.00 ? 162 LYS X CB  1 
ATOM   1290 C CG  . LYS A 1 162 ? -4.821  -18.828 -3.476  1.00 20.00 ? 162 LYS X CG  1 
ATOM   1291 C CD  . LYS A 1 162 ? -5.592  -18.902 -4.782  1.00 20.00 ? 162 LYS X CD  1 
ATOM   1292 C CE  . LYS A 1 162 ? -6.480  -17.645 -5.019  1.00 20.00 ? 162 LYS X CE  1 
ATOM   1293 N NZ  . LYS A 1 162 ? -5.710  -16.415 -5.192  1.00 20.00 ? 162 LYS X NZ  1 
HETATM 1294 P P   . PO4 B 2 .   ? 3.278   -14.196 20.474  0.50 8.58  ? 301 PO4 X P   1 
HETATM 1295 O O1  . PO4 B 2 .   ? 2.587   -15.170 21.423  0.50 5.42  ? 301 PO4 X O1  1 
HETATM 1296 O O2  . PO4 B 2 .   ? 4.718   -14.022 20.920  0.50 5.04  ? 301 PO4 X O2  1 
HETATM 1297 O O3  . PO4 B 2 .   ? 3.115   -14.702 19.059  0.50 3.53  ? 301 PO4 X O3  1 
HETATM 1298 O O4  . PO4 B 2 .   ? 2.633   -12.824 20.506  0.50 4.66  ? 301 PO4 X O4  1 
HETATM 1299 P P   . PO4 C 2 .   ? -12.030 -9.691  -1.172  0.50 20.30 ? 302 PO4 X P   1 
HETATM 1300 O O1  . PO4 C 2 .   ? -12.426 -10.295 -2.499  0.50 20.77 ? 302 PO4 X O1  1 
HETATM 1301 O O2  . PO4 C 2 .   ? -10.984 -8.619  -1.347  0.50 20.84 ? 302 PO4 X O2  1 
HETATM 1302 O O3  . PO4 C 2 .   ? -13.277 -9.093  -0.553  0.50 20.06 ? 302 PO4 X O3  1 
HETATM 1303 O O4  . PO4 C 2 .   ? -11.497 -10.778 -0.277  0.50 20.93 ? 302 PO4 X O4  1 
HETATM 1304 C CAA . MR3 D 3 .   ? 4.249   -2.012  9.142   1.00 19.17 ? 303 MR3 X CAA 1 
HETATM 1305 N NAF . MR3 D 3 .   ? 5.634   -1.540  8.916   1.00 19.00 ? 303 MR3 X NAF 1 
HETATM 1306 C CAD . MR3 D 3 .   ? 5.978   -0.557  8.090   1.00 19.36 ? 303 MR3 X CAD 1 
HETATM 1307 C CAB . MR3 D 3 .   ? 7.304   -0.437  8.164   1.00 18.96 ? 303 MR3 X CAB 1 
HETATM 1308 C CAC . MR3 D 3 .   ? 7.752   -1.350  9.030   1.00 19.60 ? 303 MR3 X CAC 1 
HETATM 1309 C CAE . MR3 D 3 .   ? 6.716   -2.048  9.504   1.00 19.27 ? 303 MR3 X CAE 1 
HETATM 1310 C CAA . MR3 E 3 .   ? 12.115  -1.242  -4.288  1.00 32.69 ? 304 MR3 X CAA 1 
HETATM 1311 N NAF . MR3 E 3 .   ? 12.137  -1.617  -5.720  1.00 32.98 ? 304 MR3 X NAF 1 
HETATM 1312 C CAD . MR3 E 3 .   ? 11.188  -1.318  -6.598  1.00 32.35 ? 304 MR3 X CAD 1 
HETATM 1313 C CAB . MR3 E 3 .   ? 11.577  -1.822  -7.763  1.00 32.01 ? 304 MR3 X CAB 1 
HETATM 1314 C CAC . MR3 E 3 .   ? 12.759  -2.415  -7.591  1.00 32.18 ? 304 MR3 X CAC 1 
HETATM 1315 C CAE . MR3 E 3 .   ? 13.112  -2.295  -6.313  1.00 32.44 ? 304 MR3 X CAE 1 
HETATM 1316 O O   . HOH F 4 .   ? -13.084 1.255   2.624   1.00 20.89 ? 305 HOH X O   1 
HETATM 1317 O O   . HOH F 4 .   ? -13.266 -5.928  2.844   1.00 6.58  ? 306 HOH X O   1 
HETATM 1318 O O   . HOH F 4 .   ? 0.405   2.375   -8.703  1.00 10.74 ? 307 HOH X O   1 
HETATM 1319 O O   . HOH F 4 .   ? -0.038  -14.461 3.688   1.00 10.68 ? 308 HOH X O   1 
HETATM 1320 O O   . HOH F 4 .   ? -0.487  2.272   -11.415 1.00 10.81 ? 309 HOH X O   1 
HETATM 1321 O O   . HOH F 4 .   ? -13.430 2.465   11.360  1.00 11.17 ? 310 HOH X O   1 
HETATM 1322 O O   . HOH F 4 .   ? -6.022  2.754   11.205  1.00 10.24 ? 311 HOH X O   1 
HETATM 1323 O O   . HOH F 4 .   ? 10.853  -8.243  13.552  1.00 12.04 ? 312 HOH X O   1 
HETATM 1324 O O   . HOH F 4 .   ? -7.865  -7.676  17.389  1.00 16.34 ? 313 HOH X O   1 
HETATM 1325 O O   . HOH F 4 .   ? -0.446  0.252   17.499  1.00 25.22 ? 314 HOH X O   1 
HETATM 1326 O O   . HOH F 4 .   ? 10.973  5.283   -8.473  1.00 21.11 ? 315 HOH X O   1 
HETATM 1327 O O   . HOH F 4 .   ? -6.404  2.398   -4.326  1.00 16.11 ? 316 HOH X O   1 
HETATM 1328 O O   . HOH F 4 .   ? -10.723 -5.080  2.107   1.00 9.27  ? 317 HOH X O   1 
HETATM 1329 O O   . HOH F 4 .   ? -3.849  -13.498 11.303  1.00 20.75 ? 318 HOH X O   1 
HETATM 1330 O O   . HOH F 4 .   ? 8.534   -8.957  -2.360  1.00 18.71 ? 319 HOH X O   1 
HETATM 1331 O O   . HOH F 4 .   ? -2.233  -2.620  3.605   1.00 11.94 ? 320 HOH X O   1 
HETATM 1332 O O   . HOH F 4 .   ? 4.300   7.281   -9.796  1.00 14.47 ? 321 HOH X O   1 
HETATM 1333 O O   . HOH F 4 .   ? -16.224 14.871  -7.924  1.00 13.65 ? 322 HOH X O   1 
HETATM 1334 O O   . HOH F 4 .   ? 11.197  -12.317 11.047  1.00 12.76 ? 323 HOH X O   1 
HETATM 1335 O O   . HOH F 4 .   ? 4.994   -15.270 17.454  1.00 15.79 ? 324 HOH X O   1 
HETATM 1336 O O   . HOH F 4 .   ? -3.192  -13.422 16.163  1.00 13.10 ? 325 HOH X O   1 
HETATM 1337 O O   . HOH F 4 .   ? -15.545 -4.182  8.945   1.00 8.81  ? 326 HOH X O   1 
HETATM 1338 O O   . HOH F 4 .   ? -11.614 1.394   14.464  1.00 7.90  ? 327 HOH X O   1 
HETATM 1339 O O   . HOH F 4 .   ? 10.389  8.847   5.072   1.00 19.94 ? 328 HOH X O   1 
HETATM 1340 O O   . HOH F 4 .   ? -0.805  -10.777 -8.680  1.00 13.42 ? 329 HOH X O   1 
HETATM 1341 O O   . HOH F 4 .   ? 0.098   -1.123  -22.591 1.00 20.53 ? 330 HOH X O   1 
HETATM 1342 O O   . HOH F 4 .   ? -3.538  4.317   -3.353  1.00 11.74 ? 331 HOH X O   1 
HETATM 1343 O O   . HOH F 4 .   ? -15.602 5.662   1.071   1.00 11.86 ? 332 HOH X O   1 
HETATM 1344 O O   . HOH F 4 .   ? -7.538  0.176   -5.942  1.00 12.16 ? 333 HOH X O   1 
HETATM 1345 O O   . HOH F 4 .   ? 14.053  -7.816  15.950  1.00 15.12 ? 334 HOH X O   1 
HETATM 1346 O O   . HOH F 4 .   ? -8.648  -12.988 1.047   1.00 18.74 ? 335 HOH X O   1 
HETATM 1347 O O   . HOH F 4 .   ? 6.279   -11.267 -10.277 1.00 11.77 ? 336 HOH X O   1 
HETATM 1348 O O   . HOH F 4 .   ? -8.091  -5.368  -1.674  1.00 14.90 ? 337 HOH X O   1 
HETATM 1349 O O   . HOH F 4 .   ? -1.913  -7.637  21.061  1.00 16.08 ? 338 HOH X O   1 
HETATM 1350 O O   . HOH F 4 .   ? -9.228  -11.802 3.818   1.00 10.80 ? 339 HOH X O   1 
HETATM 1351 O O   . HOH F 4 .   ? -15.903 10.725  -3.597  1.00 19.48 ? 340 HOH X O   1 
HETATM 1352 O O   . HOH F 4 .   ? -10.220 12.599  -5.100  1.00 14.29 ? 341 HOH X O   1 
HETATM 1353 O O   . HOH F 4 .   ? -5.773  -10.093 13.877  1.00 13.64 ? 342 HOH X O   1 
HETATM 1354 O O   . HOH F 4 .   ? 7.995   -17.779 3.961   1.00 13.03 ? 343 HOH X O   1 
HETATM 1355 O O   . HOH F 4 .   ? -14.377 3.337   3.665   1.00 18.90 ? 344 HOH X O   1 
HETATM 1356 O O   . HOH F 4 .   ? 4.409   -19.544 10.014  1.00 20.33 ? 345 HOH X O   1 
HETATM 1357 O O   . HOH F 4 .   ? 8.556   2.506   -13.700 1.00 25.94 ? 346 HOH X O   1 
HETATM 1358 O O   . HOH F 4 .   ? 5.583   8.402   -16.127 1.00 15.87 ? 347 HOH X O   1 
HETATM 1359 O O   . HOH F 4 .   ? 7.079   1.321   18.352  1.00 18.03 ? 348 HOH X O   1 
HETATM 1360 O O   . HOH F 4 .   ? 14.324  -3.464  1.177   1.00 20.88 ? 349 HOH X O   1 
HETATM 1361 O O   . HOH F 4 .   ? -3.273  -1.237  -22.380 1.00 18.19 ? 350 HOH X O   1 
HETATM 1362 O O   . HOH F 4 .   ? -12.989 12.340  -4.893  1.00 22.75 ? 351 HOH X O   1 
HETATM 1363 O O   . HOH F 4 .   ? -4.335  1.931   -1.691  1.00 12.90 ? 352 HOH X O   1 
HETATM 1364 O O   . HOH F 4 .   ? -0.391  5.826   -4.633  1.00 19.01 ? 353 HOH X O   1 
HETATM 1365 O O   . HOH F 4 .   ? 4.778   -18.817 1.647   1.00 15.73 ? 354 HOH X O   1 
HETATM 1366 O O   . HOH F 4 .   ? -17.569 3.601   7.404   1.00 15.04 ? 355 HOH X O   1 
HETATM 1367 O O   . HOH F 4 .   ? 5.404   -2.802  -17.916 1.00 21.30 ? 356 HOH X O   1 
HETATM 1368 O O   . HOH F 4 .   ? -10.507 2.354   3.130   1.00 21.00 ? 357 HOH X O   1 
HETATM 1369 O O   . HOH F 4 .   ? -7.310  -0.780  -9.674  1.00 22.15 ? 358 HOH X O   1 
HETATM 1370 O O   . HOH F 4 .   ? 6.546   9.124   10.841  1.00 33.15 ? 359 HOH X O   1 
HETATM 1371 O O   . HOH F 4 .   ? 3.641   6.876   -22.001 1.00 20.57 ? 360 HOH X O   1 
HETATM 1372 O O   . HOH F 4 .   ? -7.596  18.783  -16.133 1.00 20.37 ? 361 HOH X O   1 
HETATM 1373 O O   . HOH F 4 .   ? -8.674  1.115   5.177   1.00 20.29 ? 362 HOH X O   1 
HETATM 1374 O O   . HOH F 4 .   ? -15.398 13.494  -5.893  1.00 26.85 ? 363 HOH X O   1 
HETATM 1375 O O   . HOH F 4 .   ? 8.115   -14.413 19.759  1.00 15.40 ? 364 HOH X O   1 
HETATM 1376 O O   . HOH F 4 .   ? -5.052  8.425   -23.336 1.00 28.66 ? 365 HOH X O   1 
HETATM 1377 O O   . HOH F 4 .   ? -2.060  -12.574 20.897  1.00 24.66 ? 366 HOH X O   1 
HETATM 1378 O O   . HOH F 4 .   ? -5.992  5.286   -3.954  1.00 15.66 ? 367 HOH X O   1 
HETATM 1379 O O   A HOH F 4 .   ? -9.722  -0.689  -17.024 0.50 11.03 ? 368 HOH X O   1 
HETATM 1380 O O   B HOH F 4 .   ? -11.260 0.378   -16.067 0.50 16.13 ? 368 HOH X O   1 
HETATM 1381 O O   . HOH F 4 .   ? -13.702 4.376   -13.714 1.00 27.64 ? 369 HOH X O   1 
HETATM 1382 O O   . HOH F 4 .   ? -18.216 12.615  -8.151  1.00 25.77 ? 370 HOH X O   1 
HETATM 1383 O O   . HOH F 4 .   ? 9.922   -0.721  18.273  1.00 36.91 ? 371 HOH X O   1 
HETATM 1384 O O   . HOH F 4 .   ? -7.891  -7.752  -10.882 1.00 33.19 ? 372 HOH X O   1 
HETATM 1385 O O   . HOH F 4 .   ? -7.843  -1.945  -0.162  1.00 23.34 ? 373 HOH X O   1 
HETATM 1386 O O   . HOH F 4 .   ? -3.454  -5.400  21.461  1.00 16.31 ? 374 HOH X O   1 
HETATM 1387 O O   . HOH F 4 .   ? -6.949  -14.809 1.727   1.00 18.37 ? 375 HOH X O   1 
HETATM 1388 O O   . HOH F 4 .   ? -5.736  -12.241 9.622   1.00 14.48 ? 376 HOH X O   1 
HETATM 1389 O O   . HOH F 4 .   ? -6.862  6.324   -0.174  1.00 21.69 ? 377 HOH X O   1 
HETATM 1390 O O   . HOH F 4 .   ? 4.005   9.916   -21.872 1.00 33.06 ? 378 HOH X O   1 
HETATM 1391 O O   . HOH F 4 .   ? -2.287  5.859   -25.189 1.00 23.52 ? 379 HOH X O   1 
HETATM 1392 O O   . HOH F 4 .   ? 5.763   -0.240  -17.818 1.00 14.77 ? 380 HOH X O   1 
HETATM 1393 O O   . HOH F 4 .   ? 9.497   7.940   -1.047  1.00 23.17 ? 381 HOH X O   1 
HETATM 1394 O O   . HOH F 4 .   ? -13.222 8.647   2.724   1.00 30.52 ? 382 HOH X O   1 
HETATM 1395 O O   . HOH F 4 .   ? 6.281   -14.915 -7.597  1.00 23.09 ? 383 HOH X O   1 
HETATM 1396 O O   . HOH F 4 .   ? 10.161  2.133   15.499  1.00 28.55 ? 384 HOH X O   1 
HETATM 1397 O O   . HOH F 4 .   ? 0.301   5.886   -24.515 1.00 19.92 ? 385 HOH X O   1 
HETATM 1398 O O   . HOH F 4 .   ? -9.062  -4.718  -11.076 1.00 22.05 ? 386 HOH X O   1 
HETATM 1399 O O   . HOH F 4 .   ? -12.956 7.582   -15.494 1.00 28.67 ? 387 HOH X O   1 
HETATM 1400 O O   . HOH F 4 .   ? -14.562 6.212   3.399   1.00 25.35 ? 388 HOH X O   1 
HETATM 1401 O O   . HOH F 4 .   ? -3.708  7.393   6.021   1.00 40.01 ? 389 HOH X O   1 
HETATM 1402 O O   . HOH F 4 .   ? 0.074   -13.345 -8.255  1.00 26.71 ? 390 HOH X O   1 
HETATM 1403 O O   . HOH F 4 .   ? 15.818  4.942   13.287  1.00 35.11 ? 391 HOH X O   1 
HETATM 1404 O O   . HOH F 4 .   ? 3.769   5.151   -2.837  1.00 34.92 ? 392 HOH X O   1 
HETATM 1405 O O   . HOH F 4 .   ? -9.416  -10.744 11.947  1.00 14.80 ? 393 HOH X O   1 
HETATM 1406 O O   . HOH F 4 .   ? 12.605  -11.822 19.099  1.00 26.25 ? 394 HOH X O   1 
HETATM 1407 O O   . HOH F 4 .   ? 3.232   -16.737 16.019  1.00 14.80 ? 395 HOH X O   1 
HETATM 1408 O O   . HOH F 4 .   ? 16.199  -3.035  13.390  1.00 14.77 ? 396 HOH X O   1 
HETATM 1409 O O   . HOH F 4 .   ? -16.481 -2.627  10.991  1.00 22.96 ? 397 HOH X O   1 
HETATM 1410 O O   . HOH F 4 .   ? -4.398  5.736   -23.554 1.00 22.06 ? 398 HOH X O   1 
HETATM 1411 O O   . HOH F 4 .   ? -13.800 11.020  -0.267  1.00 30.08 ? 399 HOH X O   1 
HETATM 1412 O O   . HOH F 4 .   ? -14.146 19.129  -11.876 1.00 32.44 ? 400 HOH X O   1 
HETATM 1413 O O   . HOH F 4 .   ? 1.623   2.676   -23.558 1.00 26.23 ? 401 HOH X O   1 
HETATM 1414 O O   . HOH F 4 .   ? -7.362  -7.602  -7.698  1.00 22.87 ? 402 HOH X O   1 
HETATM 1415 O O   . HOH F 4 .   ? -12.459 13.618  -2.572  1.00 29.67 ? 403 HOH X O   1 
HETATM 1416 O O   . HOH F 4 .   ? -7.481  4.324   7.896   1.00 26.50 ? 404 HOH X O   1 
HETATM 1417 O O   . HOH F 4 .   ? 8.811   7.385   -7.536  1.00 24.65 ? 405 HOH X O   1 
HETATM 1418 O O   A HOH F 4 .   ? -4.521  15.932  -2.920  0.50 15.98 ? 406 HOH X O   1 
HETATM 1419 O O   B HOH F 4 .   ? -3.526  16.569  -4.933  0.50 12.92 ? 406 HOH X O   1 
HETATM 1420 O O   . HOH F 4 .   ? 1.125   4.688   -2.910  1.00 27.25 ? 407 HOH X O   1 
HETATM 1421 O O   . HOH F 4 .   ? -5.743  -10.008 -9.228  1.00 29.31 ? 408 HOH X O   1 
HETATM 1422 O O   . HOH F 4 .   ? -6.379  2.295   -22.104 1.00 23.07 ? 409 HOH X O   1 
HETATM 1423 O O   . HOH F 4 .   ? 2.597   -8.170  -10.513 1.00 21.28 ? 410 HOH X O   1 
HETATM 1424 O O   . HOH F 4 .   ? 2.403   8.954   12.539  1.00 30.11 ? 411 HOH X O   1 
HETATM 1425 O O   . HOH F 4 .   ? 1.573   -13.853 23.828  1.00 35.56 ? 412 HOH X O   1 
HETATM 1426 O O   . HOH F 4 .   ? -3.781  -20.653 1.624   1.00 33.50 ? 413 HOH X O   1 
HETATM 1427 O O   . HOH F 4 .   ? 0.691   13.561  -10.288 1.00 19.98 ? 414 HOH X O   1 
HETATM 1428 O O   . HOH F 4 .   ? -14.892 6.346   7.539   1.00 28.32 ? 415 HOH X O   1 
HETATM 1429 O O   . HOH F 4 .   ? 11.686  10.096  10.288  1.00 28.60 ? 416 HOH X O   1 
HETATM 1430 O O   . HOH F 4 .   ? 7.538   -18.238 8.190   1.00 23.57 ? 417 HOH X O   1 
HETATM 1431 O O   . HOH F 4 .   ? -10.897 -5.386  14.667  1.00 33.03 ? 418 HOH X O   1 
HETATM 1432 O O   . HOH F 4 .   ? -10.256 -5.955  16.933  1.00 28.58 ? 419 HOH X O   1 
HETATM 1433 O O   . HOH F 4 .   ? 10.757  10.204  2.773   1.00 29.35 ? 420 HOH X O   1 
HETATM 1434 O O   . HOH F 4 .   ? 0.238   8.797   5.890   1.00 30.65 ? 421 HOH X O   1 
HETATM 1435 O O   . HOH F 4 .   ? 2.444   -4.895  -19.625 1.00 39.73 ? 422 HOH X O   1 
HETATM 1436 O O   . HOH F 4 .   ? 3.351   -19.915 -0.372  1.00 30.63 ? 423 HOH X O   1 
HETATM 1437 O O   . HOH F 4 .   ? -7.785  1.308   0.491   1.00 27.92 ? 424 HOH X O   1 
HETATM 1438 O O   . HOH F 4 .   ? -3.658  20.050  -16.589 1.00 38.44 ? 425 HOH X O   1 
HETATM 1439 O O   . HOH F 4 .   ? -15.292 17.181  -10.671 1.00 31.30 ? 426 HOH X O   1 
HETATM 1440 O O   . HOH F 4 .   ? 18.414  -2.310  11.939  1.00 26.71 ? 427 HOH X O   1 
HETATM 1441 O O   . HOH F 4 .   ? -10.911 -4.981  19.595  1.00 27.36 ? 428 HOH X O   1 
HETATM 1442 O O   . HOH F 4 .   ? -13.239 16.340  -16.794 1.00 36.36 ? 429 HOH X O   1 
HETATM 1443 O O   . HOH F 4 .   ? 6.604   -1.360  -15.352 1.00 25.54 ? 430 HOH X O   1 
HETATM 1444 O O   . HOH F 4 .   ? -8.723  1.448   -3.175  1.00 28.99 ? 431 HOH X O   1 
HETATM 1445 O O   . HOH F 4 .   ? 2.579   9.895   4.776   1.00 27.44 ? 432 HOH X O   1 
HETATM 1446 O O   . HOH F 4 .   ? 15.931  6.734   8.605   1.00 28.46 ? 433 HOH X O   1 
HETATM 1447 O O   . HOH F 4 .   ? -7.265  -0.619  -2.633  1.00 32.10 ? 434 HOH X O   1 
HETATM 1448 O O   . HOH F 4 .   ? 0.176   -17.914 14.542  1.00 23.62 ? 435 HOH X O   1 
HETATM 1449 O O   . HOH F 4 .   ? -10.493 -2.366  19.847  1.00 32.14 ? 436 HOH X O   1 
HETATM 1450 O O   . HOH F 4 .   ? 10.080  -10.483 22.029  1.00 34.64 ? 437 HOH X O   1 
HETATM 1451 O O   . HOH F 4 .   ? -11.636 -2.623  15.621  1.00 27.11 ? 438 HOH X O   1 
HETATM 1452 O O   . HOH F 4 .   ? -13.919 12.441  1.885   1.00 41.14 ? 439 HOH X O   1 
HETATM 1453 O O   . HOH F 4 .   ? -10.111 0.254   -4.873  1.00 26.44 ? 440 HOH X O   1 
HETATM 1454 O O   . HOH F 4 .   ? -11.359 8.364   -17.429 1.00 36.01 ? 441 HOH X O   1 
HETATM 1455 O O   . HOH F 4 .   ? -11.398 10.325  4.064   1.00 40.35 ? 442 HOH X O   1 
HETATM 1456 O O   . HOH F 4 .   ? -1.813  11.604  -25.354 1.00 36.13 ? 443 HOH X O   1 
HETATM 1457 O O   . HOH F 4 .   ? 0.623   -10.256 -10.818 1.00 17.03 ? 444 HOH X O   1 
HETATM 1458 O O   . HOH F 4 .   ? -6.092  3.850   -24.270 1.00 23.02 ? 445 HOH X O   1 
HETATM 1459 O O   . HOH F 4 .   ? 3.721   -18.405 -2.632  1.00 31.22 ? 446 HOH X O   1 
HETATM 1460 O O   . HOH F 4 .   ? -3.306  -10.584 -9.994  1.00 25.41 ? 447 HOH X O   1 
HETATM 1461 O O   . HOH F 4 .   ? -11.251 -0.078  16.798  1.00 20.36 ? 448 HOH X O   1 
HETATM 1462 O O   . HOH F 4 .   ? -6.746  2.848   5.996   1.00 23.17 ? 449 HOH X O   1 
HETATM 1463 O O   . HOH F 4 .   ? -3.838  -14.159 19.971  1.00 16.86 ? 450 HOH X O   1 
HETATM 1464 O O   . HOH F 4 .   ? 1.903   -5.818  -11.668 1.00 26.54 ? 451 HOH X O   1 
HETATM 1465 O O   . HOH F 4 .   ? -6.383  3.045   -0.653  1.00 28.89 ? 452 HOH X O   1 
HETATM 1466 O O   . HOH F 4 .   ? -12.610 10.411  -16.142 1.00 35.50 ? 453 HOH X O   1 
HETATM 1467 O O   A HOH F 4 .   ? 4.362   -4.834  -12.299 0.50 2.00  ? 454 HOH X O   1 
HETATM 1468 O O   B HOH F 4 .   ? 5.404   -2.687  -12.330 0.50 10.22 ? 454 HOH X O   1 
HETATM 1469 O O   . HOH F 4 .   ? -6.609  3.873   3.660   1.00 33.73 ? 455 HOH X O   1 
HETATM 1470 O O   . HOH F 4 .   ? 15.100  -12.555 17.389  1.00 16.89 ? 456 HOH X O   1 
HETATM 1471 O O   . HOH F 4 .   ? 4.177   -17.235 13.458  1.00 15.70 ? 457 HOH X O   1 
HETATM 1472 O O   . HOH F 4 .   ? -4.846  -12.585 14.019  1.00 18.53 ? 458 HOH X O   1 
HETATM 1473 O O   . HOH F 4 .   ? -7.837  -10.067 15.616  1.00 18.82 ? 459 HOH X O   1 
HETATM 1474 O O   . HOH F 4 .   ? 5.119   3.237   -20.019 1.00 21.51 ? 460 HOH X O   1 
HETATM 1475 O O   . HOH F 4 .   ? -14.351 8.508   -11.632 1.00 23.88 ? 461 HOH X O   1 
HETATM 1476 O O   . HOH F 4 .   ? -15.483 10.180  -13.232 1.00 28.54 ? 462 HOH X O   1 
HETATM 1477 O O   . HOH F 4 .   ? -1.979  5.407   -1.571  1.00 29.56 ? 463 HOH X O   1 
HETATM 1478 O O   A HOH F 4 .   ? 6.066   7.975   -6.833  0.50 9.97  ? 464 HOH X O   1 
HETATM 1479 O O   B HOH F 4 .   ? 4.615   7.581   -5.760  0.50 9.85  ? 464 HOH X O   1 
HETATM 1480 O O   . HOH F 4 .   ? 0.363   -5.724  -13.829 1.00 34.13 ? 465 HOH X O   1 
HETATM 1481 O O   . HOH F 4 .   ? -11.636 2.709   -14.100 1.00 39.02 ? 466 HOH X O   1 
HETATM 1482 O O   . HOH F 4 .   ? 0.477   8.030   -5.440  1.00 35.98 ? 467 HOH X O   1 
HETATM 1483 O O   . HOH F 4 .   ? -0.778  13.157  -7.788  1.00 28.98 ? 468 HOH X O   1 
HETATM 1484 O O   . HOH F 4 .   ? 5.009   0.793   -23.838 1.00 31.35 ? 469 HOH X O   1 
HETATM 1485 O O   . HOH F 4 .   ? -16.589 11.880  -10.992 1.00 37.54 ? 470 HOH X O   1 
HETATM 1486 O O   . HOH F 4 .   ? -0.302  -7.663  23.365  1.00 40.84 ? 471 HOH X O   1 
HETATM 1487 O O   . HOH F 4 .   ? -10.195 -9.643  14.148  1.00 38.32 ? 472 HOH X O   1 
HETATM 1488 O O   . HOH F 4 .   ? 2.286   -7.415  -17.313 1.00 28.51 ? 473 HOH X O   1 
HETATM 1489 O O   . HOH F 4 .   ? 4.846   -4.955  23.023  1.00 36.12 ? 474 HOH X O   1 
HETATM 1490 O O   . HOH F 4 .   ? 13.217  -9.218  18.632  1.00 33.45 ? 475 HOH X O   1 
HETATM 1491 O O   . HOH F 4 .   ? 3.231   -19.425 12.410  1.00 32.24 ? 476 HOH X O   1 
HETATM 1492 O O   . HOH F 4 .   ? -6.700  -10.357 11.209  1.00 20.64 ? 477 HOH X O   1 
HETATM 1493 O O   . HOH F 4 .   ? 5.130   5.843   -19.901 1.00 23.62 ? 478 HOH X O   1 
HETATM 1494 O O   . HOH F 4 .   ? 7.251   1.587   -19.312 1.00 24.79 ? 479 HOH X O   1 
HETATM 1495 O O   . HOH F 4 .   ? -2.919  3.827   -26.754 1.00 37.32 ? 480 HOH X O   1 
HETATM 1496 O O   . HOH F 4 .   ? 0.162   -16.439 21.817  1.00 30.99 ? 481 HOH X O   1 
HETATM 1497 O O   . HOH F 4 .   ? -4.548  4.897   10.203  1.00 33.14 ? 482 HOH X O   1 
HETATM 1498 O O   . HOH F 4 .   ? 8.699   0.161   16.727  1.00 31.47 ? 483 HOH X O   1 
HETATM 1499 O O   . HOH F 4 .   ? 11.755  -6.717  0.766   1.00 35.26 ? 484 HOH X O   1 
HETATM 1500 O O   . HOH F 4 .   ? 9.678   -7.886  0.258   1.00 24.46 ? 485 HOH X O   1 
HETATM 1501 O O   . HOH F 4 .   ? 2.219   -20.909 8.588   1.00 37.89 ? 486 HOH X O   1 
HETATM 1502 O O   . HOH F 4 .   ? 5.470   8.033   -18.680 1.00 31.91 ? 487 HOH X O   1 
HETATM 1503 O O   . HOH F 4 .   ? -6.944  7.172   8.334   1.00 37.28 ? 488 HOH X O   1 
HETATM 1504 O O   . HOH F 4 .   ? 12.533  -5.405  19.658  1.00 35.87 ? 489 HOH X O   1 
HETATM 1505 O O   . HOH F 4 .   ? -1.072  -13.880 22.995  1.00 34.95 ? 490 HOH X O   1 
HETATM 1506 O O   . HOH F 4 .   ? 7.622   3.335   16.714  1.00 36.48 ? 491 HOH X O   1 
HETATM 1507 O O   . HOH F 4 .   ? -5.121  -4.055  -19.092 1.00 30.53 ? 492 HOH X O   1 
HETATM 1508 O O   . HOH F 4 .   ? -7.434  -3.651  -17.987 1.00 37.14 ? 493 HOH X O   1 
HETATM 1509 O O   . HOH F 4 .   ? -5.031  -17.016 5.057   1.00 30.61 ? 494 HOH X O   1 
HETATM 1510 O O   . HOH F 4 .   ? -7.683  -13.751 4.471   1.00 33.69 ? 495 HOH X O   1 
HETATM 1511 O O   . HOH F 4 .   ? -8.804  -7.266  -3.743  1.00 38.92 ? 496 HOH X O   1 
HETATM 1512 O O   . HOH F 4 .   ? -5.942  -14.745 6.207   1.00 23.77 ? 497 HOH X O   1 
HETATM 1513 O O   . HOH F 4 .   ? -1.738  -16.866 20.163  1.00 28.93 ? 498 HOH X O   1 
HETATM 1514 O O   . HOH F 4 .   ? -4.297  -3.691  -21.770 1.00 32.54 ? 499 HOH X O   1 
HETATM 1515 O O   . HOH F 4 .   ? -3.022  -10.376 22.192  1.00 25.05 ? 500 HOH X O   1 
# 
loop_
_pdbx_poly_seq_scheme.asym_id 
_pdbx_poly_seq_scheme.entity_id 
_pdbx_poly_seq_scheme.seq_id 
_pdbx_poly_seq_scheme.mon_id 
_pdbx_poly_seq_scheme.ndb_seq_num 
_pdbx_poly_seq_scheme.pdb_seq_num 
_pdbx_poly_seq_scheme.auth_seq_num 
_pdbx_poly_seq_scheme.pdb_mon_id 
_pdbx_poly_seq_scheme.auth_mon_id 
_pdbx_poly_seq_scheme.pdb_strand_id 
_pdbx_poly_seq_scheme.pdb_ins_code 
_pdbx_poly_seq_scheme.hetero 
A 1 1   MET 1   1   1   MET MET X . n 
A 1 2   ASN 2   2   2   ASN ASN X . n 
A 1 3   ILE 3   3   3   ILE ILE X . n 
A 1 4   PHE 4   4   4   PHE PHE X . n 
A 1 5   GLU 5   5   5   GLU GLU X . n 
A 1 6   MET 6   6   6   MET MET X . n 
A 1 7   LEU 7   7   7   LEU LEU X . n 
A 1 8   ARG 8   8   8   ARG ARG X . n 
A 1 9   ILE 9   9   9   ILE ILE X . n 
A 1 10  ASP 10  10  10  ASP ASP X . n 
A 1 11  GLU 11  11  11  GLU GLU X . n 
A 1 12  GLY 12  12  12  GLY GLY X . n 
A 1 13  LEU 13  13  13  LEU LEU X . n 
A 1 14  ARG 14  14  14  ARG ARG X . n 
A 1 15  LEU 15  15  15  LEU LEU X . n 
A 1 16  LYS 16  16  16  LYS LYS X . n 
A 1 17  ILE 17  17  17  ILE ILE X . n 
A 1 18  TYR 18  18  18  TYR TYR X . n 
A 1 19  LYS 19  19  19  LYS LYS X . n 
A 1 20  ASP 20  20  20  ASP ASP X . n 
A 1 21  THR 21  21  21  THR THR X . n 
A 1 22  GLU 22  22  22  GLU GLU X . n 
A 1 23  GLY 23  23  23  GLY GLY X . n 
A 1 24  TYR 24  24  24  TYR TYR X . n 
A 1 25  TYR 25  25  25  TYR TYR X . n 
A 1 26  THR 26  26  26  THR THR X . n 
A 1 27  ILE 27  27  27  ILE ILE X . n 
A 1 28  GLY 28  28  28  GLY GLY X . n 
A 1 29  ILE 29  29  29  ILE ILE X . n 
A 1 30  GLY 30  30  30  GLY GLY X . n 
A 1 31  HIS 31  31  31  HIS HIS X . n 
A 1 32  LEU 32  32  32  LEU LEU X . n 
A 1 33  LEU 33  33  33  LEU LEU X . n 
A 1 34  THR 34  34  34  THR THR X . n 
A 1 35  LYS 35  35  35  LYS LYS X . n 
A 1 36  SER 36  36  36  SER SER X . n 
A 1 37  PRO 37  37  37  PRO PRO X . n 
A 1 38  SER 38  38  38  SER SER X . n 
A 1 39  LEU 39  39  39  LEU LEU X . n 
A 1 40  ASN 40  40  40  ASN ASN X . n 
A 1 41  ALA 41  41  41  ALA ALA X . n 
A 1 42  ALA 42  42  42  ALA ALA X . n 
A 1 43  LYS 43  43  43  LYS LYS X . n 
A 1 44  SER 44  44  44  SER SER X . n 
A 1 45  GLU 45  45  45  GLU GLU X . n 
A 1 46  LEU 46  46  46  LEU LEU X . n 
A 1 47  ASP 47  47  47  ASP ASP X . n 
A 1 48  LYS 48  48  48  LYS LYS X . n 
A 1 49  ALA 49  49  49  ALA ALA X . n 
A 1 50  ILE 50  50  50  ILE ILE X . n 
A 1 51  GLY 51  51  51  GLY GLY X . n 
A 1 52  ARG 52  52  52  ARG ARG X . n 
A 1 53  ASN 53  53  53  ASN ASN X . n 
A 1 54  THR 54  54  54  THR THR X . n 
A 1 55  ASN 55  55  55  ASN ASN X . n 
A 1 56  GLY 56  56  56  GLY GLY X . n 
A 1 57  VAL 57  57  57  VAL VAL X . n 
A 1 58  ILE 58  58  58  ILE ILE X . n 
A 1 59  THR 59  59  59  THR THR X . n 
A 1 60  LYS 60  60  60  LYS LYS X . n 
A 1 61  ASP 61  61  61  ASP ASP X . n 
A 1 62  GLU 62  62  62  GLU GLU X . n 
A 1 63  ALA 63  63  63  ALA ALA X . n 
A 1 64  GLU 64  64  64  GLU GLU X . n 
A 1 65  LYS 65  65  65  LYS LYS X . n 
A 1 66  LEU 66  66  66  LEU LEU X . n 
A 1 67  PHE 67  67  67  PHE PHE X . n 
A 1 68  ASN 68  68  68  ASN ASN X . n 
A 1 69  GLN 69  69  69  GLN GLN X . n 
A 1 70  ASP 70  70  70  ASP ASP X . n 
A 1 71  VAL 71  71  71  VAL VAL X . n 
A 1 72  ASP 72  72  72  ASP ASP X . n 
A 1 73  ALA 73  73  73  ALA ALA X . n 
A 1 74  ALA 74  74  74  ALA ALA X . n 
A 1 75  VAL 75  75  75  VAL VAL X . n 
A 1 76  ARG 76  76  76  ARG ARG X . n 
A 1 77  GLY 77  77  77  GLY GLY X . n 
A 1 78  ILE 78  78  78  ILE ILE X . n 
A 1 79  LEU 79  79  79  LEU LEU X . n 
A 1 80  ARG 80  80  80  ARG ARG X . n 
A 1 81  ASN 81  81  81  ASN ASN X . n 
A 1 82  ALA 82  82  82  ALA ALA X . n 
A 1 83  LYS 83  83  83  LYS LYS X . n 
A 1 84  LEU 84  84  84  LEU LEU X . n 
A 1 85  LYS 85  85  85  LYS LYS X . n 
A 1 86  PRO 86  86  86  PRO PRO X . n 
A 1 87  VAL 87  87  87  VAL VAL X . n 
A 1 88  TYR 88  88  88  TYR TYR X . n 
A 1 89  ASP 89  89  89  ASP ASP X . n 
A 1 90  SER 90  90  90  SER SER X . n 
A 1 91  LEU 91  91  91  LEU LEU X . n 
A 1 92  ASP 92  92  92  ASP ASP X . n 
A 1 93  ALA 93  93  93  ALA ALA X . n 
A 1 94  VAL 94  94  94  VAL VAL X . n 
A 1 95  ARG 95  95  95  ARG ARG X . n 
A 1 96  ARG 96  96  96  ARG ARG X . n 
A 1 97  ALA 97  97  97  ALA ALA X . n 
A 1 98  ALA 98  98  98  ALA ALA X . n 
A 1 99  ALA 99  99  99  ALA ALA X . n 
A 1 100 ILE 100 100 100 ILE ILE X . n 
A 1 101 ASN 101 101 101 ASN ASN X . n 
A 1 102 MET 102 102 102 MET MET X . n 
A 1 103 VAL 103 103 103 VAL VAL X . n 
A 1 104 PHE 104 104 104 PHE PHE X . n 
A 1 105 GLN 105 105 105 GLN GLN X . n 
A 1 106 MET 106 106 106 MET MET X . n 
A 1 107 GLY 107 107 107 GLY GLY X . n 
A 1 108 GLU 108 108 108 GLU GLU X . n 
A 1 109 THR 109 109 109 THR THR X . n 
A 1 110 GLY 110 110 110 GLY GLY X . n 
A 1 111 VAL 111 111 111 VAL VAL X . n 
A 1 112 ALA 112 112 112 ALA ALA X . n 
A 1 113 GLY 113 113 113 GLY GLY X . n 
A 1 114 PHE 114 114 114 PHE PHE X . n 
A 1 115 THR 115 115 115 THR THR X . n 
A 1 116 ASN 116 116 116 ASN ASN X . n 
A 1 117 SER 117 117 117 SER SER X . n 
A 1 118 LEU 118 118 118 LEU LEU X . n 
A 1 119 ARG 119 119 119 ARG ARG X . n 
A 1 120 MET 120 120 120 MET MET X . n 
A 1 121 LEU 121 121 121 LEU LEU X . n 
A 1 122 GLN 122 122 122 GLN GLN X . n 
A 1 123 GLN 123 123 123 GLN GLN X . n 
A 1 124 LYS 124 124 124 LYS LYS X . n 
A 1 125 ARG 125 125 125 ARG ARG X . n 
A 1 126 TRP 126 126 126 TRP TRP X . n 
A 1 127 ASP 127 127 127 ASP ASP X . n 
A 1 128 GLU 128 128 128 GLU GLU X . n 
A 1 129 ALA 129 129 129 ALA ALA X . n 
A 1 130 ALA 130 130 130 ALA ALA X . n 
A 1 131 VAL 131 131 131 VAL VAL X . n 
A 1 132 ASN 132 132 132 ASN ASN X . n 
A 1 133 LEU 133 133 133 LEU LEU X . n 
A 1 134 ALA 134 134 134 ALA ALA X . n 
A 1 135 LYS 135 135 135 LYS LYS X . n 
A 1 136 SER 136 136 136 SER SER X . n 
A 1 137 ARG 137 137 137 ARG ARG X . n 
A 1 138 TRP 138 138 138 TRP TRP X . n 
A 1 139 TYR 139 139 139 TYR TYR X . n 
A 1 140 ASN 140 140 140 ASN ASN X . n 
A 1 141 GLN 141 141 141 GLN GLN X . n 
A 1 142 THR 142 142 142 THR THR X . n 
A 1 143 PRO 143 143 143 PRO PRO X . n 
A 1 144 ASN 144 144 144 ASN ASN X . n 
A 1 145 ARG 145 145 145 ARG ARG X . n 
A 1 146 ALA 146 146 146 ALA ALA X . n 
A 1 147 LYS 147 147 147 LYS LYS X . n 
A 1 148 ARG 148 148 148 ARG ARG X . n 
A 1 149 VAL 149 149 149 VAL VAL X . n 
A 1 150 ILE 150 150 150 ILE ILE X . n 
A 1 151 THR 151 151 151 THR THR X . n 
A 1 152 THR 152 152 152 THR THR X . n 
A 1 153 PHE 153 153 153 PHE PHE X . n 
A 1 154 ARG 154 154 154 ARG ARG X . n 
A 1 155 THR 155 155 155 THR THR X . n 
A 1 156 GLY 156 156 156 GLY GLY X . n 
A 1 157 THR 157 157 157 THR THR X . n 
A 1 158 TRP 158 158 158 TRP TRP X . n 
A 1 159 ASP 159 159 159 ASP ASP X . n 
A 1 160 ALA 160 160 160 ALA ALA X . n 
A 1 161 TYR 161 161 161 TYR TYR X . n 
A 1 162 LYS 162 162 162 LYS LYS X . n 
# 
loop_
_pdbx_nonpoly_scheme.asym_id 
_pdbx_nonpoly_scheme.entity_id 
_pdbx_nonpoly_scheme.mon_id 
_pdbx_nonpoly_scheme.ndb_seq_num 
_pdbx_nonpoly_scheme.pdb_seq_num 
_pdbx_nonpoly_scheme.auth_seq_num 
_pdbx_nonpoly_scheme.pdb_mon_id 
_pdbx_nonpoly_scheme.auth_mon_id 
_pdbx_nonpoly_scheme.pdb_strand_id 
_pdbx_nonpoly_scheme.pdb_ins_code 
B 2 PO4 1   301 301 PO4 PO4 X . 
C 2 PO4 1   302 302 PO4 PO4 X . 
D 3 MR3 1   303 303 MR3 MR3 X . 
E 3 MR3 1   304 304 MR3 MR3 X . 
F 4 HOH 1   305 1   HOH HOH X . 
F 4 HOH 2   306 2   HOH HOH X . 
F 4 HOH 3   307 3   HOH HOH X . 
F 4 HOH 4   308 4   HOH HOH X . 
F 4 HOH 5   309 5   HOH HOH X . 
F 4 HOH 6   310 6   HOH HOH X . 
F 4 HOH 7   311 7   HOH HOH X . 
F 4 HOH 8   312 8   HOH HOH X . 
F 4 HOH 9   313 9   HOH HOH X . 
F 4 HOH 10  314 10  HOH HOH X . 
F 4 HOH 11  315 11  HOH HOH X . 
F 4 HOH 12  316 12  HOH HOH X . 
F 4 HOH 13  317 13  HOH HOH X . 
F 4 HOH 14  318 14  HOH HOH X . 
F 4 HOH 15  319 15  HOH HOH X . 
F 4 HOH 16  320 16  HOH HOH X . 
F 4 HOH 17  321 17  HOH HOH X . 
F 4 HOH 18  322 18  HOH HOH X . 
F 4 HOH 19  323 19  HOH HOH X . 
F 4 HOH 20  324 20  HOH HOH X . 
F 4 HOH 21  325 21  HOH HOH X . 
F 4 HOH 22  326 22  HOH HOH X . 
F 4 HOH 23  327 23  HOH HOH X . 
F 4 HOH 24  328 24  HOH HOH X . 
F 4 HOH 25  329 25  HOH HOH X . 
F 4 HOH 26  330 26  HOH HOH X . 
F 4 HOH 27  331 27  HOH HOH X . 
F 4 HOH 28  332 28  HOH HOH X . 
F 4 HOH 29  333 29  HOH HOH X . 
F 4 HOH 30  334 30  HOH HOH X . 
F 4 HOH 31  335 31  HOH HOH X . 
F 4 HOH 32  336 32  HOH HOH X . 
F 4 HOH 33  337 33  HOH HOH X . 
F 4 HOH 34  338 34  HOH HOH X . 
F 4 HOH 35  339 35  HOH HOH X . 
F 4 HOH 36  340 36  HOH HOH X . 
F 4 HOH 37  341 37  HOH HOH X . 
F 4 HOH 38  342 38  HOH HOH X . 
F 4 HOH 39  343 39  HOH HOH X . 
F 4 HOH 40  344 40  HOH HOH X . 
F 4 HOH 41  345 41  HOH HOH X . 
F 4 HOH 42  346 42  HOH HOH X . 
F 4 HOH 43  347 43  HOH HOH X . 
F 4 HOH 44  348 44  HOH HOH X . 
F 4 HOH 45  349 45  HOH HOH X . 
F 4 HOH 46  350 46  HOH HOH X . 
F 4 HOH 47  351 47  HOH HOH X . 
F 4 HOH 48  352 48  HOH HOH X . 
F 4 HOH 49  353 49  HOH HOH X . 
F 4 HOH 50  354 50  HOH HOH X . 
F 4 HOH 51  355 51  HOH HOH X . 
F 4 HOH 52  356 52  HOH HOH X . 
F 4 HOH 53  357 53  HOH HOH X . 
F 4 HOH 54  358 54  HOH HOH X . 
F 4 HOH 55  359 55  HOH HOH X . 
F 4 HOH 56  360 56  HOH HOH X . 
F 4 HOH 57  361 57  HOH HOH X . 
F 4 HOH 58  362 58  HOH HOH X . 
F 4 HOH 59  363 59  HOH HOH X . 
F 4 HOH 60  364 60  HOH HOH X . 
F 4 HOH 61  365 61  HOH HOH X . 
F 4 HOH 62  366 62  HOH HOH X . 
F 4 HOH 63  367 63  HOH HOH X . 
F 4 HOH 64  368 64  HOH HOH X . 
F 4 HOH 65  369 66  HOH HOH X . 
F 4 HOH 66  370 67  HOH HOH X . 
F 4 HOH 67  371 68  HOH HOH X . 
F 4 HOH 68  372 69  HOH HOH X . 
F 4 HOH 69  373 70  HOH HOH X . 
F 4 HOH 70  374 71  HOH HOH X . 
F 4 HOH 71  375 72  HOH HOH X . 
F 4 HOH 72  376 73  HOH HOH X . 
F 4 HOH 73  377 74  HOH HOH X . 
F 4 HOH 74  378 75  HOH HOH X . 
F 4 HOH 75  379 76  HOH HOH X . 
F 4 HOH 76  380 78  HOH HOH X . 
F 4 HOH 77  381 79  HOH HOH X . 
F 4 HOH 78  382 80  HOH HOH X . 
F 4 HOH 79  383 81  HOH HOH X . 
F 4 HOH 80  384 82  HOH HOH X . 
F 4 HOH 81  385 83  HOH HOH X . 
F 4 HOH 82  386 87  HOH HOH X . 
F 4 HOH 83  387 88  HOH HOH X . 
F 4 HOH 84  388 89  HOH HOH X . 
F 4 HOH 85  389 90  HOH HOH X . 
F 4 HOH 86  390 96  HOH HOH X . 
F 4 HOH 87  391 97  HOH HOH X . 
F 4 HOH 88  392 98  HOH HOH X . 
F 4 HOH 89  393 100 HOH HOH X . 
F 4 HOH 90  394 102 HOH HOH X . 
F 4 HOH 91  395 103 HOH HOH X . 
F 4 HOH 92  396 104 HOH HOH X . 
F 4 HOH 93  397 105 HOH HOH X . 
F 4 HOH 94  398 106 HOH HOH X . 
F 4 HOH 95  399 107 HOH HOH X . 
F 4 HOH 96  400 108 HOH HOH X . 
F 4 HOH 97  401 109 HOH HOH X . 
F 4 HOH 98  402 110 HOH HOH X . 
F 4 HOH 99  403 111 HOH HOH X . 
F 4 HOH 100 404 112 HOH HOH X . 
F 4 HOH 101 405 113 HOH HOH X . 
F 4 HOH 102 406 114 HOH HOH X . 
F 4 HOH 103 407 116 HOH HOH X . 
F 4 HOH 104 408 117 HOH HOH X . 
F 4 HOH 105 409 118 HOH HOH X . 
F 4 HOH 106 410 120 HOH HOH X . 
F 4 HOH 107 411 122 HOH HOH X . 
F 4 HOH 108 412 123 HOH HOH X . 
F 4 HOH 109 413 124 HOH HOH X . 
F 4 HOH 110 414 125 HOH HOH X . 
F 4 HOH 111 415 126 HOH HOH X . 
F 4 HOH 112 416 127 HOH HOH X . 
F 4 HOH 113 417 128 HOH HOH X . 
F 4 HOH 114 418 129 HOH HOH X . 
F 4 HOH 115 419 130 HOH HOH X . 
F 4 HOH 116 420 131 HOH HOH X . 
F 4 HOH 117 421 132 HOH HOH X . 
F 4 HOH 118 422 133 HOH HOH X . 
F 4 HOH 119 423 134 HOH HOH X . 
F 4 HOH 120 424 135 HOH HOH X . 
F 4 HOH 121 425 136 HOH HOH X . 
F 4 HOH 122 426 137 HOH HOH X . 
F 4 HOH 123 427 138 HOH HOH X . 
F 4 HOH 124 428 139 HOH HOH X . 
F 4 HOH 125 429 140 HOH HOH X . 
F 4 HOH 126 430 141 HOH HOH X . 
F 4 HOH 127 431 142 HOH HOH X . 
F 4 HOH 128 432 143 HOH HOH X . 
F 4 HOH 129 433 144 HOH HOH X . 
F 4 HOH 130 434 146 HOH HOH X . 
F 4 HOH 131 435 147 HOH HOH X . 
F 4 HOH 132 436 148 HOH HOH X . 
F 4 HOH 133 437 150 HOH HOH X . 
F 4 HOH 134 438 151 HOH HOH X . 
F 4 HOH 135 439 153 HOH HOH X . 
F 4 HOH 136 440 157 HOH HOH X . 
F 4 HOH 137 441 159 HOH HOH X . 
F 4 HOH 138 442 160 HOH HOH X . 
F 4 HOH 139 443 166 HOH HOH X . 
F 4 HOH 140 444 168 HOH HOH X . 
F 4 HOH 141 445 170 HOH HOH X . 
F 4 HOH 142 446 171 HOH HOH X . 
F 4 HOH 143 447 172 HOH HOH X . 
F 4 HOH 144 448 173 HOH HOH X . 
F 4 HOH 145 449 174 HOH HOH X . 
F 4 HOH 146 450 175 HOH HOH X . 
F 4 HOH 147 451 176 HOH HOH X . 
F 4 HOH 148 452 177 HOH HOH X . 
F 4 HOH 149 453 179 HOH HOH X . 
F 4 HOH 150 454 180 HOH HOH X . 
F 4 HOH 151 455 181 HOH HOH X . 
F 4 HOH 152 456 182 HOH HOH X . 
F 4 HOH 153 457 183 HOH HOH X . 
F 4 HOH 154 458 184 HOH HOH X . 
F 4 HOH 155 459 185 HOH HOH X . 
F 4 HOH 156 460 186 HOH HOH X . 
F 4 HOH 157 461 187 HOH HOH X . 
F 4 HOH 158 462 188 HOH HOH X . 
F 4 HOH 159 463 190 HOH HOH X . 
F 4 HOH 160 464 192 HOH HOH X . 
F 4 HOH 161 465 194 HOH HOH X . 
F 4 HOH 162 466 195 HOH HOH X . 
F 4 HOH 163 467 196 HOH HOH X . 
F 4 HOH 164 468 197 HOH HOH X . 
F 4 HOH 165 469 198 HOH HOH X . 
F 4 HOH 166 470 199 HOH HOH X . 
F 4 HOH 167 471 200 HOH HOH X . 
F 4 HOH 168 472 203 HOH HOH X . 
F 4 HOH 169 473 204 HOH HOH X . 
F 4 HOH 170 474 206 HOH HOH X . 
F 4 HOH 171 475 209 HOH HOH X . 
F 4 HOH 172 476 218 HOH HOH X . 
F 4 HOH 173 477 219 HOH HOH X . 
F 4 HOH 174 478 220 HOH HOH X . 
F 4 HOH 175 479 221 HOH HOH X . 
F 4 HOH 176 480 222 HOH HOH X . 
F 4 HOH 177 481 223 HOH HOH X . 
F 4 HOH 178 482 224 HOH HOH X . 
F 4 HOH 179 483 225 HOH HOH X . 
F 4 HOH 180 484 227 HOH HOH X . 
F 4 HOH 181 485 228 HOH HOH X . 
F 4 HOH 182 486 230 HOH HOH X . 
F 4 HOH 183 487 231 HOH HOH X . 
F 4 HOH 184 488 235 HOH HOH X . 
F 4 HOH 185 489 237 HOH HOH X . 
F 4 HOH 186 490 241 HOH HOH X . 
F 4 HOH 187 491 243 HOH HOH X . 
F 4 HOH 188 492 245 HOH HOH X . 
F 4 HOH 189 493 246 HOH HOH X . 
F 4 HOH 190 494 249 HOH HOH X . 
F 4 HOH 191 495 250 HOH HOH X . 
F 4 HOH 192 496 251 HOH HOH X . 
F 4 HOH 193 497 254 HOH HOH X . 
F 4 HOH 194 498 255 HOH HOH X . 
F 4 HOH 195 499 257 HOH HOH X . 
F 4 HOH 196 500 258 HOH HOH X . 
# 
_pdbx_struct_assembly.id                   1 
_pdbx_struct_assembly.details              author_defined_assembly 
_pdbx_struct_assembly.method_details       ? 
_pdbx_struct_assembly.oligomeric_details   monomeric 
_pdbx_struct_assembly.oligomeric_count     1 
# 
_pdbx_struct_assembly_gen.assembly_id       1 
_pdbx_struct_assembly_gen.oper_expression   1 
_pdbx_struct_assembly_gen.asym_id_list      A,B,C,D,E,F 
# 
_pdbx_struct_oper_list.id                   1 
_pdbx_struct_oper_list.type                 'identity operation' 
_pdbx_struct_oper_list.name                 1_555 
_pdbx_struct_oper_list.symmetry_operation   x,y,z 
_pdbx_struct_oper_list.matrix[1][1]         1.0000000000 
_pdbx_struct_oper_list.matrix[1][2]         0.0000000000 
_pdbx_struct_oper_list.matrix[1][3]         0.0000000000 
_pdbx_struct_oper_list.vector[1]            0.0000000000 
_pdbx_struct_oper_list.matrix[2][1]         0.0000000000 
_pdbx_struct_oper_list.matrix[2][2]         1.0000000000 
_pdbx_struct_oper_list.matrix[2][3]         0.0000000000 
_pdbx_struct_oper_list.vector[2]            0.0000000000 
_pdbx_struct_oper_list.matrix[3][1]         0.0000000000 
_pdbx_struct_oper_list.matrix[3][2]         0.0000000000 
_pdbx_struct_oper_list.matrix[3][3]         1.0000000000 
_pdbx_struct_oper_list.vector[3]            0.0000000000 
# 
loop_
_pdbx_audit_revision_history.ordinal 
_pdbx_audit_revision_history.data_content_type 
_pdbx_audit_revision_history.major_revision 
_pdbx_audit_revision_history.minor_revision 
_pdbx_audit_revision_history.revision_date 
1 'Structure model' 1 0 2007-08-07 
2 'Structure model' 1 1 2011-07-13 
3 'Structure model' 1 2 2017-10-18 
4 'Structure model' 1 3 2021-10-20 
5 'Structure model' 1 4 2023-08-30 
# 
_pdbx_audit_revision_details.ordinal             1 
_pdbx_audit_revision_details.revision_ordinal    1 
_pdbx_audit_revision_details.data_content_type   'Structure model' 
_pdbx_audit_revision_details.provider            repository 
_pdbx_audit_revision_details.type                'Initial release' 
_pdbx_audit_revision_details.description         ? 
_pdbx_audit_revision_details.details             ? 
# 
loop_
_pdbx_audit_revision_group.ordinal 
_pdbx_audit_revision_group.revision_ordinal 
_pdbx_audit_revision_group.data_content_type 
_pdbx_audit_revision_group.group 
1 2 'Structure model' 'Version format compliance' 
2 3 'Structure model' 'Refinement description'    
3 4 'Structure model' 'Database references'       
4 4 'Structure model' 'Derived calculations'      
5 5 'Structure model' 'Data collection'           
6 5 'Structure model' 'Refinement description'    
# 
loop_
_pdbx_audit_revision_category.ordinal 
_pdbx_audit_revision_category.revision_ordinal 
_pdbx_audit_revision_category.data_content_type 
_pdbx_audit_revision_category.category 
1 3 'Structure model' software                      
2 4 'Structure model' database_2                    
3 4 'Structure model' struct_ref_seq_dif            
4 4 'Structure model' struct_site                   
5 5 'Structure model' chem_comp_atom                
6 5 'Structure model' chem_comp_bond                
7 5 'Structure model' pdbx_initial_refinement_model 
# 
loop_
_pdbx_audit_revision_item.ordinal 
_pdbx_audit_revision_item.revision_ordinal 
_pdbx_audit_revision_item.data_content_type 
_pdbx_audit_revision_item.item 
1  3 'Structure model' '_software.classification'            
2  3 'Structure model' '_software.contact_author'            
3  3 'Structure model' '_software.contact_author_email'      
4  3 'Structure model' '_software.date'                      
5  3 'Structure model' '_software.language'                  
6  3 'Structure model' '_software.location'                  
7  3 'Structure model' '_software.name'                      
8  3 'Structure model' '_software.type'                      
9  3 'Structure model' '_software.version'                   
10 4 'Structure model' '_database_2.pdbx_DOI'                
11 4 'Structure model' '_database_2.pdbx_database_accession' 
12 4 'Structure model' '_struct_ref_seq_dif.details'         
13 4 'Structure model' '_struct_site.pdbx_auth_asym_id'      
14 4 'Structure model' '_struct_site.pdbx_auth_comp_id'      
15 4 'Structure model' '_struct_site.pdbx_auth_seq_id'       
# 
loop_
_software.name 
_software.version 
_software.date 
_software.type 
_software.contact_author 
_software.contact_author_email 
_software.classification 
_software.location 
_software.language 
_software.citation_id 
_software.pdbx_ordinal 
DENZO       .     ?                package 'Zbyszek Otwinowski' zbyszek@mix.swmed.edu    'data reduction'  
http://www.lnls.br/infra/linhasluz/denzo-hkl.htm ?          ? 1 
SCALEPACK   .     ?                package 'Zbyszek Otwinowski' zbyszek@mix.swmed.edu    'data scaling'    
http://www.lnls.br/infra/linhasluz/denzo-hkl.htm ?          ? 2 
REFMAC      .     ?                program 'Murshudov, G.N.'    ccp4@dl.ac.uk            refinement        
http://www.ccp4.ac.uk/main.html                  Fortran_77 ? 3 
PDB_EXTRACT 2.000 'April. 3, 2006' package PDB                  sw-help@rcsb.rutgers.edu 'data extraction' 
http://pdb.rutgers.edu/software/                 C++        ? 4 
HKL-2000    .     ?                ?       ?                    ?                        'data collection' ? ?          ? 5 
HKL-2000    .     ?                ?       ?                    ?                        'data reduction'  ? ?          ? 6 
REFMAC      .     ?                ?       ?                    ?                        phasing           ? ?          ? 7 
# 
_pdbx_validate_close_contact.id               1 
_pdbx_validate_close_contact.PDB_model_num    1 
_pdbx_validate_close_contact.auth_atom_id_1   O 
_pdbx_validate_close_contact.auth_asym_id_1   X 
_pdbx_validate_close_contact.auth_comp_id_1   HOH 
_pdbx_validate_close_contact.auth_seq_id_1    371 
_pdbx_validate_close_contact.PDB_ins_code_1   ? 
_pdbx_validate_close_contact.label_alt_id_1   ? 
_pdbx_validate_close_contact.auth_atom_id_2   O 
_pdbx_validate_close_contact.auth_asym_id_2   X 
_pdbx_validate_close_contact.auth_comp_id_2   HOH 
_pdbx_validate_close_contact.auth_seq_id_2    483 
_pdbx_validate_close_contact.PDB_ins_code_2   ? 
_pdbx_validate_close_contact.label_alt_id_2   ? 
_pdbx_validate_close_contact.dist             2.16 
# 
loop_
_pdbx_validate_torsion.id 
_pdbx_validate_torsion.PDB_model_num 
_pdbx_validate_torsion.auth_comp_id 
_pdbx_validate_torsion.auth_asym_id 
_pdbx_validate_torsion.auth_seq_id 
_pdbx_validate_torsion.PDB_ins_code 
_pdbx_validate_torsion.label_alt_id 
_pdbx_validate_torsion.phi 
_pdbx_validate_torsion.psi 
1 1 ILE X 29  ? ? -102.62 74.30 
2 1 PHE X 114 ? ? -91.12  45.89 
# 
loop_
_pdbx_unobs_or_zero_occ_atoms.id 
_pdbx_unobs_or_zero_occ_atoms.PDB_model_num 
_pdbx_unobs_or_zero_occ_atoms.polymer_flag 
_pdbx_unobs_or_zero_occ_atoms.occupancy_flag 
_pdbx_unobs_or_zero_occ_atoms.auth_asym_id 
_pdbx_unobs_or_zero_occ_atoms.auth_comp_id 
_pdbx_unobs_or_zero_occ_atoms.auth_seq_id 
_pdbx_unobs_or_zero_occ_atoms.PDB_ins_code 
_pdbx_unobs_or_zero_occ_atoms.auth_atom_id 
_pdbx_unobs_or_zero_occ_atoms.label_alt_id 
_pdbx_unobs_or_zero_occ_atoms.label_asym_id 
_pdbx_unobs_or_zero_occ_atoms.label_comp_id 
_pdbx_unobs_or_zero_occ_atoms.label_seq_id 
_pdbx_unobs_or_zero_occ_atoms.label_atom_id 
1 1 Y 1 X LYS 16 ? CD ? A LYS 16 CD 
2 1 Y 1 X LYS 16 ? CE ? A LYS 16 CE 
3 1 Y 1 X LYS 16 ? NZ ? A LYS 16 NZ 
4 1 Y 1 X LYS 60 ? NZ ? A LYS 60 NZ 
5 1 Y 1 X LYS 83 ? CE ? A LYS 83 CE 
6 1 Y 1 X LYS 83 ? NZ ? A LYS 83 NZ 
# 
loop_
_chem_comp_atom.comp_id 
_chem_comp_atom.atom_id 
_chem_comp_atom.type_symbol 
_chem_comp_atom.pdbx_aromatic_flag 
_chem_comp_atom.pdbx_stereo_config 
_chem_comp_atom.pdbx_ordinal 
ALA N    N N N 1   
ALA CA   C N S 2   
ALA C    C N N 3   
ALA O    O N N 4   
ALA CB   C N N 5   
ALA OXT  O N N 6   
ALA H    H N N 7   
ALA H2   H N N 8   
ALA HA   H N N 9   
ALA HB1  H N N 10  
ALA HB2  H N N 11  
ALA HB3  H N N 12  
ALA HXT  H N N 13  
ARG N    N N N 14  
ARG CA   C N S 15  
ARG C    C N N 16  
ARG O    O N N 17  
ARG CB   C N N 18  
ARG CG   C N N 19  
ARG CD   C N N 20  
ARG NE   N N N 21  
ARG CZ   C N N 22  
ARG NH1  N N N 23  
ARG NH2  N N N 24  
ARG OXT  O N N 25  
ARG H    H N N 26  
ARG H2   H N N 27  
ARG HA   H N N 28  
ARG HB2  H N N 29  
ARG HB3  H N N 30  
ARG HG2  H N N 31  
ARG HG3  H N N 32  
ARG HD2  H N N 33  
ARG HD3  H N N 34  
ARG HE   H N N 35  
ARG HH11 H N N 36  
ARG HH12 H N N 37  
ARG HH21 H N N 38  
ARG HH22 H N N 39  
ARG HXT  H N N 40  
ASN N    N N N 41  
ASN CA   C N S 42  
ASN C    C N N 43  
ASN O    O N N 44  
ASN CB   C N N 45  
ASN CG   C N N 46  
ASN OD1  O N N 47  
ASN ND2  N N N 48  
ASN OXT  O N N 49  
ASN H    H N N 50  
ASN H2   H N N 51  
ASN HA   H N N 52  
ASN HB2  H N N 53  
ASN HB3  H N N 54  
ASN HD21 H N N 55  
ASN HD22 H N N 56  
ASN HXT  H N N 57  
ASP N    N N N 58  
ASP CA   C N S 59  
ASP C    C N N 60  
ASP O    O N N 61  
ASP CB   C N N 62  
ASP CG   C N N 63  
ASP OD1  O N N 64  
ASP OD2  O N N 65  
ASP OXT  O N N 66  
ASP H    H N N 67  
ASP H2   H N N 68  
ASP HA   H N N 69  
ASP HB2  H N N 70  
ASP HB3  H N N 71  
ASP HD2  H N N 72  
ASP HXT  H N N 73  
CYS N    N N N 74  
CYS CA   C N R 75  
CYS C    C N N 76  
CYS O    O N N 77  
CYS CB   C N N 78  
CYS SG   S N N 79  
CYS OXT  O N N 80  
CYS H    H N N 81  
CYS H2   H N N 82  
CYS HA   H N N 83  
CYS HB2  H N N 84  
CYS HB3  H N N 85  
CYS HG   H N N 86  
CYS HXT  H N N 87  
GLN N    N N N 88  
GLN CA   C N S 89  
GLN C    C N N 90  
GLN O    O N N 91  
GLN CB   C N N 92  
GLN CG   C N N 93  
GLN CD   C N N 94  
GLN OE1  O N N 95  
GLN NE2  N N N 96  
GLN OXT  O N N 97  
GLN H    H N N 98  
GLN H2   H N N 99  
GLN HA   H N N 100 
GLN HB2  H N N 101 
GLN HB3  H N N 102 
GLN HG2  H N N 103 
GLN HG3  H N N 104 
GLN HE21 H N N 105 
GLN HE22 H N N 106 
GLN HXT  H N N 107 
GLU N    N N N 108 
GLU CA   C N S 109 
GLU C    C N N 110 
GLU O    O N N 111 
GLU CB   C N N 112 
GLU CG   C N N 113 
GLU CD   C N N 114 
GLU OE1  O N N 115 
GLU OE2  O N N 116 
GLU OXT  O N N 117 
GLU H    H N N 118 
GLU H2   H N N 119 
GLU HA   H N N 120 
GLU HB2  H N N 121 
GLU HB3  H N N 122 
GLU HG2  H N N 123 
GLU HG3  H N N 124 
GLU HE2  H N N 125 
GLU HXT  H N N 126 
GLY N    N N N 127 
GLY CA   C N N 128 
GLY C    C N N 129 
GLY O    O N N 130 
GLY OXT  O N N 131 
GLY H    H N N 132 
GLY H2   H N N 133 
GLY HA2  H N N 134 
GLY HA3  H N N 135 
GLY HXT  H N N 136 
HIS N    N N N 137 
HIS CA   C N S 138 
HIS C    C N N 139 
HIS O    O N N 140 
HIS CB   C N N 141 
HIS CG   C Y N 142 
HIS ND1  N Y N 143 
HIS CD2  C Y N 144 
HIS CE1  C Y N 145 
HIS NE2  N Y N 146 
HIS OXT  O N N 147 
HIS H    H N N 148 
HIS H2   H N N 149 
HIS HA   H N N 150 
HIS HB2  H N N 151 
HIS HB3  H N N 152 
HIS HD1  H N N 153 
HIS HD2  H N N 154 
HIS HE1  H N N 155 
HIS HE2  H N N 156 
HIS HXT  H N N 157 
HOH O    O N N 158 
HOH H1   H N N 159 
HOH H2   H N N 160 
ILE N    N N N 161 
ILE CA   C N S 162 
ILE C    C N N 163 
ILE O    O N N 164 
ILE CB   C N S 165 
ILE CG1  C N N 166 
ILE CG2  C N N 167 
ILE CD1  C N N 168 
ILE OXT  O N N 169 
ILE H    H N N 170 
ILE H2   H N N 171 
ILE HA   H N N 172 
ILE HB   H N N 173 
ILE HG12 H N N 174 
ILE HG13 H N N 175 
ILE HG21 H N N 176 
ILE HG22 H N N 177 
ILE HG23 H N N 178 
ILE HD11 H N N 179 
ILE HD12 H N N 180 
ILE HD13 H N N 181 
ILE HXT  H N N 182 
LEU N    N N N 183 
LEU CA   C N S 184 
LEU C    C N N 185 
LEU O    O N N 186 
LEU CB   C N N 187 
LEU CG   C N N 188 
LEU CD1  C N N 189 
LEU CD2  C N N 190 
LEU OXT  O N N 191 
LEU H    H N N 192 
LEU H2   H N N 193 
LEU HA   H N N 194 
LEU HB2  H N N 195 
LEU HB3  H N N 196 
LEU HG   H N N 197 
LEU HD11 H N N 198 
LEU HD12 H N N 199 
LEU HD13 H N N 200 
LEU HD21 H N N 201 
LEU HD22 H N N 202 
LEU HD23 H N N 203 
LEU HXT  H N N 204 
LYS N    N N N 205 
LYS CA   C N S 206 
LYS C    C N N 207 
LYS O    O N N 208 
LYS CB   C N N 209 
LYS CG   C N N 210 
LYS CD   C N N 211 
LYS CE   C N N 212 
LYS NZ   N N N 213 
LYS OXT  O N N 214 
LYS H    H N N 215 
LYS H2   H N N 216 
LYS HA   H N N 217 
LYS HB2  H N N 218 
LYS HB3  H N N 219 
LYS HG2  H N N 220 
LYS HG3  H N N 221 
LYS HD2  H N N 222 
LYS HD3  H N N 223 
LYS HE2  H N N 224 
LYS HE3  H N N 225 
LYS HZ1  H N N 226 
LYS HZ2  H N N 227 
LYS HZ3  H N N 228 
LYS HXT  H N N 229 
MET N    N N N 230 
MET CA   C N S 231 
MET C    C N N 232 
MET O    O N N 233 
MET CB   C N N 234 
MET CG   C N N 235 
MET SD   S N N 236 
MET CE   C N N 237 
MET OXT  O N N 238 
MET H    H N N 239 
MET H2   H N N 240 
MET HA   H N N 241 
MET HB2  H N N 242 
MET HB3  H N N 243 
MET HG2  H N N 244 
MET HG3  H N N 245 
MET HE1  H N N 246 
MET HE2  H N N 247 
MET HE3  H N N 248 
MET HXT  H N N 249 
MR3 CAA  C N N 250 
MR3 NAF  N Y N 251 
MR3 CAD  C Y N 252 
MR3 CAB  C Y N 253 
MR3 CAC  C Y N 254 
MR3 CAE  C Y N 255 
MR3 HAA1 H N N 256 
MR3 HAA2 H N N 257 
MR3 HAA3 H N N 258 
MR3 HAD  H N N 259 
MR3 HAB  H N N 260 
MR3 HAC  H N N 261 
MR3 HAE  H N N 262 
PHE N    N N N 263 
PHE CA   C N S 264 
PHE C    C N N 265 
PHE O    O N N 266 
PHE CB   C N N 267 
PHE CG   C Y N 268 
PHE CD1  C Y N 269 
PHE CD2  C Y N 270 
PHE CE1  C Y N 271 
PHE CE2  C Y N 272 
PHE CZ   C Y N 273 
PHE OXT  O N N 274 
PHE H    H N N 275 
PHE H2   H N N 276 
PHE HA   H N N 277 
PHE HB2  H N N 278 
PHE HB3  H N N 279 
PHE HD1  H N N 280 
PHE HD2  H N N 281 
PHE HE1  H N N 282 
PHE HE2  H N N 283 
PHE HZ   H N N 284 
PHE HXT  H N N 285 
PO4 P    P N N 286 
PO4 O1   O N N 287 
PO4 O2   O N N 288 
PO4 O3   O N N 289 
PO4 O4   O N N 290 
PRO N    N N N 291 
PRO CA   C N S 292 
PRO C    C N N 293 
PRO O    O N N 294 
PRO CB   C N N 295 
PRO CG   C N N 296 
PRO CD   C N N 297 
PRO OXT  O N N 298 
PRO H    H N N 299 
PRO HA   H N N 300 
PRO HB2  H N N 301 
PRO HB3  H N N 302 
PRO HG2  H N N 303 
PRO HG3  H N N 304 
PRO HD2  H N N 305 
PRO HD3  H N N 306 
PRO HXT  H N N 307 
SER N    N N N 308 
SER CA   C N S 309 
SER C    C N N 310 
SER O    O N N 311 
SER CB   C N N 312 
SER OG   O N N 313 
SER OXT  O N N 314 
SER H    H N N 315 
SER H2   H N N 316 
SER HA   H N N 317 
SER HB2  H N N 318 
SER HB3  H N N 319 
SER HG   H N N 320 
SER HXT  H N N 321 
THR N    N N N 322 
THR CA   C N S 323 
THR C    C N N 324 
THR O    O N N 325 
THR CB   C N R 326 
THR OG1  O N N 327 
THR CG2  C N N 328 
THR OXT  O N N 329 
THR H    H N N 330 
THR H2   H N N 331 
THR HA   H N N 332 
THR HB   H N N 333 
THR HG1  H N N 334 
THR HG21 H N N 335 
THR HG22 H N N 336 
THR HG23 H N N 337 
THR HXT  H N N 338 
TRP N    N N N 339 
TRP CA   C N S 340 
TRP C    C N N 341 
TRP O    O N N 342 
TRP CB   C N N 343 
TRP CG   C Y N 344 
TRP CD1  C Y N 345 
TRP CD2  C Y N 346 
TRP NE1  N Y N 347 
TRP CE2  C Y N 348 
TRP CE3  C Y N 349 
TRP CZ2  C Y N 350 
TRP CZ3  C Y N 351 
TRP CH2  C Y N 352 
TRP OXT  O N N 353 
TRP H    H N N 354 
TRP H2   H N N 355 
TRP HA   H N N 356 
TRP HB2  H N N 357 
TRP HB3  H N N 358 
TRP HD1  H N N 359 
TRP HE1  H N N 360 
TRP HE3  H N N 361 
TRP HZ2  H N N 362 
TRP HZ3  H N N 363 
TRP HH2  H N N 364 
TRP HXT  H N N 365 
TYR N    N N N 366 
TYR CA   C N S 367 
TYR C    C N N 368 
TYR O    O N N 369 
TYR CB   C N N 370 
TYR CG   C Y N 371 
TYR CD1  C Y N 372 
TYR CD2  C Y N 373 
TYR CE1  C Y N 374 
TYR CE2  C Y N 375 
TYR CZ   C Y N 376 
TYR OH   O N N 377 
TYR OXT  O N N 378 
TYR H    H N N 379 
TYR H2   H N N 380 
TYR HA   H N N 381 
TYR HB2  H N N 382 
TYR HB3  H N N 383 
TYR HD1  H N N 384 
TYR HD2  H N N 385 
TYR HE1  H N N 386 
TYR HE2  H N N 387 
TYR HH   H N N 388 
TYR HXT  H N N 389 
VAL N    N N N 390 
VAL CA   C N S 391 
VAL C    C N N 392 
VAL O    O N N 393 
VAL CB   C N N 394 
VAL CG1  C N N 395 
VAL CG2  C N N 396 
VAL OXT  O N N 397 
VAL H    H N N 398 
VAL H2   H N N 399 
VAL HA   H N N 400 
VAL HB   H N N 401 
VAL HG11 H N N 402 
VAL HG12 H N N 403 
VAL HG13 H N N 404 
VAL HG21 H N N 405 
VAL HG22 H N N 406 
VAL HG23 H N N 407 
VAL HXT  H N N 408 
# 
loop_
_chem_comp_bond.comp_id 
_chem_comp_bond.atom_id_1 
_chem_comp_bond.atom_id_2 
_chem_comp_bond.value_order 
_chem_comp_bond.pdbx_aromatic_flag 
_chem_comp_bond.pdbx_stereo_config 
_chem_comp_bond.pdbx_ordinal 
ALA N   CA   sing N N 1   
ALA N   H    sing N N 2   
ALA N   H2   sing N N 3   
ALA CA  C    sing N N 4   
ALA CA  CB   sing N N 5   
ALA CA  HA   sing N N 6   
ALA C   O    doub N N 7   
ALA C   OXT  sing N N 8   
ALA CB  HB1  sing N N 9   
ALA CB  HB2  sing N N 10  
ALA CB  HB3  sing N N 11  
ALA OXT HXT  sing N N 12  
ARG N   CA   sing N N 13  
ARG N   H    sing N N 14  
ARG N   H2   sing N N 15  
ARG CA  C    sing N N 16  
ARG CA  CB   sing N N 17  
ARG CA  HA   sing N N 18  
ARG C   O    doub N N 19  
ARG C   OXT  sing N N 20  
ARG CB  CG   sing N N 21  
ARG CB  HB2  sing N N 22  
ARG CB  HB3  sing N N 23  
ARG CG  CD   sing N N 24  
ARG CG  HG2  sing N N 25  
ARG CG  HG3  sing N N 26  
ARG CD  NE   sing N N 27  
ARG CD  HD2  sing N N 28  
ARG CD  HD3  sing N N 29  
ARG NE  CZ   sing N N 30  
ARG NE  HE   sing N N 31  
ARG CZ  NH1  sing N N 32  
ARG CZ  NH2  doub N N 33  
ARG NH1 HH11 sing N N 34  
ARG NH1 HH12 sing N N 35  
ARG NH2 HH21 sing N N 36  
ARG NH2 HH22 sing N N 37  
ARG OXT HXT  sing N N 38  
ASN N   CA   sing N N 39  
ASN N   H    sing N N 40  
ASN N   H2   sing N N 41  
ASN CA  C    sing N N 42  
ASN CA  CB   sing N N 43  
ASN CA  HA   sing N N 44  
ASN C   O    doub N N 45  
ASN C   OXT  sing N N 46  
ASN CB  CG   sing N N 47  
ASN CB  HB2  sing N N 48  
ASN CB  HB3  sing N N 49  
ASN CG  OD1  doub N N 50  
ASN CG  ND2  sing N N 51  
ASN ND2 HD21 sing N N 52  
ASN ND2 HD22 sing N N 53  
ASN OXT HXT  sing N N 54  
ASP N   CA   sing N N 55  
ASP N   H    sing N N 56  
ASP N   H2   sing N N 57  
ASP CA  C    sing N N 58  
ASP CA  CB   sing N N 59  
ASP CA  HA   sing N N 60  
ASP C   O    doub N N 61  
ASP C   OXT  sing N N 62  
ASP CB  CG   sing N N 63  
ASP CB  HB2  sing N N 64  
ASP CB  HB3  sing N N 65  
ASP CG  OD1  doub N N 66  
ASP CG  OD2  sing N N 67  
ASP OD2 HD2  sing N N 68  
ASP OXT HXT  sing N N 69  
CYS N   CA   sing N N 70  
CYS N   H    sing N N 71  
CYS N   H2   sing N N 72  
CYS CA  C    sing N N 73  
CYS CA  CB   sing N N 74  
CYS CA  HA   sing N N 75  
CYS C   O    doub N N 76  
CYS C   OXT  sing N N 77  
CYS CB  SG   sing N N 78  
CYS CB  HB2  sing N N 79  
CYS CB  HB3  sing N N 80  
CYS SG  HG   sing N N 81  
CYS OXT HXT  sing N N 82  
GLN N   CA   sing N N 83  
GLN N   H    sing N N 84  
GLN N   H2   sing N N 85  
GLN CA  C    sing N N 86  
GLN CA  CB   sing N N 87  
GLN CA  HA   sing N N 88  
GLN C   O    doub N N 89  
GLN C   OXT  sing N N 90  
GLN CB  CG   sing N N 91  
GLN CB  HB2  sing N N 92  
GLN CB  HB3  sing N N 93  
GLN CG  CD   sing N N 94  
GLN CG  HG2  sing N N 95  
GLN CG  HG3  sing N N 96  
GLN CD  OE1  doub N N 97  
GLN CD  NE2  sing N N 98  
GLN NE2 HE21 sing N N 99  
GLN NE2 HE22 sing N N 100 
GLN OXT HXT  sing N N 101 
GLU N   CA   sing N N 102 
GLU N   H    sing N N 103 
GLU N   H2   sing N N 104 
GLU CA  C    sing N N 105 
GLU CA  CB   sing N N 106 
GLU CA  HA   sing N N 107 
GLU C   O    doub N N 108 
GLU C   OXT  sing N N 109 
GLU CB  CG   sing N N 110 
GLU CB  HB2  sing N N 111 
GLU CB  HB3  sing N N 112 
GLU CG  CD   sing N N 113 
GLU CG  HG2  sing N N 114 
GLU CG  HG3  sing N N 115 
GLU CD  OE1  doub N N 116 
GLU CD  OE2  sing N N 117 
GLU OE2 HE2  sing N N 118 
GLU OXT HXT  sing N N 119 
GLY N   CA   sing N N 120 
GLY N   H    sing N N 121 
GLY N   H2   sing N N 122 
GLY CA  C    sing N N 123 
GLY CA  HA2  sing N N 124 
GLY CA  HA3  sing N N 125 
GLY C   O    doub N N 126 
GLY C   OXT  sing N N 127 
GLY OXT HXT  sing N N 128 
HIS N   CA   sing N N 129 
HIS N   H    sing N N 130 
HIS N   H2   sing N N 131 
HIS CA  C    sing N N 132 
HIS CA  CB   sing N N 133 
HIS CA  HA   sing N N 134 
HIS C   O    doub N N 135 
HIS C   OXT  sing N N 136 
HIS CB  CG   sing N N 137 
HIS CB  HB2  sing N N 138 
HIS CB  HB3  sing N N 139 
HIS CG  ND1  sing Y N 140 
HIS CG  CD2  doub Y N 141 
HIS ND1 CE1  doub Y N 142 
HIS ND1 HD1  sing N N 143 
HIS CD2 NE2  sing Y N 144 
HIS CD2 HD2  sing N N 145 
HIS CE1 NE2  sing Y N 146 
HIS CE1 HE1  sing N N 147 
HIS NE2 HE2  sing N N 148 
HIS OXT HXT  sing N N 149 
HOH O   H1   sing N N 150 
HOH O   H2   sing N N 151 
ILE N   CA   sing N N 152 
ILE N   H    sing N N 153 
ILE N   H2   sing N N 154 
ILE CA  C    sing N N 155 
ILE CA  CB   sing N N 156 
ILE CA  HA   sing N N 157 
ILE C   O    doub N N 158 
ILE C   OXT  sing N N 159 
ILE CB  CG1  sing N N 160 
ILE CB  CG2  sing N N 161 
ILE CB  HB   sing N N 162 
ILE CG1 CD1  sing N N 163 
ILE CG1 HG12 sing N N 164 
ILE CG1 HG13 sing N N 165 
ILE CG2 HG21 sing N N 166 
ILE CG2 HG22 sing N N 167 
ILE CG2 HG23 sing N N 168 
ILE CD1 HD11 sing N N 169 
ILE CD1 HD12 sing N N 170 
ILE CD1 HD13 sing N N 171 
ILE OXT HXT  sing N N 172 
LEU N   CA   sing N N 173 
LEU N   H    sing N N 174 
LEU N   H2   sing N N 175 
LEU CA  C    sing N N 176 
LEU CA  CB   sing N N 177 
LEU CA  HA   sing N N 178 
LEU C   O    doub N N 179 
LEU C   OXT  sing N N 180 
LEU CB  CG   sing N N 181 
LEU CB  HB2  sing N N 182 
LEU CB  HB3  sing N N 183 
LEU CG  CD1  sing N N 184 
LEU CG  CD2  sing N N 185 
LEU CG  HG   sing N N 186 
LEU CD1 HD11 sing N N 187 
LEU CD1 HD12 sing N N 188 
LEU CD1 HD13 sing N N 189 
LEU CD2 HD21 sing N N 190 
LEU CD2 HD22 sing N N 191 
LEU CD2 HD23 sing N N 192 
LEU OXT HXT  sing N N 193 
LYS N   CA   sing N N 194 
LYS N   H    sing N N 195 
LYS N   H2   sing N N 196 
LYS CA  C    sing N N 197 
LYS CA  CB   sing N N 198 
LYS CA  HA   sing N N 199 
LYS C   O    doub N N 200 
LYS C   OXT  sing N N 201 
LYS CB  CG   sing N N 202 
LYS CB  HB2  sing N N 203 
LYS CB  HB3  sing N N 204 
LYS CG  CD   sing N N 205 
LYS CG  HG2  sing N N 206 
LYS CG  HG3  sing N N 207 
LYS CD  CE   sing N N 208 
LYS CD  HD2  sing N N 209 
LYS CD  HD3  sing N N 210 
LYS CE  NZ   sing N N 211 
LYS CE  HE2  sing N N 212 
LYS CE  HE3  sing N N 213 
LYS NZ  HZ1  sing N N 214 
LYS NZ  HZ2  sing N N 215 
LYS NZ  HZ3  sing N N 216 
LYS OXT HXT  sing N N 217 
MET N   CA   sing N N 218 
MET N   H    sing N N 219 
MET N   H2   sing N N 220 
MET CA  C    sing N N 221 
MET CA  CB   sing N N 222 
MET CA  HA   sing N N 223 
MET C   O    doub N N 224 
MET C   OXT  sing N N 225 
MET CB  CG   sing N N 226 
MET CB  HB2  sing N N 227 
MET CB  HB3  sing N N 228 
MET CG  SD   sing N N 229 
MET CG  HG2  sing N N 230 
MET CG  HG3  sing N N 231 
MET SD  CE   sing N N 232 
MET CE  HE1  sing N N 233 
MET CE  HE2  sing N N 234 
MET CE  HE3  sing N N 235 
MET OXT HXT  sing N N 236 
MR3 CAA NAF  sing N N 237 
MR3 CAA HAA1 sing N N 238 
MR3 CAA HAA2 sing N N 239 
MR3 CAA HAA3 sing N N 240 
MR3 NAF CAD  sing Y N 241 
MR3 NAF CAE  sing Y N 242 
MR3 CAD CAB  doub Y N 243 
MR3 CAD HAD  sing N N 244 
MR3 CAB CAC  sing Y N 245 
MR3 CAB HAB  sing N N 246 
MR3 CAC CAE  doub Y N 247 
MR3 CAC HAC  sing N N 248 
MR3 CAE HAE  sing N N 249 
PHE N   CA   sing N N 250 
PHE N   H    sing N N 251 
PHE N   H2   sing N N 252 
PHE CA  C    sing N N 253 
PHE CA  CB   sing N N 254 
PHE CA  HA   sing N N 255 
PHE C   O    doub N N 256 
PHE C   OXT  sing N N 257 
PHE CB  CG   sing N N 258 
PHE CB  HB2  sing N N 259 
PHE CB  HB3  sing N N 260 
PHE CG  CD1  doub Y N 261 
PHE CG  CD2  sing Y N 262 
PHE CD1 CE1  sing Y N 263 
PHE CD1 HD1  sing N N 264 
PHE CD2 CE2  doub Y N 265 
PHE CD2 HD2  sing N N 266 
PHE CE1 CZ   doub Y N 267 
PHE CE1 HE1  sing N N 268 
PHE CE2 CZ   sing Y N 269 
PHE CE2 HE2  sing N N 270 
PHE CZ  HZ   sing N N 271 
PHE OXT HXT  sing N N 272 
PO4 P   O1   doub N N 273 
PO4 P   O2   sing N N 274 
PO4 P   O3   sing N N 275 
PO4 P   O4   sing N N 276 
PRO N   CA   sing N N 277 
PRO N   CD   sing N N 278 
PRO N   H    sing N N 279 
PRO CA  C    sing N N 280 
PRO CA  CB   sing N N 281 
PRO CA  HA   sing N N 282 
PRO C   O    doub N N 283 
PRO C   OXT  sing N N 284 
PRO CB  CG   sing N N 285 
PRO CB  HB2  sing N N 286 
PRO CB  HB3  sing N N 287 
PRO CG  CD   sing N N 288 
PRO CG  HG2  sing N N 289 
PRO CG  HG3  sing N N 290 
PRO CD  HD2  sing N N 291 
PRO CD  HD3  sing N N 292 
PRO OXT HXT  sing N N 293 
SER N   CA   sing N N 294 
SER N   H    sing N N 295 
SER N   H2   sing N N 296 
SER CA  C    sing N N 297 
SER CA  CB   sing N N 298 
SER CA  HA   sing N N 299 
SER C   O    doub N N 300 
SER C   OXT  sing N N 301 
SER CB  OG   sing N N 302 
SER CB  HB2  sing N N 303 
SER CB  HB3  sing N N 304 
SER OG  HG   sing N N 305 
SER OXT HXT  sing N N 306 
THR N   CA   sing N N 307 
THR N   H    sing N N 308 
THR N   H2   sing N N 309 
THR CA  C    sing N N 310 
THR CA  CB   sing N N 311 
THR CA  HA   sing N N 312 
THR C   O    doub N N 313 
THR C   OXT  sing N N 314 
THR CB  OG1  sing N N 315 
THR CB  CG2  sing N N 316 
THR CB  HB   sing N N 317 
THR OG1 HG1  sing N N 318 
THR CG2 HG21 sing N N 319 
THR CG2 HG22 sing N N 320 
THR CG2 HG23 sing N N 321 
THR OXT HXT  sing N N 322 
TRP N   CA   sing N N 323 
TRP N   H    sing N N 324 
TRP N   H2   sing N N 325 
TRP CA  C    sing N N 326 
TRP CA  CB   sing N N 327 
TRP CA  HA   sing N N 328 
TRP C   O    doub N N 329 
TRP C   OXT  sing N N 330 
TRP CB  CG   sing N N 331 
TRP CB  HB2  sing N N 332 
TRP CB  HB3  sing N N 333 
TRP CG  CD1  doub Y N 334 
TRP CG  CD2  sing Y N 335 
TRP CD1 NE1  sing Y N 336 
TRP CD1 HD1  sing N N 337 
TRP CD2 CE2  doub Y N 338 
TRP CD2 CE3  sing Y N 339 
TRP NE1 CE2  sing Y N 340 
TRP NE1 HE1  sing N N 341 
TRP CE2 CZ2  sing Y N 342 
TRP CE3 CZ3  doub Y N 343 
TRP CE3 HE3  sing N N 344 
TRP CZ2 CH2  doub Y N 345 
TRP CZ2 HZ2  sing N N 346 
TRP CZ3 CH2  sing Y N 347 
TRP CZ3 HZ3  sing N N 348 
TRP CH2 HH2  sing N N 349 
TRP OXT HXT  sing N N 350 
TYR N   CA   sing N N 351 
TYR N   H    sing N N 352 
TYR N   H2   sing N N 353 
TYR CA  C    sing N N 354 
TYR CA  CB   sing N N 355 
TYR CA  HA   sing N N 356 
TYR C   O    doub N N 357 
TYR C   OXT  sing N N 358 
TYR CB  CG   sing N N 359 
TYR CB  HB2  sing N N 360 
TYR CB  HB3  sing N N 361 
TYR CG  CD1  doub Y N 362 
TYR CG  CD2  sing Y N 363 
TYR CD1 CE1  sing Y N 364 
TYR CD1 HD1  sing N N 365 
TYR CD2 CE2  doub Y N 366 
TYR CD2 HD2  sing N N 367 
TYR CE1 CZ   doub Y N 368 
TYR CE1 HE1  sing N N 369 
TYR CE2 CZ   sing Y N 370 
TYR CE2 HE2  sing N N 371 
TYR CZ  OH   sing N N 372 
TYR OH  HH   sing N N 373 
TYR OXT HXT  sing N N 374 
VAL N   CA   sing N N 375 
VAL N   H    sing N N 376 
VAL N   H2   sing N N 377 
VAL CA  C    sing N N 378 
VAL CA  CB   sing N N 379 
VAL CA  HA   sing N N 380 
VAL C   O    doub N N 381 
VAL C   OXT  sing N N 382 
VAL CB  CG1  sing N N 383 
VAL CB  CG2  sing N N 384 
VAL CB  HB   sing N N 385 
VAL CG1 HG11 sing N N 386 
VAL CG1 HG12 sing N N 387 
VAL CG1 HG13 sing N N 388 
VAL CG2 HG21 sing N N 389 
VAL CG2 HG22 sing N N 390 
VAL CG2 HG23 sing N N 391 
VAL OXT HXT  sing N N 392 
# 
loop_
_pdbx_entity_nonpoly.entity_id 
_pdbx_entity_nonpoly.name 
_pdbx_entity_nonpoly.comp_id 
2 'PHOSPHATE ION'     PO4 
3 1-METHYL-1H-PYRROLE MR3 
4 water               HOH 
# 
_pdbx_initial_refinement_model.id               1 
_pdbx_initial_refinement_model.entity_id_list   ? 
_pdbx_initial_refinement_model.type             'experimental model' 
_pdbx_initial_refinement_model.source_name      PDB 
_pdbx_initial_refinement_model.accession_code   181L 
_pdbx_initial_refinement_model.details          ? 
# 
